data_8QOJ
#
_entry.id   8QOJ
#
_cell.length_a   1.00
_cell.length_b   1.00
_cell.length_c   1.00
_cell.angle_alpha   90.00
_cell.angle_beta   90.00
_cell.angle_gamma   90.00
#
_symmetry.space_group_name_H-M   'P 1'
#
loop_
_entity.id
_entity.type
_entity.pdbx_description
1 polymer 'Gap junction delta-2 protein'
2 non-polymer '(11R,12S)- Mefloquine'
3 water water
#
_entity_poly.entity_id   1
_entity_poly.type   'polypeptide(L)'
_entity_poly.pdbx_seq_one_letter_code
;MGEWTILERLLEAAVQQHSTMIGRILLTVVVIFRILIVAIVGETVYDDEQTMFVCNTLQPGCNQACYDRAFPISHIRYWV
FQIIMVCTPSLCFITYSVHQSAKQRERRYSTVFLALDRDPPESIGGPGGTGGGGSGGGKREDKKLQNAIVNGVLQNTENT
SKETEPDCLEVKELTPHPSGLRTASKSKLRRQEGISRFYIIQVVFRNALEIGFLVGQYFLYGFSVPGLYECNRYPCIKEV
ECYVSRPTEKTVFLVFMFAVSGICVVLNLAELNHLGWRKIKLAVRGAQAKRKSIYEIRNKDLPRVSVPNFGRTQSSDSAY
VAAALEVLFQ
;
_entity_poly.pdbx_strand_id   A,B,C,D,E,F,G,H,I,J,K,L
#
# COMPACT_ATOMS: atom_id res chain seq x y z
N SER A 19 -9.69 -67.37 -10.82
CA SER A 19 -8.44 -66.63 -10.92
C SER A 19 -8.29 -65.66 -9.75
N THR A 20 -8.38 -66.20 -8.53
CA THR A 20 -8.30 -65.36 -7.34
C THR A 20 -6.88 -64.87 -7.06
N MET A 21 -5.86 -65.62 -7.51
CA MET A 21 -4.49 -65.22 -7.18
C MET A 21 -4.12 -63.91 -7.86
N ILE A 22 -4.36 -63.82 -9.17
CA ILE A 22 -4.07 -62.57 -9.88
C ILE A 22 -4.88 -61.43 -9.31
N GLY A 23 -6.10 -61.73 -8.85
CA GLY A 23 -6.90 -60.70 -8.20
C GLY A 23 -6.20 -60.14 -6.97
N ARG A 24 -5.68 -61.02 -6.12
CA ARG A 24 -4.96 -60.56 -4.93
C ARG A 24 -3.72 -59.76 -5.31
N ILE A 25 -2.97 -60.24 -6.31
CA ILE A 25 -1.76 -59.52 -6.73
C ILE A 25 -2.13 -58.11 -7.18
N LEU A 26 -3.13 -58.00 -8.05
CA LEU A 26 -3.54 -56.70 -8.56
C LEU A 26 -4.06 -55.80 -7.46
N LEU A 27 -4.83 -56.36 -6.52
CA LEU A 27 -5.37 -55.55 -5.43
C LEU A 27 -4.25 -54.97 -4.58
N THR A 28 -3.26 -55.80 -4.23
CA THR A 28 -2.14 -55.30 -3.45
C THR A 28 -1.39 -54.21 -4.20
N VAL A 29 -1.13 -54.44 -5.48
CA VAL A 29 -0.39 -53.45 -6.27
C VAL A 29 -1.16 -52.14 -6.34
N VAL A 30 -2.47 -52.21 -6.56
CA VAL A 30 -3.27 -51.00 -6.67
C VAL A 30 -3.30 -50.25 -5.35
N VAL A 31 -3.42 -50.96 -4.23
CA VAL A 31 -3.43 -50.31 -2.93
C VAL A 31 -2.11 -49.56 -2.71
N ILE A 32 -0.99 -50.23 -3.00
CA ILE A 32 0.31 -49.59 -2.82
C ILE A 32 0.42 -48.38 -3.74
N PHE A 33 -0.07 -48.50 -4.97
CA PHE A 33 0.01 -47.39 -5.93
C PHE A 33 -0.76 -46.19 -5.42
N ARG A 34 -1.98 -46.40 -4.93
CA ARG A 34 -2.77 -45.29 -4.40
C ARG A 34 -2.08 -44.63 -3.23
N ILE A 35 -1.56 -45.45 -2.29
CA ILE A 35 -0.89 -44.89 -1.13
C ILE A 35 0.29 -44.03 -1.55
N LEU A 36 1.12 -44.55 -2.47
CA LEU A 36 2.30 -43.81 -2.89
C LEU A 36 1.93 -42.51 -3.57
N ILE A 37 0.97 -42.55 -4.50
CA ILE A 37 0.59 -41.34 -5.22
C ILE A 37 0.11 -40.27 -4.24
N VAL A 38 -0.81 -40.66 -3.35
CA VAL A 38 -1.35 -39.67 -2.41
C VAL A 38 -0.22 -39.12 -1.54
N ALA A 39 0.54 -40.01 -0.91
CA ALA A 39 1.58 -39.56 0.02
C ALA A 39 2.59 -38.65 -0.64
N ILE A 40 2.86 -38.85 -1.94
CA ILE A 40 3.91 -38.07 -2.58
C ILE A 40 3.40 -36.74 -3.11
N VAL A 41 2.22 -36.67 -3.72
CA VAL A 41 1.80 -35.46 -4.42
C VAL A 41 0.62 -34.74 -3.75
N GLY A 42 -0.24 -35.44 -3.02
CA GLY A 42 -1.47 -34.82 -2.57
C GLY A 42 -1.23 -33.59 -1.71
N GLU A 43 -0.32 -33.70 -0.74
CA GLU A 43 -0.07 -32.57 0.15
C GLU A 43 0.42 -31.36 -0.62
N THR A 44 1.32 -31.57 -1.59
CA THR A 44 1.84 -30.45 -2.36
C THR A 44 0.74 -29.81 -3.22
N VAL A 45 -0.16 -30.63 -3.77
CA VAL A 45 -1.18 -30.07 -4.66
C VAL A 45 -2.10 -29.13 -3.91
N TYR A 46 -2.41 -29.44 -2.64
CA TYR A 46 -3.38 -28.69 -1.85
C TYR A 46 -2.72 -27.75 -0.85
N ASP A 47 -1.46 -27.38 -1.06
CA ASP A 47 -0.76 -26.57 -0.07
C ASP A 47 -1.30 -25.15 -0.05
N ASP A 48 -1.51 -24.53 -1.21
CA ASP A 48 -1.95 -23.15 -1.29
C ASP A 48 -3.44 -23.01 -1.58
N GLU A 49 -4.25 -23.95 -1.08
CA GLU A 49 -5.67 -23.93 -1.37
C GLU A 49 -6.33 -22.67 -0.84
N GLN A 50 -5.96 -22.23 0.37
CA GLN A 50 -6.58 -21.05 0.96
C GLN A 50 -5.81 -19.77 0.68
N THR A 51 -4.48 -19.83 0.59
CA THR A 51 -3.71 -18.62 0.34
C THR A 51 -3.97 -18.05 -1.05
N MET A 52 -4.25 -18.91 -2.03
CA MET A 52 -4.53 -18.48 -3.39
C MET A 52 -6.02 -18.37 -3.68
N PHE A 53 -6.86 -18.54 -2.67
CA PHE A 53 -8.30 -18.36 -2.81
C PHE A 53 -8.63 -16.88 -2.57
N VAL A 54 -9.24 -16.24 -3.55
CA VAL A 54 -9.48 -14.80 -3.50
C VAL A 54 -10.91 -14.51 -3.95
N CYS A 55 -11.54 -13.56 -3.27
CA CYS A 55 -12.88 -13.11 -3.61
C CYS A 55 -12.84 -11.64 -3.98
N ASN A 56 -13.74 -11.24 -4.88
CA ASN A 56 -13.82 -9.86 -5.35
C ASN A 56 -14.66 -9.07 -4.34
N THR A 57 -13.99 -8.51 -3.32
CA THR A 57 -14.67 -7.80 -2.27
C THR A 57 -13.66 -7.05 -1.43
N LEU A 58 -14.16 -6.10 -0.66
CA LEU A 58 -13.36 -5.36 0.32
C LEU A 58 -13.73 -5.71 1.75
N GLN A 59 -14.66 -6.64 1.96
CA GLN A 59 -15.15 -6.95 3.29
C GLN A 59 -14.16 -7.84 4.02
N PRO A 60 -13.62 -7.42 5.17
CA PRO A 60 -12.77 -8.33 5.94
C PRO A 60 -13.54 -9.57 6.38
N GLY A 61 -12.90 -10.73 6.27
CA GLY A 61 -13.47 -11.99 6.68
C GLY A 61 -14.29 -12.68 5.61
N CYS A 62 -14.56 -12.04 4.48
CA CYS A 62 -15.34 -12.69 3.43
C CYS A 62 -14.57 -13.85 2.82
N ASN A 63 -13.26 -13.69 2.65
CA ASN A 63 -12.45 -14.76 2.07
C ASN A 63 -12.53 -16.03 2.93
N GLN A 64 -12.39 -15.87 4.25
CA GLN A 64 -12.40 -17.04 5.13
C GLN A 64 -13.74 -17.76 5.07
N ALA A 65 -14.84 -17.00 5.19
CA ALA A 65 -16.16 -17.61 5.18
C ALA A 65 -16.44 -18.30 3.85
N CYS A 66 -16.10 -17.65 2.75
CA CYS A 66 -16.40 -18.23 1.44
C CYS A 66 -15.55 -19.46 1.19
N TYR A 67 -14.28 -19.44 1.57
CA TYR A 67 -13.47 -20.64 1.42
C TYR A 67 -14.01 -21.78 2.27
N ASP A 68 -14.40 -21.49 3.51
CA ASP A 68 -14.92 -22.54 4.37
C ASP A 68 -16.20 -23.14 3.78
N ARG A 69 -17.06 -22.30 3.22
CA ARG A 69 -18.29 -22.81 2.62
C ARG A 69 -18.00 -23.62 1.36
N ALA A 70 -17.01 -23.20 0.56
CA ALA A 70 -16.74 -23.87 -0.70
C ALA A 70 -16.09 -25.24 -0.49
N PHE A 71 -15.18 -25.33 0.49
CA PHE A 71 -14.42 -26.56 0.74
C PHE A 71 -14.51 -26.89 2.22
N PRO A 72 -15.64 -27.45 2.67
CA PRO A 72 -15.76 -27.78 4.10
C PRO A 72 -14.68 -28.72 4.59
N ILE A 73 -14.33 -29.72 3.79
CA ILE A 73 -13.24 -30.64 4.10
C ILE A 73 -12.40 -30.80 2.84
N SER A 74 -11.08 -30.62 2.98
CA SER A 74 -10.18 -30.75 1.84
C SER A 74 -10.18 -32.19 1.33
N HIS A 75 -10.00 -32.34 0.02
CA HIS A 75 -9.96 -33.66 -0.57
C HIS A 75 -8.87 -34.52 0.04
N ILE A 76 -7.71 -33.92 0.31
CA ILE A 76 -6.55 -34.69 0.76
C ILE A 76 -6.85 -35.35 2.11
N ARG A 77 -7.48 -34.63 3.02
CA ARG A 77 -7.77 -35.19 4.33
C ARG A 77 -8.80 -36.30 4.24
N TYR A 78 -9.81 -36.12 3.39
CA TYR A 78 -10.79 -37.19 3.17
C TYR A 78 -10.10 -38.44 2.63
N TRP A 79 -9.17 -38.27 1.69
CA TRP A 79 -8.50 -39.43 1.10
C TRP A 79 -7.59 -40.11 2.11
N VAL A 80 -6.91 -39.33 2.96
CA VAL A 80 -6.07 -39.92 3.99
C VAL A 80 -6.92 -40.74 4.94
N PHE A 81 -8.04 -40.17 5.38
CA PHE A 81 -8.96 -40.90 6.25
C PHE A 81 -9.43 -42.18 5.59
N GLN A 82 -9.80 -42.11 4.31
CA GLN A 82 -10.27 -43.29 3.61
C GLN A 82 -9.18 -44.36 3.53
N ILE A 83 -7.94 -43.96 3.24
CA ILE A 83 -6.86 -44.94 3.11
C ILE A 83 -6.63 -45.65 4.43
N ILE A 84 -6.53 -44.88 5.52
CA ILE A 84 -6.28 -45.51 6.82
C ILE A 84 -7.44 -46.42 7.21
N MET A 85 -8.68 -45.96 7.01
CA MET A 85 -9.83 -46.76 7.38
C MET A 85 -9.89 -48.05 6.57
N VAL A 86 -9.59 -47.98 5.29
CA VAL A 86 -9.61 -49.18 4.45
C VAL A 86 -8.50 -50.14 4.87
N CYS A 87 -7.36 -49.62 5.30
CA CYS A 87 -6.29 -50.49 5.76
C CYS A 87 -6.59 -51.10 7.12
N THR A 88 -7.48 -50.49 7.91
CA THR A 88 -7.71 -50.95 9.28
C THR A 88 -8.05 -52.45 9.38
N PRO A 89 -8.98 -53.01 8.60
CA PRO A 89 -9.31 -54.43 8.79
C PRO A 89 -8.13 -55.37 8.64
N SER A 90 -7.21 -55.07 7.72
CA SER A 90 -6.01 -55.88 7.61
C SER A 90 -5.19 -55.80 8.89
N LEU A 91 -5.12 -54.61 9.50
CA LEU A 91 -4.44 -54.46 10.77
C LEU A 91 -5.11 -55.32 11.84
N CYS A 92 -6.45 -55.31 11.88
CA CYS A 92 -7.17 -56.15 12.83
C CYS A 92 -6.80 -57.62 12.65
N PHE A 93 -6.81 -58.08 11.40
CA PHE A 93 -6.50 -59.49 11.14
C PHE A 93 -5.06 -59.82 11.54
N ILE A 94 -4.11 -58.94 11.21
CA ILE A 94 -2.72 -59.21 11.53
C ILE A 94 -2.51 -59.24 13.04
N THR A 95 -3.12 -58.29 13.75
CA THR A 95 -2.95 -58.26 15.20
C THR A 95 -3.61 -59.47 15.85
N TYR A 96 -4.76 -59.91 15.33
CA TYR A 96 -5.38 -61.14 15.84
C TYR A 96 -4.47 -62.34 15.61
N SER A 97 -3.87 -62.42 14.43
CA SER A 97 -2.95 -63.53 14.15
C SER A 97 -1.76 -63.52 15.10
N VAL A 98 -1.22 -62.33 15.37
CA VAL A 98 -0.11 -62.22 16.32
C VAL A 98 -0.55 -62.66 17.70
N HIS A 99 -1.75 -62.25 18.11
CA HIS A 99 -2.25 -62.62 19.44
C HIS A 99 -2.42 -64.13 19.55
N GLN A 100 -2.90 -64.77 18.48
CA GLN A 100 -3.15 -66.21 18.52
C GLN A 100 -1.86 -66.98 18.82
N SER A 101 -0.77 -66.60 18.18
CA SER A 101 0.52 -67.27 18.37
C SER A 101 1.23 -66.62 19.54
N ALA A 102 1.45 -67.40 20.61
CA ALA A 102 2.12 -66.89 21.80
C ALA A 102 1.39 -65.68 22.38
N GLY A 194 -9.72 -71.64 12.81
CA GLY A 194 -9.86 -70.41 13.56
C GLY A 194 -9.64 -69.17 12.70
N ILE A 195 -8.40 -68.99 12.24
CA ILE A 195 -8.08 -67.84 11.42
C ILE A 195 -8.80 -67.88 10.08
N SER A 196 -9.19 -69.06 9.61
CA SER A 196 -9.90 -69.17 8.34
C SER A 196 -11.23 -68.45 8.38
N ARG A 197 -11.82 -68.28 9.56
CA ARG A 197 -13.09 -67.56 9.67
C ARG A 197 -12.87 -66.06 9.62
N PHE A 198 -11.87 -65.56 10.34
CA PHE A 198 -11.62 -64.12 10.39
C PHE A 198 -11.40 -63.54 9.00
N TYR A 199 -10.80 -64.32 8.09
CA TYR A 199 -10.47 -63.80 6.77
C TYR A 199 -11.72 -63.36 6.01
N ILE A 200 -12.79 -64.17 6.08
CA ILE A 200 -14.00 -63.82 5.35
C ILE A 200 -14.62 -62.54 5.88
N ILE A 201 -14.67 -62.41 7.21
CA ILE A 201 -15.23 -61.18 7.81
C ILE A 201 -14.38 -59.98 7.43
N GLN A 202 -13.05 -60.16 7.41
CA GLN A 202 -12.17 -59.07 7.01
C GLN A 202 -12.47 -58.64 5.57
N VAL A 203 -12.63 -59.61 4.67
CA VAL A 203 -12.92 -59.28 3.28
C VAL A 203 -14.25 -58.54 3.17
N VAL A 204 -15.26 -59.01 3.88
CA VAL A 204 -16.57 -58.37 3.81
C VAL A 204 -16.50 -56.94 4.31
N PHE A 205 -15.82 -56.71 5.44
CA PHE A 205 -15.72 -55.37 5.98
C PHE A 205 -14.94 -54.46 5.04
N ARG A 206 -13.88 -54.97 4.42
CA ARG A 206 -13.13 -54.18 3.46
C ARG A 206 -14.03 -53.78 2.29
N ASN A 207 -14.82 -54.72 1.77
CA ASN A 207 -15.75 -54.41 0.70
C ASN A 207 -16.70 -53.28 1.10
N ALA A 208 -17.31 -53.43 2.28
CA ALA A 208 -18.27 -52.43 2.73
C ALA A 208 -17.62 -51.06 2.87
N LEU A 209 -16.44 -51.00 3.48
CA LEU A 209 -15.77 -49.71 3.68
C LEU A 209 -15.42 -49.08 2.34
N GLU A 210 -14.90 -49.86 1.40
CA GLU A 210 -14.53 -49.29 0.10
C GLU A 210 -15.74 -48.72 -0.62
N ILE A 211 -16.84 -49.48 -0.64
CA ILE A 211 -18.05 -49.00 -1.31
C ILE A 211 -18.56 -47.74 -0.64
N GLY A 212 -18.59 -47.74 0.70
CA GLY A 212 -19.07 -46.57 1.41
C GLY A 212 -18.25 -45.33 1.12
N PHE A 213 -16.92 -45.48 1.10
CA PHE A 213 -16.07 -44.32 0.85
C PHE A 213 -16.22 -43.82 -0.59
N LEU A 214 -16.37 -44.74 -1.56
CA LEU A 214 -16.59 -44.31 -2.93
C LEU A 214 -17.88 -43.51 -3.05
N VAL A 215 -18.97 -44.02 -2.47
CA VAL A 215 -20.25 -43.31 -2.52
C VAL A 215 -20.13 -41.96 -1.82
N GLY A 216 -19.44 -41.94 -0.68
CA GLY A 216 -19.28 -40.69 0.04
C GLY A 216 -18.51 -39.66 -0.76
N GLN A 217 -17.45 -40.08 -1.45
CA GLN A 217 -16.72 -39.15 -2.30
C GLN A 217 -17.63 -38.60 -3.39
N TYR A 218 -18.40 -39.47 -4.04
CA TYR A 218 -19.28 -38.99 -5.10
C TYR A 218 -20.27 -37.96 -4.57
N PHE A 219 -20.88 -38.23 -3.41
CA PHE A 219 -21.90 -37.33 -2.89
C PHE A 219 -21.31 -36.07 -2.26
N LEU A 220 -20.04 -36.10 -1.84
CA LEU A 220 -19.45 -34.92 -1.23
C LEU A 220 -18.86 -33.96 -2.26
N TYR A 221 -18.16 -34.50 -3.27
CA TYR A 221 -17.38 -33.66 -4.16
C TYR A 221 -17.80 -33.71 -5.62
N GLY A 222 -18.59 -34.69 -6.03
CA GLY A 222 -18.92 -34.79 -7.43
C GLY A 222 -17.71 -35.20 -8.25
N PHE A 223 -17.68 -34.75 -9.50
CA PHE A 223 -16.63 -35.15 -10.44
C PHE A 223 -15.78 -33.99 -10.94
N SER A 224 -15.99 -32.77 -10.45
CA SER A 224 -15.23 -31.63 -10.95
C SER A 224 -15.14 -30.55 -9.88
N VAL A 225 -14.09 -29.75 -9.98
CA VAL A 225 -13.89 -28.57 -9.14
C VAL A 225 -14.03 -27.33 -10.02
N PRO A 226 -15.11 -26.57 -9.91
CA PRO A 226 -15.27 -25.39 -10.77
C PRO A 226 -14.28 -24.29 -10.42
N GLY A 227 -13.95 -23.48 -11.43
CA GLY A 227 -13.04 -22.37 -11.23
C GLY A 227 -13.64 -21.16 -10.54
N LEU A 228 -14.96 -21.03 -10.57
CA LEU A 228 -15.67 -19.92 -9.94
C LEU A 228 -16.57 -20.46 -8.84
N TYR A 229 -16.76 -19.65 -7.81
CA TYR A 229 -17.68 -19.99 -6.72
C TYR A 229 -18.53 -18.78 -6.38
N GLU A 230 -19.81 -19.01 -6.16
CA GLU A 230 -20.75 -17.97 -5.79
C GLU A 230 -21.06 -18.11 -4.31
N CYS A 231 -20.79 -17.05 -3.54
CA CYS A 231 -20.80 -17.12 -2.09
C CYS A 231 -21.70 -16.03 -1.52
N ASN A 232 -22.59 -16.40 -0.61
CA ASN A 232 -23.48 -15.43 0.03
C ASN A 232 -23.54 -15.66 1.53
N ARG A 233 -22.38 -15.89 2.14
CA ARG A 233 -22.29 -16.13 3.58
C ARG A 233 -21.82 -14.87 4.29
N TYR A 234 -22.41 -14.61 5.45
CA TYR A 234 -21.99 -13.47 6.26
C TYR A 234 -20.51 -13.61 6.58
N PRO A 235 -19.73 -12.52 6.56
CA PRO A 235 -20.10 -11.10 6.41
C PRO A 235 -20.16 -10.59 4.98
N CYS A 236 -20.07 -11.45 3.97
CA CYS A 236 -20.10 -10.97 2.59
C CYS A 236 -21.45 -10.32 2.30
N ILE A 237 -21.41 -9.18 1.62
CA ILE A 237 -22.61 -8.41 1.31
C ILE A 237 -23.29 -9.03 0.09
N LYS A 238 -24.55 -9.39 0.23
CA LYS A 238 -25.35 -9.98 -0.85
C LYS A 238 -24.59 -11.19 -1.37
N GLU A 239 -24.21 -11.24 -2.64
CA GLU A 239 -23.56 -12.39 -3.24
C GLU A 239 -22.29 -11.95 -3.95
N VAL A 240 -21.20 -12.69 -3.74
CA VAL A 240 -19.89 -12.35 -4.25
C VAL A 240 -19.33 -13.51 -5.04
N GLU A 241 -18.33 -13.22 -5.87
CA GLU A 241 -17.68 -14.19 -6.73
C GLU A 241 -16.27 -14.45 -6.21
N CYS A 242 -15.91 -15.72 -6.08
CA CYS A 242 -14.59 -16.12 -5.60
C CYS A 242 -13.95 -17.06 -6.62
N TYR A 243 -12.62 -17.09 -6.61
CA TYR A 243 -11.84 -17.78 -7.63
C TYR A 243 -10.94 -18.81 -6.99
N VAL A 244 -10.95 -20.02 -7.55
CA VAL A 244 -10.31 -21.18 -6.94
C VAL A 244 -8.90 -21.34 -7.52
N SER A 245 -8.04 -22.03 -6.76
CA SER A 245 -6.66 -22.27 -7.15
C SER A 245 -6.52 -23.68 -7.71
N ARG A 246 -5.88 -23.79 -8.87
CA ARG A 246 -5.62 -25.06 -9.54
C ARG A 246 -6.87 -25.93 -9.67
N PRO A 247 -7.97 -25.39 -10.22
CA PRO A 247 -9.17 -26.23 -10.37
C PRO A 247 -8.97 -27.45 -11.25
N THR A 248 -8.18 -27.33 -12.32
CA THR A 248 -8.04 -28.44 -13.26
C THR A 248 -7.25 -29.59 -12.67
N GLU A 249 -6.14 -29.29 -11.98
CA GLU A 249 -5.36 -30.33 -11.34
C GLU A 249 -6.19 -31.06 -10.29
N LYS A 250 -6.99 -30.32 -9.52
CA LYS A 250 -7.83 -30.94 -8.50
C LYS A 250 -8.91 -31.81 -9.13
N THR A 251 -9.48 -31.37 -10.25
CA THR A 251 -10.44 -32.20 -10.96
C THR A 251 -9.80 -33.50 -11.42
N VAL A 252 -8.59 -33.41 -11.99
CA VAL A 252 -7.89 -34.60 -12.44
C VAL A 252 -7.63 -35.55 -11.28
N PHE A 253 -7.18 -35.00 -10.15
CA PHE A 253 -6.94 -35.82 -8.96
C PHE A 253 -8.20 -36.50 -8.49
N LEU A 254 -9.32 -35.76 -8.47
CA LEU A 254 -10.59 -36.32 -8.05
C LEU A 254 -10.98 -37.51 -8.93
N VAL A 255 -10.90 -37.33 -10.25
CA VAL A 255 -11.30 -38.39 -11.17
C VAL A 255 -10.37 -39.59 -11.02
N PHE A 256 -9.07 -39.35 -10.89
CA PHE A 256 -8.12 -40.45 -10.75
C PHE A 256 -8.39 -41.25 -9.49
N MET A 257 -8.64 -40.57 -8.36
CA MET A 257 -8.93 -41.28 -7.13
C MET A 257 -10.23 -42.07 -7.25
N PHE A 258 -11.24 -41.50 -7.90
CA PHE A 258 -12.48 -42.25 -8.10
C PHE A 258 -12.22 -43.52 -8.92
N ALA A 259 -11.43 -43.41 -9.98
CA ALA A 259 -11.13 -44.59 -10.81
C ALA A 259 -10.39 -45.66 -10.01
N VAL A 260 -9.40 -45.25 -9.23
CA VAL A 260 -8.63 -46.23 -8.46
C VAL A 260 -9.53 -46.91 -7.43
N SER A 261 -10.38 -46.14 -6.76
CA SER A 261 -11.29 -46.73 -5.78
C SER A 261 -12.27 -47.69 -6.46
N GLY A 262 -12.73 -47.35 -7.66
CA GLY A 262 -13.60 -48.25 -8.39
C GLY A 262 -12.92 -49.56 -8.74
N ILE A 263 -11.66 -49.48 -9.17
CA ILE A 263 -10.91 -50.70 -9.46
C ILE A 263 -10.77 -51.55 -8.20
N CYS A 264 -10.47 -50.91 -7.07
CA CYS A 264 -10.36 -51.64 -5.81
C CYS A 264 -11.68 -52.32 -5.45
N VAL A 265 -12.79 -51.60 -5.63
CA VAL A 265 -14.10 -52.17 -5.33
C VAL A 265 -14.36 -53.39 -6.21
N VAL A 266 -14.05 -53.27 -7.51
CA VAL A 266 -14.30 -54.39 -8.41
C VAL A 266 -13.49 -55.60 -8.01
N LEU A 267 -12.20 -55.40 -7.69
CA LEU A 267 -11.36 -56.53 -7.29
C LEU A 267 -11.87 -57.16 -6.00
N ASN A 268 -12.26 -56.34 -5.03
CA ASN A 268 -12.78 -56.88 -3.78
C ASN A 268 -14.06 -57.68 -4.02
N LEU A 269 -14.95 -57.18 -4.87
CA LEU A 269 -16.17 -57.91 -5.18
C LEU A 269 -15.85 -59.23 -5.87
N ALA A 270 -14.87 -59.23 -6.77
CA ALA A 270 -14.49 -60.47 -7.45
C ALA A 270 -13.98 -61.49 -6.45
N GLU A 271 -13.12 -61.07 -5.51
CA GLU A 271 -12.61 -62.00 -4.51
C GLU A 271 -13.74 -62.52 -3.63
N LEU A 272 -14.65 -61.63 -3.22
CA LEU A 272 -15.75 -62.05 -2.36
C LEU A 272 -16.65 -63.05 -3.08
N ASN A 273 -16.92 -62.81 -4.37
CA ASN A 273 -17.72 -63.76 -5.14
C ASN A 273 -17.00 -65.09 -5.28
N HIS A 274 -15.67 -65.06 -5.48
CA HIS A 274 -14.91 -66.30 -5.54
C HIS A 274 -15.05 -67.09 -4.24
N LEU A 275 -15.06 -66.39 -3.11
CA LEU A 275 -15.32 -67.07 -1.84
C LEU A 275 -16.69 -67.73 -1.85
N GLY A 276 -17.69 -67.07 -2.41
CA GLY A 276 -19.00 -67.65 -2.57
C GLY A 276 -19.94 -67.33 -1.42
N TRP A 277 -21.23 -67.49 -1.69
CA TRP A 277 -22.24 -67.20 -0.68
C TRP A 277 -22.09 -68.09 0.54
N ARG A 278 -21.58 -69.31 0.36
CA ARG A 278 -21.45 -70.23 1.49
C ARG A 278 -20.59 -69.63 2.58
N LYS A 279 -19.50 -68.96 2.20
CA LYS A 279 -18.64 -68.32 3.20
C LYS A 279 -19.24 -67.02 3.72
N ILE A 280 -19.84 -66.22 2.84
CA ILE A 280 -20.42 -64.95 3.27
C ILE A 280 -21.48 -65.19 4.34
N LYS A 281 -22.41 -66.10 4.07
CA LYS A 281 -23.41 -66.45 5.07
C LYS A 281 -22.76 -67.08 6.30
N LEU A 282 -21.75 -67.92 6.08
CA LEU A 282 -20.99 -68.52 7.17
C LEU A 282 -21.91 -69.26 8.12
N SER B 19 -15.42 -62.22 26.03
CA SER B 19 -14.84 -61.53 24.88
C SER B 19 -13.75 -60.57 25.33
N THR B 20 -12.73 -61.10 26.00
CA THR B 20 -11.62 -60.29 26.50
C THR B 20 -10.46 -60.22 25.52
N MET B 21 -10.58 -60.80 24.32
CA MET B 21 -9.53 -60.73 23.31
C MET B 21 -9.86 -59.73 22.21
N ILE B 22 -11.05 -59.84 21.62
CA ILE B 22 -11.45 -58.88 20.60
C ILE B 22 -11.41 -57.47 21.17
N GLY B 23 -11.69 -57.31 22.46
CA GLY B 23 -11.56 -56.00 23.08
C GLY B 23 -10.15 -55.45 22.96
N ARG B 24 -9.15 -56.27 23.30
CA ARG B 24 -7.77 -55.82 23.19
C ARG B 24 -7.40 -55.52 21.74
N ILE B 25 -7.85 -56.39 20.82
CA ILE B 25 -7.54 -56.17 19.41
C ILE B 25 -8.08 -54.82 18.95
N LEU B 26 -9.36 -54.56 19.25
CA LEU B 26 -9.98 -53.31 18.85
C LEU B 26 -9.31 -52.12 19.52
N LEU B 27 -8.97 -52.24 20.80
CA LEU B 27 -8.33 -51.13 21.49
C LEU B 27 -7.00 -50.77 20.86
N THR B 28 -6.18 -51.77 20.56
CA THR B 28 -4.91 -51.50 19.91
C THR B 28 -5.13 -50.87 18.54
N VAL B 29 -6.08 -51.38 17.77
CA VAL B 29 -6.31 -50.86 16.43
C VAL B 29 -6.76 -49.41 16.49
N VAL B 30 -7.67 -49.08 17.41
CA VAL B 30 -8.17 -47.71 17.48
C VAL B 30 -7.08 -46.76 17.97
N VAL B 31 -6.25 -47.22 18.90
CA VAL B 31 -5.14 -46.37 19.36
C VAL B 31 -4.21 -46.04 18.19
N ILE B 32 -3.84 -47.06 17.41
CA ILE B 32 -2.97 -46.84 16.26
C ILE B 32 -3.65 -45.91 15.26
N PHE B 33 -4.96 -46.10 15.04
CA PHE B 33 -5.69 -45.28 14.09
C PHE B 33 -5.67 -43.81 14.51
N ARG B 34 -5.93 -43.55 15.78
CA ARG B 34 -5.92 -42.16 16.26
C ARG B 34 -4.53 -41.55 16.10
N ILE B 35 -3.49 -42.30 16.48
CA ILE B 35 -2.14 -41.77 16.35
C ILE B 35 -1.84 -41.42 14.90
N LEU B 36 -2.17 -42.32 13.98
CA LEU B 36 -1.86 -42.09 12.57
C LEU B 36 -2.61 -40.87 12.05
N ILE B 37 -3.91 -40.79 12.32
CA ILE B 37 -4.70 -39.68 11.80
C ILE B 37 -4.13 -38.36 12.31
N VAL B 38 -3.90 -38.26 13.62
CA VAL B 38 -3.39 -37.00 14.16
C VAL B 38 -2.04 -36.67 13.54
N ALA B 39 -1.10 -37.62 13.59
CA ALA B 39 0.24 -37.35 13.12
C ALA B 39 0.26 -36.94 11.65
N ILE B 40 -0.68 -37.45 10.85
CA ILE B 40 -0.62 -37.19 9.42
C ILE B 40 -1.33 -35.89 9.04
N VAL B 41 -2.47 -35.56 9.65
CA VAL B 41 -3.25 -34.43 9.16
C VAL B 41 -3.34 -33.27 10.15
N GLY B 42 -3.23 -33.51 11.45
CA GLY B 42 -3.52 -32.46 12.42
C GLY B 42 -2.64 -31.24 12.23
N GLU B 43 -1.33 -31.45 12.08
CA GLU B 43 -0.43 -30.32 11.93
C GLU B 43 -0.78 -29.48 10.72
N THR B 44 -1.15 -30.13 9.61
CA THR B 44 -1.49 -29.39 8.40
C THR B 44 -2.79 -28.61 8.57
N VAL B 45 -3.75 -29.18 9.31
CA VAL B 45 -5.03 -28.50 9.48
C VAL B 45 -4.84 -27.17 10.19
N TYR B 46 -4.01 -27.13 11.24
CA TYR B 46 -3.88 -25.97 12.10
C TYR B 46 -2.65 -25.14 11.76
N ASP B 47 -2.11 -25.28 10.55
CA ASP B 47 -0.89 -24.56 10.20
C ASP B 47 -1.12 -23.06 10.12
N ASP B 48 -2.21 -22.64 9.47
CA ASP B 48 -2.50 -21.23 9.24
C ASP B 48 -3.55 -20.69 10.20
N GLU B 49 -3.60 -21.21 11.43
CA GLU B 49 -4.64 -20.79 12.37
C GLU B 49 -4.53 -19.31 12.68
N GLN B 50 -3.32 -18.80 12.88
CA GLN B 50 -3.13 -17.40 13.22
C GLN B 50 -2.95 -16.51 11.99
N THR B 51 -2.29 -17.01 10.94
CA THR B 51 -2.05 -16.18 9.77
C THR B 51 -3.35 -15.78 9.08
N MET B 52 -4.33 -16.68 9.06
CA MET B 52 -5.60 -16.42 8.41
C MET B 52 -6.66 -15.92 9.38
N PHE B 53 -6.30 -15.65 10.64
CA PHE B 53 -7.21 -15.07 11.61
C PHE B 53 -7.16 -13.55 11.46
N VAL B 54 -8.31 -12.95 11.20
CA VAL B 54 -8.38 -11.52 10.88
C VAL B 54 -9.53 -10.89 11.67
N CYS B 55 -9.30 -9.67 12.15
CA CYS B 55 -10.30 -8.90 12.86
C CYS B 55 -10.58 -7.60 12.10
N ASN B 56 -11.82 -7.13 12.19
CA ASN B 56 -12.24 -5.91 11.52
C ASN B 56 -11.85 -4.72 12.40
N THR B 57 -10.63 -4.23 12.21
CA THR B 57 -10.11 -3.15 13.03
C THR B 57 -8.83 -2.62 12.42
N LEU B 58 -8.44 -1.42 12.84
CA LEU B 58 -7.18 -0.81 12.46
C LEU B 58 -6.19 -0.73 13.61
N GLN B 59 -6.53 -1.29 14.77
CA GLN B 59 -5.69 -1.15 15.95
C GLN B 59 -4.55 -2.16 15.91
N PRO B 60 -3.30 -1.73 15.92
CA PRO B 60 -2.19 -2.70 16.00
C PRO B 60 -2.27 -3.52 17.27
N GLY B 61 -2.03 -4.83 17.13
CA GLY B 61 -2.03 -5.73 18.27
C GLY B 61 -3.37 -6.33 18.60
N CYS B 62 -4.45 -5.86 17.98
CA CYS B 62 -5.77 -6.42 18.29
C CYS B 62 -5.88 -7.86 17.78
N ASN B 63 -5.30 -8.15 16.62
CA ASN B 63 -5.36 -9.51 16.08
C ASN B 63 -4.71 -10.50 17.03
N GLN B 64 -3.53 -10.17 17.55
CA GLN B 64 -2.81 -11.08 18.43
C GLN B 64 -3.60 -11.35 19.70
N ALA B 65 -4.08 -10.29 20.34
CA ALA B 65 -4.82 -10.45 21.60
C ALA B 65 -6.09 -11.25 21.38
N CYS B 66 -6.84 -10.93 20.31
CA CYS B 66 -8.09 -11.62 20.07
C CYS B 66 -7.87 -13.09 19.74
N TYR B 67 -6.84 -13.40 18.94
CA TYR B 67 -6.55 -14.80 18.67
C TYR B 67 -6.16 -15.53 19.95
N ASP B 68 -5.32 -14.92 20.77
CA ASP B 68 -4.90 -15.57 22.01
C ASP B 68 -6.10 -15.83 22.92
N ARG B 69 -7.03 -14.88 22.97
CA ARG B 69 -8.22 -15.07 23.81
C ARG B 69 -9.13 -16.15 23.24
N ALA B 70 -9.25 -16.23 21.91
CA ALA B 70 -10.18 -17.18 21.31
C ALA B 70 -9.67 -18.61 21.39
N PHE B 71 -8.36 -18.81 21.23
CA PHE B 71 -7.76 -20.14 21.20
C PHE B 71 -6.57 -20.16 22.15
N PRO B 72 -6.83 -20.22 23.46
CA PRO B 72 -5.71 -20.23 24.41
C PRO B 72 -4.71 -21.36 24.17
N ILE B 73 -5.21 -22.54 23.83
CA ILE B 73 -4.37 -23.69 23.50
C ILE B 73 -4.95 -24.33 22.25
N SER B 74 -4.11 -24.53 21.25
CA SER B 74 -4.57 -25.13 20.01
C SER B 74 -4.99 -26.58 20.24
N HIS B 75 -5.99 -27.03 19.47
CA HIS B 75 -6.49 -28.38 19.62
C HIS B 75 -5.37 -29.41 19.42
N ILE B 76 -4.49 -29.15 18.46
CA ILE B 76 -3.46 -30.13 18.11
C ILE B 76 -2.51 -30.35 19.28
N ARG B 77 -2.13 -29.28 19.96
CA ARG B 77 -1.24 -29.42 21.12
C ARG B 77 -1.90 -30.25 22.22
N TYR B 78 -3.17 -29.97 22.50
CA TYR B 78 -3.90 -30.72 23.50
C TYR B 78 -3.98 -32.20 23.13
N TRP B 79 -4.24 -32.50 21.86
CA TRP B 79 -4.37 -33.89 21.44
C TRP B 79 -3.03 -34.62 21.49
N VAL B 80 -1.95 -33.95 21.13
CA VAL B 80 -0.63 -34.57 21.23
C VAL B 80 -0.32 -34.89 22.69
N PHE B 81 -0.57 -33.92 23.57
CA PHE B 81 -0.36 -34.15 25.00
C PHE B 81 -1.19 -35.34 25.48
N GLN B 82 -2.45 -35.40 25.08
CA GLN B 82 -3.33 -36.49 25.50
C GLN B 82 -2.80 -37.83 25.01
N ILE B 83 -2.36 -37.90 23.75
CA ILE B 83 -1.88 -39.17 23.20
C ILE B 83 -0.66 -39.65 23.96
N ILE B 84 0.32 -38.77 24.17
CA ILE B 84 1.53 -39.18 24.88
C ILE B 84 1.19 -39.60 26.31
N MET B 85 0.35 -38.82 27.00
CA MET B 85 0.01 -39.14 28.37
C MET B 85 -0.71 -40.49 28.47
N VAL B 86 -1.62 -40.76 27.55
CA VAL B 86 -2.35 -42.02 27.57
C VAL B 86 -1.42 -43.18 27.26
N CYS B 87 -0.41 -42.96 26.41
CA CYS B 87 0.55 -44.02 26.14
C CYS B 87 1.52 -44.26 27.31
N THR B 88 1.69 -43.27 28.18
CA THR B 88 2.69 -43.37 29.23
C THR B 88 2.57 -44.62 30.09
N PRO B 89 1.40 -45.01 30.60
CA PRO B 89 1.35 -46.19 31.49
C PRO B 89 1.87 -47.47 30.83
N SER B 90 1.60 -47.65 29.54
CA SER B 90 2.16 -48.81 28.83
C SER B 90 3.68 -48.74 28.82
N LEU B 91 4.23 -47.54 28.64
CA LEU B 91 5.68 -47.37 28.71
C LEU B 91 6.20 -47.75 30.08
N CYS B 92 5.51 -47.32 31.13
CA CYS B 92 5.93 -47.69 32.49
C CYS B 92 5.94 -49.21 32.65
N PHE B 93 4.88 -49.87 32.20
CA PHE B 93 4.81 -51.33 32.33
C PHE B 93 5.92 -52.01 31.55
N ILE B 94 6.18 -51.56 30.32
CA ILE B 94 7.21 -52.18 29.49
C ILE B 94 8.58 -51.98 30.12
N THR B 95 8.86 -50.78 30.62
CA THR B 95 10.16 -50.52 31.23
C THR B 95 10.34 -51.33 32.51
N TYR B 96 9.26 -51.48 33.29
CA TYR B 96 9.34 -52.34 34.47
C TYR B 96 9.62 -53.78 34.08
N SER B 97 8.97 -54.27 33.03
CA SER B 97 9.21 -55.64 32.57
C SER B 97 10.67 -55.81 32.15
N VAL B 98 11.21 -54.82 31.42
CA VAL B 98 12.61 -54.89 31.01
C VAL B 98 13.52 -54.90 32.24
N HIS B 99 13.23 -54.06 33.23
CA HIS B 99 14.07 -53.98 34.42
C HIS B 99 14.04 -55.30 35.18
N GLN B 100 12.87 -55.94 35.28
CA GLN B 100 12.75 -57.17 36.05
C GLN B 100 13.67 -58.26 35.51
N SER B 101 13.72 -58.40 34.18
CA SER B 101 14.56 -59.40 33.54
C SER B 101 15.95 -58.83 33.30
N ALA B 102 16.95 -59.41 33.94
CA ALA B 102 18.33 -58.95 33.81
C ALA B 102 18.45 -57.49 34.24
N GLY B 194 4.18 -61.23 40.35
CA GLY B 194 4.68 -59.87 40.43
C GLY B 194 4.20 -59.00 39.27
N ILE B 195 4.46 -59.47 38.05
CA ILE B 195 4.06 -58.71 36.88
C ILE B 195 2.53 -58.66 36.75
N SER B 196 1.84 -59.68 37.25
CA SER B 196 0.38 -59.72 37.14
C SER B 196 -0.26 -58.53 37.84
N ARG B 197 0.26 -58.17 39.02
CA ARG B 197 -0.32 -57.06 39.77
C ARG B 197 -0.19 -55.75 39.01
N PHE B 198 0.96 -55.52 38.38
CA PHE B 198 1.19 -54.25 37.71
C PHE B 198 0.21 -54.03 36.56
N TYR B 199 -0.24 -55.11 35.92
CA TYR B 199 -1.13 -54.98 34.77
C TYR B 199 -2.44 -54.31 35.15
N ILE B 200 -3.02 -54.72 36.29
CA ILE B 200 -4.30 -54.15 36.72
C ILE B 200 -4.14 -52.66 37.02
N ILE B 201 -3.05 -52.29 37.70
CA ILE B 201 -2.81 -50.88 38.00
C ILE B 201 -2.65 -50.09 36.71
N GLN B 202 -1.93 -50.64 35.74
CA GLN B 202 -1.77 -49.97 34.46
C GLN B 202 -3.12 -49.75 33.79
N VAL B 203 -3.99 -50.78 33.81
CA VAL B 203 -5.30 -50.64 33.19
C VAL B 203 -6.11 -49.55 33.88
N VAL B 204 -6.08 -49.54 35.21
CA VAL B 204 -6.86 -48.55 35.96
C VAL B 204 -6.37 -47.14 35.64
N PHE B 205 -5.05 -46.94 35.62
CA PHE B 205 -4.52 -45.63 35.33
C PHE B 205 -4.84 -45.19 33.91
N ARG B 206 -4.78 -46.12 32.95
CA ARG B 206 -5.17 -45.79 31.59
C ARG B 206 -6.63 -45.34 31.53
N ASN B 207 -7.51 -46.07 32.23
CA ASN B 207 -8.91 -45.69 32.27
C ASN B 207 -9.07 -44.27 32.80
N ALA B 208 -8.45 -44.00 33.94
CA ALA B 208 -8.60 -42.69 34.57
C ALA B 208 -8.09 -41.58 33.66
N LEU B 209 -6.92 -41.77 33.06
CA LEU B 209 -6.36 -40.75 32.19
C LEU B 209 -7.26 -40.49 30.98
N GLU B 210 -7.75 -41.56 30.35
CA GLU B 210 -8.57 -41.37 29.17
C GLU B 210 -9.87 -40.64 29.50
N ILE B 211 -10.52 -41.02 30.61
CA ILE B 211 -11.74 -40.35 31.00
C ILE B 211 -11.48 -38.88 31.31
N GLY B 212 -10.39 -38.61 32.04
CA GLY B 212 -10.08 -37.23 32.38
C GLY B 212 -9.83 -36.39 31.15
N PHE B 213 -9.12 -36.94 30.15
CA PHE B 213 -8.84 -36.17 28.95
C PHE B 213 -10.10 -35.94 28.12
N LEU B 214 -11.00 -36.92 28.07
CA LEU B 214 -12.27 -36.72 27.38
C LEU B 214 -13.07 -35.58 28.02
N VAL B 215 -13.19 -35.63 29.35
CA VAL B 215 -13.93 -34.58 30.05
C VAL B 215 -13.26 -33.23 29.85
N GLY B 216 -11.93 -33.20 29.91
CA GLY B 216 -11.21 -31.96 29.70
C GLY B 216 -11.44 -31.38 28.32
N GLN B 217 -11.44 -32.22 27.29
CA GLN B 217 -11.73 -31.74 25.95
C GLN B 217 -13.13 -31.14 25.88
N TYR B 218 -14.10 -31.86 26.45
CA TYR B 218 -15.47 -31.34 26.40
C TYR B 218 -15.57 -29.97 27.06
N PHE B 219 -14.95 -29.81 28.23
CA PHE B 219 -15.07 -28.54 28.94
C PHE B 219 -14.24 -27.43 28.30
N LEU B 220 -13.11 -27.77 27.70
CA LEU B 220 -12.25 -26.75 27.10
C LEU B 220 -12.82 -26.23 25.78
N TYR B 221 -13.30 -27.13 24.92
CA TYR B 221 -13.60 -26.75 23.54
C TYR B 221 -15.05 -26.94 23.12
N GLY B 222 -15.85 -27.68 23.87
CA GLY B 222 -17.20 -27.92 23.42
C GLY B 222 -17.22 -28.86 22.22
N PHE B 223 -18.23 -28.68 21.37
CA PHE B 223 -18.43 -29.56 20.21
C PHE B 223 -18.38 -28.82 18.87
N SER B 224 -18.01 -27.54 18.85
CA SER B 224 -17.98 -26.83 17.59
C SER B 224 -17.03 -25.65 17.68
N VAL B 225 -16.55 -25.21 16.52
CA VAL B 225 -15.71 -24.04 16.37
C VAL B 225 -16.51 -23.00 15.58
N PRO B 226 -16.99 -21.93 16.21
CA PRO B 226 -17.79 -20.94 15.46
C PRO B 226 -16.94 -20.16 14.48
N GLY B 227 -17.58 -19.70 13.41
CA GLY B 227 -16.90 -18.92 12.39
C GLY B 227 -16.64 -17.48 12.77
N LEU B 228 -17.41 -16.94 13.71
CA LEU B 228 -17.24 -15.58 14.19
C LEU B 228 -16.83 -15.58 15.65
N TYR B 229 -16.08 -14.56 16.06
CA TYR B 229 -15.68 -14.40 17.44
C TYR B 229 -15.83 -12.94 17.84
N GLU B 230 -16.38 -12.71 19.03
CA GLU B 230 -16.55 -11.36 19.57
C GLU B 230 -15.48 -11.14 20.63
N CYS B 231 -14.66 -10.10 20.44
CA CYS B 231 -13.46 -9.91 21.23
C CYS B 231 -13.45 -8.51 21.82
N ASN B 232 -13.21 -8.40 23.12
CA ASN B 232 -13.17 -7.11 23.81
C ASN B 232 -11.96 -7.02 24.72
N ARG B 233 -10.81 -7.47 24.23
CA ARG B 233 -9.57 -7.45 24.99
C ARG B 233 -8.69 -6.29 24.53
N TYR B 234 -8.03 -5.65 25.50
CA TYR B 234 -7.10 -4.59 25.17
C TYR B 234 -6.03 -5.12 24.22
N PRO B 235 -5.58 -4.33 23.22
CA PRO B 235 -5.89 -2.93 22.93
C PRO B 235 -7.10 -2.70 22.05
N CYS B 236 -7.90 -3.72 21.76
CA CYS B 236 -9.06 -3.51 20.90
C CYS B 236 -10.04 -2.54 21.55
N ILE B 237 -10.55 -1.61 20.74
CA ILE B 237 -11.44 -0.57 21.25
C ILE B 237 -12.85 -1.15 21.36
N LYS B 238 -13.41 -1.09 22.57
CA LYS B 238 -14.77 -1.57 22.84
C LYS B 238 -14.81 -3.05 22.44
N GLU B 239 -15.64 -3.45 21.48
CA GLU B 239 -15.78 -4.84 21.10
C GLU B 239 -15.71 -4.95 19.59
N VAL B 240 -14.94 -5.94 19.11
CA VAL B 240 -14.67 -6.11 17.69
C VAL B 240 -15.06 -7.52 17.27
N GLU B 241 -15.18 -7.71 15.96
CA GLU B 241 -15.55 -8.99 15.37
C GLU B 241 -14.35 -9.57 14.63
N CYS B 242 -14.08 -10.85 14.87
CA CYS B 242 -12.96 -11.55 14.25
C CYS B 242 -13.47 -12.80 13.56
N TYR B 243 -12.73 -13.25 12.55
CA TYR B 243 -13.17 -14.32 11.67
C TYR B 243 -12.15 -15.45 11.68
N VAL B 244 -12.64 -16.68 11.83
CA VAL B 244 -11.79 -17.84 12.06
C VAL B 244 -11.50 -18.53 10.74
N SER B 245 -10.40 -19.29 10.71
CA SER B 245 -9.96 -19.99 9.52
C SER B 245 -10.46 -21.43 9.55
N ARG B 246 -11.06 -21.86 8.44
CA ARG B 246 -11.64 -23.20 8.27
C ARG B 246 -12.29 -23.73 9.55
N PRO B 247 -13.35 -23.07 10.04
CA PRO B 247 -14.02 -23.59 11.24
C PRO B 247 -14.70 -24.93 11.05
N THR B 248 -15.22 -25.23 9.85
CA THR B 248 -15.95 -26.48 9.65
C THR B 248 -15.03 -27.69 9.77
N GLU B 249 -13.85 -27.63 9.16
CA GLU B 249 -12.91 -28.74 9.27
C GLU B 249 -12.50 -28.97 10.71
N LYS B 250 -12.27 -27.89 11.46
CA LYS B 250 -11.89 -28.03 12.86
C LYS B 250 -13.03 -28.62 13.69
N THR B 251 -14.27 -28.24 13.39
CA THR B 251 -15.40 -28.84 14.08
C THR B 251 -15.47 -30.34 13.81
N VAL B 252 -15.28 -30.74 12.54
CA VAL B 252 -15.30 -32.15 12.19
C VAL B 252 -14.20 -32.89 12.93
N PHE B 253 -12.99 -32.31 12.96
CA PHE B 253 -11.87 -32.94 13.65
C PHE B 253 -12.17 -33.10 15.14
N LEU B 254 -12.75 -32.07 15.75
CA LEU B 254 -13.06 -32.12 17.18
C LEU B 254 -14.07 -33.23 17.48
N VAL B 255 -15.12 -33.32 16.68
CA VAL B 255 -16.12 -34.35 16.90
C VAL B 255 -15.53 -35.74 16.70
N PHE B 256 -14.70 -35.90 15.65
CA PHE B 256 -14.10 -37.20 15.39
C PHE B 256 -13.20 -37.63 16.53
N MET B 257 -12.39 -36.71 17.05
CA MET B 257 -11.51 -37.03 18.18
C MET B 257 -12.33 -37.40 19.41
N PHE B 258 -13.42 -36.67 19.67
CA PHE B 258 -14.28 -37.02 20.78
C PHE B 258 -14.84 -38.44 20.62
N ALA B 259 -15.29 -38.78 19.41
CA ALA B 259 -15.85 -40.11 19.20
C ALA B 259 -14.80 -41.20 19.41
N VAL B 260 -13.59 -40.99 18.89
CA VAL B 260 -12.53 -41.99 19.06
C VAL B 260 -12.19 -42.16 20.53
N SER B 261 -12.08 -41.05 21.26
CA SER B 261 -11.78 -41.14 22.68
C SER B 261 -12.89 -41.85 23.43
N GLY B 262 -14.14 -41.62 23.04
CA GLY B 262 -15.25 -42.33 23.68
C GLY B 262 -15.19 -43.82 23.44
N ILE B 263 -14.85 -44.22 22.21
CA ILE B 263 -14.70 -45.65 21.93
C ILE B 263 -13.59 -46.25 22.78
N CYS B 264 -12.47 -45.53 22.89
CA CYS B 264 -11.37 -46.01 23.74
C CYS B 264 -11.82 -46.16 25.18
N VAL B 265 -12.59 -45.19 25.69
CA VAL B 265 -13.09 -45.27 27.05
C VAL B 265 -13.97 -46.50 27.23
N VAL B 266 -14.86 -46.75 26.27
CA VAL B 266 -15.76 -47.89 26.39
C VAL B 266 -14.97 -49.19 26.40
N LEU B 267 -14.00 -49.33 25.50
CA LEU B 267 -13.21 -50.56 25.47
C LEU B 267 -12.41 -50.74 26.76
N ASN B 268 -11.82 -49.66 27.27
CA ASN B 268 -11.06 -49.75 28.51
C ASN B 268 -11.97 -50.17 29.67
N LEU B 269 -13.16 -49.59 29.74
CA LEU B 269 -14.11 -49.95 30.79
C LEU B 269 -14.51 -51.42 30.67
N ALA B 270 -14.73 -51.89 29.45
CA ALA B 270 -15.09 -53.29 29.27
C ALA B 270 -13.98 -54.21 29.76
N GLU B 271 -12.74 -53.89 29.40
CA GLU B 271 -11.62 -54.72 29.85
C GLU B 271 -11.50 -54.71 31.36
N LEU B 272 -11.60 -53.52 31.97
CA LEU B 272 -11.47 -53.41 33.43
C LEU B 272 -12.58 -54.16 34.14
N ASN B 273 -13.80 -54.08 33.61
CA ASN B 273 -14.91 -54.84 34.20
C ASN B 273 -14.67 -56.34 34.06
N HIS B 274 -14.14 -56.78 32.91
CA HIS B 274 -13.85 -58.19 32.74
C HIS B 274 -12.82 -58.66 33.77
N LEU B 275 -11.82 -57.83 34.06
CA LEU B 275 -10.85 -58.21 35.08
C LEU B 275 -11.53 -58.54 36.41
N GLY B 276 -12.55 -57.77 36.77
CA GLY B 276 -13.32 -58.05 37.96
C GLY B 276 -13.05 -57.04 39.06
N TRP B 277 -14.10 -56.69 39.81
CA TRP B 277 -13.95 -55.75 40.92
C TRP B 277 -13.05 -56.31 42.01
N ARG B 278 -13.19 -57.61 42.31
CA ARG B 278 -12.50 -58.16 43.46
C ARG B 278 -10.99 -58.12 43.28
N LYS B 279 -10.52 -58.49 42.08
CA LYS B 279 -9.08 -58.45 41.81
C LYS B 279 -8.54 -57.03 41.90
N ILE B 280 -9.31 -56.05 41.39
CA ILE B 280 -8.89 -54.66 41.49
C ILE B 280 -8.76 -54.25 42.95
N LYS B 281 -9.72 -54.65 43.78
CA LYS B 281 -9.69 -54.26 45.19
C LYS B 281 -8.42 -54.76 45.87
N LEU B 282 -8.02 -56.00 45.60
CA LEU B 282 -6.80 -56.54 46.17
C LEU B 282 -5.61 -56.17 45.30
N SER C 19 11.91 -48.46 48.20
CA SER C 19 11.23 -48.04 46.97
C SER C 19 12.16 -47.22 46.09
N THR C 20 13.15 -47.88 45.51
CA THR C 20 14.13 -47.24 44.63
C THR C 20 14.03 -47.67 43.18
N MET C 21 13.47 -48.86 42.90
CA MET C 21 13.34 -49.27 41.52
C MET C 21 12.24 -48.47 40.81
N ILE C 22 11.09 -48.31 41.48
CA ILE C 22 10.03 -47.51 40.90
C ILE C 22 10.51 -46.10 40.64
N GLY C 23 11.42 -45.60 41.48
CA GLY C 23 11.99 -44.29 41.22
C GLY C 23 12.69 -44.21 39.89
N ARG C 24 13.53 -45.21 39.59
CA ARG C 24 14.22 -45.23 38.30
C ARG C 24 13.24 -45.37 37.15
N ILE C 25 12.22 -46.23 37.32
CA ILE C 25 11.23 -46.40 36.26
C ILE C 25 10.55 -45.07 35.95
N LEU C 26 10.08 -44.39 37.00
CA LEU C 26 9.40 -43.12 36.81
C LEU C 26 10.32 -42.08 36.21
N LEU C 27 11.58 -42.04 36.65
CA LEU C 27 12.52 -41.05 36.12
C LEU C 27 12.72 -41.25 34.63
N THR C 28 12.93 -42.51 34.21
CA THR C 28 13.09 -42.78 32.79
C THR C 28 11.86 -42.37 32.00
N VAL C 29 10.67 -42.72 32.52
CA VAL C 29 9.44 -42.40 31.80
C VAL C 29 9.27 -40.89 31.68
N VAL C 30 9.55 -40.15 32.76
CA VAL C 30 9.40 -38.70 32.75
C VAL C 30 10.38 -38.07 31.76
N VAL C 31 11.61 -38.56 31.74
CA VAL C 31 12.61 -38.00 30.80
C VAL C 31 12.14 -38.22 29.37
N ILE C 32 11.67 -39.43 29.06
CA ILE C 32 11.19 -39.70 27.70
C ILE C 32 10.00 -38.82 27.37
N PHE C 33 9.09 -38.63 28.33
CA PHE C 33 7.92 -37.80 28.12
C PHE C 33 8.31 -36.38 27.78
N ARG C 34 9.24 -35.81 28.56
CA ARG C 34 9.69 -34.45 28.30
C ARG C 34 10.30 -34.33 26.91
N ILE C 35 11.17 -35.27 26.56
CA ILE C 35 11.83 -35.22 25.26
C ILE C 35 10.78 -35.26 24.14
N LEU C 36 9.83 -36.18 24.25
CA LEU C 36 8.83 -36.32 23.20
C LEU C 36 7.98 -35.06 23.06
N ILE C 37 7.50 -34.52 24.19
CA ILE C 37 6.65 -33.34 24.13
C ILE C 37 7.40 -32.19 23.47
N VAL C 38 8.62 -31.92 23.93
CA VAL C 38 9.38 -30.81 23.36
C VAL C 38 9.60 -31.03 21.88
N ALA C 39 10.16 -32.20 21.52
CA ALA C 39 10.51 -32.45 20.13
C ALA C 39 9.29 -32.34 19.21
N ILE C 40 8.11 -32.69 19.70
CA ILE C 40 6.94 -32.73 18.82
C ILE C 40 6.28 -31.37 18.70
N VAL C 41 6.13 -30.59 19.78
CA VAL C 41 5.31 -29.39 19.73
C VAL C 41 6.11 -28.10 19.89
N GLY C 42 7.26 -28.12 20.56
CA GLY C 42 7.91 -26.87 20.91
C GLY C 42 8.25 -26.02 19.70
N GLU C 43 8.84 -26.64 18.68
CA GLU C 43 9.24 -25.88 17.50
C GLU C 43 8.04 -25.22 16.83
N THR C 44 6.93 -25.95 16.72
CA THR C 44 5.74 -25.39 16.10
C THR C 44 5.19 -24.22 16.92
N VAL C 45 5.20 -24.35 18.25
CA VAL C 45 4.61 -23.30 19.09
C VAL C 45 5.35 -21.97 18.89
N TYR C 46 6.67 -22.02 18.73
CA TYR C 46 7.50 -20.82 18.68
C TYR C 46 7.90 -20.46 17.25
N ASP C 47 7.21 -20.99 16.25
CA ASP C 47 7.63 -20.74 14.86
C ASP C 47 7.46 -19.28 14.48
N ASP C 48 6.34 -18.67 14.84
CA ASP C 48 6.02 -17.30 14.44
C ASP C 48 6.24 -16.29 15.56
N GLU C 49 7.21 -16.53 16.43
CA GLU C 49 7.44 -15.65 17.56
C GLU C 49 7.77 -14.23 17.10
N GLN C 50 8.61 -14.09 16.08
CA GLN C 50 9.02 -12.78 15.61
C GLN C 50 8.15 -12.23 14.50
N THR C 51 7.59 -13.08 13.64
CA THR C 51 6.77 -12.60 12.54
C THR C 51 5.48 -11.98 13.03
N MET C 52 4.90 -12.52 14.10
CA MET C 52 3.66 -12.00 14.67
C MET C 52 3.89 -11.02 15.80
N PHE C 53 5.14 -10.67 16.08
CA PHE C 53 5.48 -9.65 17.07
C PHE C 53 5.40 -8.28 16.40
N VAL C 54 4.57 -7.40 16.93
CA VAL C 54 4.30 -6.10 16.31
C VAL C 54 4.32 -5.02 17.37
N CYS C 55 4.90 -3.87 17.02
CA CYS C 55 4.94 -2.71 17.89
C CYS C 55 4.18 -1.56 17.23
N ASN C 56 3.57 -0.72 18.06
CA ASN C 56 2.79 0.42 17.58
C ASN C 56 3.74 1.57 17.31
N THR C 57 4.28 1.62 16.09
CA THR C 57 5.25 2.64 15.74
C THR C 57 5.44 2.63 14.23
N LEU C 58 6.03 3.71 13.72
CA LEU C 58 6.42 3.82 12.33
C LEU C 58 7.94 3.79 12.13
N GLN C 59 8.70 3.60 13.21
CA GLN C 59 10.15 3.67 13.12
C GLN C 59 10.71 2.37 12.57
N PRO C 60 11.43 2.39 11.45
CA PRO C 60 12.09 1.16 10.98
C PRO C 60 13.08 0.65 12.01
N GLY C 61 13.10 -0.67 12.20
CA GLY C 61 14.02 -1.31 13.11
C GLY C 61 13.57 -1.38 14.54
N CYS C 62 12.47 -0.71 14.90
CA CYS C 62 11.98 -0.77 16.27
C CYS C 62 11.47 -2.16 16.62
N ASN C 63 10.82 -2.83 15.66
CA ASN C 63 10.32 -4.19 15.91
C ASN C 63 11.46 -5.13 16.26
N GLN C 64 12.55 -5.09 15.50
CA GLN C 64 13.66 -6.01 15.74
C GLN C 64 14.28 -5.78 17.11
N ALA C 65 14.58 -4.51 17.43
CA ALA C 65 15.20 -4.21 18.71
C ALA C 65 14.29 -4.59 19.87
N CYS C 66 13.00 -4.28 19.77
CA CYS C 66 12.09 -4.56 20.86
C CYS C 66 11.92 -6.06 21.05
N TYR C 67 11.81 -6.83 19.97
CA TYR C 67 11.72 -8.27 20.10
C TYR C 67 12.99 -8.83 20.72
N ASP C 68 14.15 -8.36 20.29
CA ASP C 68 15.40 -8.87 20.84
C ASP C 68 15.50 -8.57 22.33
N ARG C 69 15.03 -7.39 22.75
CA ARG C 69 15.07 -7.07 24.17
C ARG C 69 14.07 -7.91 24.96
N ALA C 70 12.90 -8.16 24.39
CA ALA C 70 11.86 -8.89 25.13
C ALA C 70 12.21 -10.37 25.29
N PHE C 71 12.81 -10.97 24.27
CA PHE C 71 13.10 -12.40 24.26
C PHE C 71 14.56 -12.60 23.84
N PRO C 72 15.50 -12.36 24.75
CA PRO C 72 16.92 -12.53 24.38
C PRO C 72 17.24 -13.93 23.89
N ILE C 73 16.68 -14.95 24.53
CA ILE C 73 16.84 -16.33 24.12
C ILE C 73 15.46 -16.98 24.16
N SER C 74 15.07 -17.63 23.06
CA SER C 74 13.78 -18.28 23.01
C SER C 74 13.71 -19.44 24.00
N HIS C 75 12.51 -19.70 24.52
CA HIS C 75 12.33 -20.79 25.48
C HIS C 75 12.76 -22.12 24.88
N ILE C 76 12.42 -22.34 23.60
CA ILE C 76 12.64 -23.65 22.99
C ILE C 76 14.14 -23.98 22.97
N ARG C 77 14.97 -23.00 22.65
CA ARG C 77 16.41 -23.27 22.57
C ARG C 77 17.00 -23.51 23.95
N TYR C 78 16.55 -22.76 24.95
CA TYR C 78 16.96 -23.03 26.32
C TYR C 78 16.59 -24.45 26.73
N TRP C 79 15.39 -24.90 26.39
CA TRP C 79 14.95 -26.23 26.79
C TRP C 79 15.72 -27.32 26.05
N VAL C 80 16.04 -27.09 24.76
CA VAL C 80 16.84 -28.06 24.02
C VAL C 80 18.22 -28.18 24.63
N PHE C 81 18.84 -27.03 24.95
CA PHE C 81 20.13 -27.06 25.60
C PHE C 81 20.06 -27.81 26.93
N GLN C 82 19.02 -27.54 27.72
CA GLN C 82 18.88 -28.21 29.00
C GLN C 82 18.75 -29.72 28.83
N ILE C 83 17.94 -30.15 27.85
CA ILE C 83 17.73 -31.59 27.66
C ILE C 83 19.03 -32.28 27.28
N ILE C 84 19.75 -31.72 26.30
CA ILE C 84 21.00 -32.35 25.90
C ILE C 84 22.01 -32.36 27.04
N MET C 85 22.13 -31.25 27.77
CA MET C 85 23.09 -31.18 28.86
C MET C 85 22.75 -32.19 29.95
N VAL C 86 21.46 -32.34 30.27
CA VAL C 86 21.07 -33.28 31.30
C VAL C 86 21.31 -34.71 30.85
N CYS C 87 21.17 -34.98 29.55
CA CYS C 87 21.46 -36.32 29.05
C CYS C 87 22.95 -36.61 28.97
N THR C 88 23.80 -35.57 28.94
CA THR C 88 25.23 -35.78 28.75
C THR C 88 25.86 -36.75 29.74
N PRO C 89 25.65 -36.64 31.05
CA PRO C 89 26.33 -37.57 31.98
C PRO C 89 26.04 -39.04 31.71
N SER C 90 24.81 -39.37 31.32
CA SER C 90 24.52 -40.75 30.95
C SER C 90 25.33 -41.17 29.73
N LEU C 91 25.52 -40.26 28.78
CA LEU C 91 26.37 -40.54 27.63
C LEU C 91 27.81 -40.80 28.08
N CYS C 92 28.31 -39.99 29.01
CA CYS C 92 29.66 -40.22 29.55
C CYS C 92 29.76 -41.62 30.14
N PHE C 93 28.78 -41.99 30.97
CA PHE C 93 28.82 -43.30 31.61
C PHE C 93 28.77 -44.43 30.59
N ILE C 94 27.89 -44.32 29.60
CA ILE C 94 27.75 -45.37 28.60
C ILE C 94 29.02 -45.50 27.79
N THR C 95 29.62 -44.38 27.39
CA THR C 95 30.83 -44.43 26.59
C THR C 95 32.00 -44.99 27.39
N TYR C 96 32.07 -44.65 28.69
CA TYR C 96 33.10 -45.25 29.54
C TYR C 96 32.89 -46.76 29.64
N SER C 97 31.65 -47.20 29.80
CA SER C 97 31.39 -48.64 29.89
C SER C 97 31.81 -49.34 28.60
N VAL C 98 31.51 -48.72 27.45
CA VAL C 98 31.91 -49.31 26.18
C VAL C 98 33.44 -49.37 26.09
N HIS C 99 34.12 -48.31 26.52
CA HIS C 99 35.58 -48.29 26.46
C HIS C 99 36.18 -49.38 27.35
N GLN C 100 35.62 -49.59 28.53
CA GLN C 100 36.18 -50.57 29.46
C GLN C 100 36.21 -51.96 28.85
N SER C 101 35.12 -52.35 28.20
CA SER C 101 35.02 -53.67 27.57
C SER C 101 35.60 -53.58 26.16
N ALA C 102 36.66 -54.35 25.91
CA ALA C 102 37.33 -54.34 24.61
C ALA C 102 37.77 -52.93 24.24
N GLY C 194 34.78 -50.97 39.78
CA GLY C 194 35.17 -49.97 38.80
C GLY C 194 34.01 -49.12 38.33
N ILE C 195 33.08 -49.75 37.60
CA ILE C 195 31.92 -49.01 37.10
C ILE C 195 31.03 -48.56 38.24
N SER C 196 31.03 -49.29 39.36
CA SER C 196 30.22 -48.88 40.50
C SER C 196 30.58 -47.48 40.97
N ARG C 197 31.85 -47.10 40.86
CA ARG C 197 32.25 -45.74 41.22
C ARG C 197 31.57 -44.71 40.33
N PHE C 198 31.64 -44.91 39.01
CA PHE C 198 31.19 -43.89 38.08
C PHE C 198 29.70 -43.60 38.23
N TYR C 199 28.92 -44.58 38.66
CA TYR C 199 27.48 -44.40 38.78
C TYR C 199 27.13 -43.28 39.76
N ILE C 200 27.80 -43.25 40.92
CA ILE C 200 27.48 -42.25 41.92
C ILE C 200 27.82 -40.85 41.42
N ILE C 201 28.98 -40.70 40.79
CA ILE C 201 29.37 -39.40 40.26
C ILE C 201 28.39 -38.96 39.17
N GLN C 202 27.97 -39.91 38.33
CA GLN C 202 26.99 -39.58 37.30
C GLN C 202 25.69 -39.08 37.92
N VAL C 203 25.22 -39.75 38.96
CA VAL C 203 23.99 -39.34 39.62
C VAL C 203 24.14 -37.95 40.21
N VAL C 204 25.27 -37.69 40.87
CA VAL C 204 25.48 -36.39 41.50
C VAL C 204 25.51 -35.29 40.46
N PHE C 205 26.21 -35.52 39.35
CA PHE C 205 26.29 -34.50 38.31
C PHE C 205 24.93 -34.26 37.67
N ARG C 206 24.14 -35.32 37.47
CA ARG C 206 22.79 -35.15 36.94
C ARG C 206 21.95 -34.31 37.88
N ASN C 207 22.03 -34.59 39.19
CA ASN C 207 21.30 -33.79 40.17
C ASN C 207 21.69 -32.31 40.06
N ALA C 208 22.99 -32.04 40.05
CA ALA C 208 23.45 -30.66 40.00
C ALA C 208 22.97 -29.96 38.74
N LEU C 209 23.08 -30.63 37.59
CA LEU C 209 22.65 -30.01 36.34
C LEU C 209 21.16 -29.73 36.34
N GLU C 210 20.35 -30.67 36.81
CA GLU C 210 18.91 -30.46 36.82
C GLU C 210 18.53 -29.28 37.71
N ILE C 211 19.12 -29.22 38.92
CA ILE C 211 18.80 -28.12 39.82
C ILE C 211 19.23 -26.79 39.22
N GLY C 212 20.43 -26.74 38.65
CA GLY C 212 20.92 -25.51 38.06
C GLY C 212 20.03 -25.03 36.93
N PHE C 213 19.58 -25.96 36.08
CA PHE C 213 18.74 -25.56 34.95
C PHE C 213 17.37 -25.10 35.41
N LEU C 214 16.81 -25.74 36.44
CA LEU C 214 15.52 -25.28 36.97
C LEU C 214 15.64 -23.87 37.52
N VAL C 215 16.68 -23.62 38.33
CA VAL C 215 16.87 -22.28 38.88
C VAL C 215 17.10 -21.27 37.77
N GLY C 216 17.87 -21.65 36.75
CA GLY C 216 18.11 -20.75 35.64
C GLY C 216 16.84 -20.39 34.90
N GLN C 217 15.98 -21.37 34.67
CA GLN C 217 14.70 -21.08 34.02
C GLN C 217 13.89 -20.11 34.85
N TYR C 218 13.82 -20.35 36.17
CA TYR C 218 13.04 -19.45 37.02
C TYR C 218 13.58 -18.03 36.93
N PHE C 219 14.90 -17.86 37.01
CA PHE C 219 15.47 -16.52 37.03
C PHE C 219 15.49 -15.86 35.66
N LEU C 220 15.41 -16.63 34.58
CA LEU C 220 15.44 -16.06 33.23
C LEU C 220 14.05 -15.68 32.74
N TYR C 221 13.04 -16.51 33.00
CA TYR C 221 11.73 -16.33 32.38
C TYR C 221 10.59 -16.13 33.37
N GLY C 222 10.77 -16.47 34.64
CA GLY C 222 9.65 -16.36 35.55
C GLY C 222 8.61 -17.43 35.27
N PHE C 223 7.35 -17.10 35.57
CA PHE C 223 6.26 -18.05 35.45
C PHE C 223 5.19 -17.65 34.44
N SER C 224 5.35 -16.54 33.73
CA SER C 224 4.33 -16.11 32.79
C SER C 224 4.95 -15.30 31.67
N VAL C 225 4.27 -15.27 30.54
CA VAL C 225 4.64 -14.48 29.37
C VAL C 225 3.56 -13.41 29.19
N PRO C 226 3.84 -12.14 29.51
CA PRO C 226 2.79 -11.12 29.39
C PRO C 226 2.44 -10.83 27.93
N GLY C 227 1.20 -10.39 27.72
CA GLY C 227 0.74 -10.07 26.39
C GLY C 227 1.24 -8.74 25.86
N LEU C 228 1.61 -7.83 26.74
CA LEU C 228 2.14 -6.52 26.36
C LEU C 228 3.57 -6.38 26.81
N TYR C 229 4.34 -5.59 26.07
CA TYR C 229 5.73 -5.30 26.42
C TYR C 229 6.00 -3.83 26.22
N GLU C 230 6.67 -3.21 27.19
CA GLU C 230 7.07 -1.81 27.12
C GLU C 230 8.54 -1.74 26.73
N CYS C 231 8.83 -1.05 25.63
CA CYS C 231 10.15 -1.08 25.02
C CYS C 231 10.66 0.34 24.83
N ASN C 232 11.90 0.60 25.26
CA ASN C 232 12.51 1.92 25.11
C ASN C 232 13.94 1.79 24.61
N ARG C 233 14.15 0.92 23.63
CA ARG C 233 15.47 0.69 23.05
C ARG C 233 15.58 1.43 21.72
N TYR C 234 16.76 2.00 21.48
CA TYR C 234 17.02 2.65 20.19
C TYR C 234 16.81 1.64 19.07
N PRO C 235 16.22 2.04 17.93
CA PRO C 235 15.83 3.40 17.51
C PRO C 235 14.44 3.82 17.92
N CYS C 236 13.74 3.06 18.76
CA CYS C 236 12.39 3.46 19.14
C CYS C 236 12.40 4.78 19.89
N ILE C 237 11.44 5.64 19.56
CA ILE C 237 11.37 6.98 20.14
C ILE C 237 10.69 6.89 21.50
N LYS C 238 11.40 7.34 22.54
CA LYS C 238 10.87 7.35 23.91
C LYS C 238 10.44 5.93 24.25
N GLU C 239 9.18 5.69 24.60
CA GLU C 239 8.70 4.37 25.00
C GLU C 239 7.55 3.95 24.10
N VAL C 240 7.58 2.70 23.66
CA VAL C 240 6.58 2.15 22.76
C VAL C 240 6.01 0.87 23.35
N GLU C 241 4.85 0.49 22.85
CA GLU C 241 4.12 -0.69 23.29
C GLU C 241 4.14 -1.74 22.20
N CYS C 242 4.47 -2.98 22.58
CA CYS C 242 4.55 -4.09 21.63
C CYS C 242 3.69 -5.24 22.12
N TYR C 243 3.24 -6.06 21.19
CA TYR C 243 2.25 -7.10 21.45
C TYR C 243 2.81 -8.46 21.07
N VAL C 244 2.64 -9.43 21.96
CA VAL C 244 3.31 -10.72 21.85
C VAL C 244 2.36 -11.72 21.19
N SER C 245 2.94 -12.77 20.61
CA SER C 245 2.19 -13.80 19.91
C SER C 245 1.91 -14.97 20.85
N ARG C 246 0.65 -15.40 20.89
CA ARG C 246 0.15 -16.48 21.72
C ARG C 246 0.83 -16.51 23.10
N PRO C 247 0.67 -15.48 23.91
CA PRO C 247 1.26 -15.50 25.26
C PRO C 247 0.73 -16.60 26.16
N THR C 248 -0.55 -16.97 26.04
CA THR C 248 -1.13 -17.95 26.96
C THR C 248 -0.54 -19.33 26.75
N GLU C 249 -0.40 -19.75 25.49
CA GLU C 249 0.18 -21.06 25.21
C GLU C 249 1.61 -21.12 25.72
N LYS C 250 2.37 -20.05 25.55
CA LYS C 250 3.74 -20.03 26.02
C LYS C 250 3.81 -20.06 27.53
N THR C 251 2.88 -19.38 28.21
CA THR C 251 2.82 -19.47 29.67
C THR C 251 2.54 -20.90 30.12
N VAL C 252 1.59 -21.57 29.46
CA VAL C 252 1.27 -22.94 29.81
C VAL C 252 2.48 -23.84 29.60
N PHE C 253 3.18 -23.66 28.48
CA PHE C 253 4.38 -24.45 28.21
C PHE C 253 5.44 -24.22 29.28
N LEU C 254 5.65 -22.95 29.67
CA LEU C 254 6.62 -22.63 30.70
C LEU C 254 6.30 -23.34 32.00
N VAL C 255 5.04 -23.25 32.44
CA VAL C 255 4.66 -23.87 33.70
C VAL C 255 4.80 -25.39 33.62
N PHE C 256 4.40 -25.99 32.50
CA PHE C 256 4.49 -27.44 32.36
C PHE C 256 5.95 -27.90 32.42
N MET C 257 6.84 -27.20 31.71
CA MET C 257 8.25 -27.57 31.74
C MET C 257 8.82 -27.42 33.14
N PHE C 258 8.43 -26.36 33.86
CA PHE C 258 8.90 -26.20 35.23
C PHE C 258 8.44 -27.37 36.10
N ALA C 259 7.18 -27.79 35.95
CA ALA C 259 6.67 -28.89 36.75
C ALA C 259 7.42 -30.19 36.43
N VAL C 260 7.66 -30.46 35.16
CA VAL C 260 8.36 -31.69 34.78
C VAL C 260 9.77 -31.68 35.33
N SER C 261 10.46 -30.55 35.23
CA SER C 261 11.82 -30.45 35.76
C SER C 261 11.82 -30.64 37.27
N GLY C 262 10.81 -30.10 37.96
CA GLY C 262 10.72 -30.30 39.40
C GLY C 262 10.53 -31.75 39.77
N ILE C 263 9.69 -32.46 39.01
CA ILE C 263 9.51 -33.89 39.26
C ILE C 263 10.83 -34.64 39.05
N CYS C 264 11.55 -34.30 37.98
CA CYS C 264 12.84 -34.92 37.75
C CYS C 264 13.80 -34.67 38.89
N VAL C 265 13.83 -33.43 39.39
CA VAL C 265 14.72 -33.08 40.49
C VAL C 265 14.37 -33.90 41.73
N VAL C 266 13.07 -34.03 42.03
CA VAL C 266 12.65 -34.77 43.21
C VAL C 266 13.07 -36.23 43.09
N LEU C 267 12.84 -36.84 41.92
CA LEU C 267 13.22 -38.23 41.75
C LEU C 267 14.73 -38.42 41.88
N ASN C 268 15.50 -37.51 41.27
CA ASN C 268 16.96 -37.61 41.37
C ASN C 268 17.41 -37.48 42.82
N LEU C 269 16.83 -36.55 43.57
CA LEU C 269 17.19 -36.40 44.97
C LEU C 269 16.83 -37.65 45.77
N ALA C 270 15.69 -38.25 45.48
CA ALA C 270 15.30 -39.47 46.17
C ALA C 270 16.31 -40.59 45.91
N GLU C 271 16.72 -40.76 44.66
CA GLU C 271 17.69 -41.80 44.35
C GLU C 271 19.02 -41.52 45.02
N LEU C 272 19.47 -40.27 44.99
CA LEU C 272 20.75 -39.92 45.59
C LEU C 272 20.72 -40.17 47.10
N ASN C 273 19.61 -39.81 47.75
CA ASN C 273 19.48 -40.08 49.18
C ASN C 273 19.47 -41.58 49.45
N HIS C 274 18.82 -42.36 48.58
CA HIS C 274 18.85 -43.80 48.73
C HIS C 274 20.27 -44.33 48.68
N LEU C 275 21.11 -43.73 47.83
CA LEU C 275 22.51 -44.14 47.77
C LEU C 275 23.19 -43.92 49.12
N GLY C 276 22.97 -42.77 49.73
CA GLY C 276 23.50 -42.48 51.05
C GLY C 276 24.67 -41.51 51.00
N TRP C 277 24.86 -40.79 52.11
CA TRP C 277 25.95 -39.84 52.21
C TRP C 277 27.30 -40.57 52.14
N ARG C 278 27.41 -41.70 52.83
CA ARG C 278 28.60 -42.55 52.75
C ARG C 278 28.83 -43.07 51.34
N LYS C 279 27.81 -43.10 50.49
CA LYS C 279 28.04 -43.30 49.07
C LYS C 279 28.60 -42.05 48.40
N ILE C 280 28.11 -40.86 48.80
CA ILE C 280 28.68 -39.64 48.25
C ILE C 280 30.17 -39.59 48.54
N LYS C 281 30.56 -40.01 49.74
CA LYS C 281 31.98 -40.14 50.05
C LYS C 281 32.60 -41.23 49.19
N LEU C 282 33.82 -40.97 48.73
CA LEU C 282 34.53 -41.92 47.87
C LEU C 282 35.57 -42.68 48.67
N SER D 19 46.05 -40.25 32.94
CA SER D 19 44.62 -40.08 32.65
C SER D 19 44.41 -39.80 31.16
N THR D 20 44.60 -40.82 30.34
CA THR D 20 44.44 -40.70 28.89
C THR D 20 43.15 -41.32 28.39
N MET D 21 42.38 -41.98 29.25
CA MET D 21 41.10 -42.56 28.82
C MET D 21 39.95 -41.60 29.07
N ILE D 22 39.88 -41.02 30.26
CA ILE D 22 38.84 -40.04 30.53
C ILE D 22 38.92 -38.89 29.55
N GLY D 23 40.14 -38.55 29.10
CA GLY D 23 40.26 -37.51 28.09
C GLY D 23 39.56 -37.88 26.80
N ARG D 24 39.77 -39.11 26.32
CA ARG D 24 39.08 -39.55 25.11
C ARG D 24 37.58 -39.57 25.30
N ILE D 25 37.12 -40.05 26.47
CA ILE D 25 35.68 -40.11 26.73
C ILE D 25 35.08 -38.70 26.67
N LEU D 26 35.73 -37.75 27.35
CA LEU D 26 35.22 -36.39 27.39
C LEU D 26 35.25 -35.76 26.00
N LEU D 27 36.31 -36.00 25.23
CA LEU D 27 36.39 -35.44 23.89
C LEU D 27 35.26 -35.95 23.01
N THR D 28 35.00 -37.26 23.07
CA THR D 28 33.91 -37.82 22.28
C THR D 28 32.57 -37.21 22.68
N VAL D 29 32.34 -37.09 23.99
CA VAL D 29 31.07 -36.55 24.46
C VAL D 29 30.91 -35.10 24.01
N VAL D 30 31.98 -34.31 24.09
CA VAL D 30 31.91 -32.91 23.70
C VAL D 30 31.63 -32.79 22.21
N VAL D 31 32.27 -33.63 21.40
CA VAL D 31 32.06 -33.57 19.95
C VAL D 31 30.60 -33.89 19.64
N ILE D 32 30.06 -34.94 20.26
CA ILE D 32 28.66 -35.29 20.03
C ILE D 32 27.75 -34.16 20.48
N PHE D 33 28.05 -33.54 21.61
CA PHE D 33 27.25 -32.44 22.12
C PHE D 33 27.21 -31.29 21.12
N ARG D 34 28.37 -30.90 20.59
CA ARG D 34 28.41 -29.82 19.62
C ARG D 34 27.60 -30.16 18.38
N ILE D 35 27.77 -31.37 17.86
CA ILE D 35 27.05 -31.76 16.66
C ILE D 35 25.54 -31.69 16.91
N LEU D 36 25.09 -32.23 18.04
CA LEU D 36 23.66 -32.25 18.31
C LEU D 36 23.10 -30.85 18.43
N ILE D 37 23.77 -29.99 19.22
CA ILE D 37 23.27 -28.63 19.41
C ILE D 37 23.16 -27.91 18.08
N VAL D 38 24.22 -27.95 17.27
CA VAL D 38 24.18 -27.25 16.00
C VAL D 38 23.06 -27.81 15.14
N ALA D 39 23.05 -29.12 14.94
CA ALA D 39 22.07 -29.72 14.03
C ALA D 39 20.64 -29.43 14.45
N ILE D 40 20.38 -29.29 15.75
CA ILE D 40 19.02 -29.13 16.20
C ILE D 40 18.57 -27.66 16.17
N VAL D 41 19.41 -26.71 16.60
CA VAL D 41 18.93 -25.34 16.78
C VAL D 41 19.53 -24.35 15.78
N GLY D 42 20.74 -24.59 15.27
CA GLY D 42 21.41 -23.56 14.49
C GLY D 42 20.63 -23.14 13.27
N GLU D 43 20.09 -24.10 12.53
CA GLU D 43 19.35 -23.77 11.32
C GLU D 43 18.13 -22.90 11.64
N THR D 44 17.43 -23.21 12.73
CA THR D 44 16.26 -22.42 13.11
C THR D 44 16.65 -21.02 13.56
N VAL D 45 17.80 -20.87 14.22
CA VAL D 45 18.20 -19.55 14.69
C VAL D 45 18.39 -18.59 13.52
N TYR D 46 19.04 -19.05 12.46
CA TYR D 46 19.42 -18.20 11.34
C TYR D 46 18.46 -18.30 10.17
N ASP D 47 17.22 -18.73 10.40
CA ASP D 47 16.29 -18.91 9.30
C ASP D 47 15.88 -17.57 8.68
N ASP D 48 15.54 -16.59 9.51
CA ASP D 48 15.05 -15.30 9.04
C ASP D 48 16.12 -14.22 9.09
N GLU D 49 17.38 -14.59 8.89
CA GLU D 49 18.46 -13.61 9.01
C GLU D 49 18.31 -12.48 8.01
N GLN D 50 17.95 -12.80 6.76
CA GLN D 50 17.81 -11.79 5.74
C GLN D 50 16.39 -11.24 5.63
N THR D 51 15.38 -12.05 6.00
CA THR D 51 14.00 -11.58 5.90
C THR D 51 13.72 -10.46 6.88
N MET D 52 14.26 -10.55 8.09
CA MET D 52 14.06 -9.54 9.12
C MET D 52 15.17 -8.50 9.17
N PHE D 53 16.07 -8.52 8.20
CA PHE D 53 17.11 -7.49 8.10
C PHE D 53 16.53 -6.31 7.32
N VAL D 54 16.51 -5.14 7.94
CA VAL D 54 15.86 -3.97 7.38
C VAL D 54 16.78 -2.77 7.50
N CYS D 55 16.82 -1.94 6.47
CA CYS D 55 17.62 -0.73 6.44
C CYS D 55 16.71 0.48 6.30
N ASN D 56 17.03 1.56 7.03
CA ASN D 56 16.23 2.77 7.01
C ASN D 56 16.58 3.56 5.76
N THR D 57 15.93 3.20 4.66
CA THR D 57 16.16 3.85 3.38
C THR D 57 15.06 3.46 2.41
N LEU D 58 14.89 4.27 1.38
CA LEU D 58 13.90 4.05 0.35
C LEU D 58 14.52 3.56 -0.96
N GLN D 59 15.82 3.28 -0.95
CA GLN D 59 16.55 2.94 -2.18
C GLN D 59 16.37 1.46 -2.50
N PRO D 60 15.87 1.09 -3.67
CA PRO D 60 15.76 -0.34 -4.02
C PRO D 60 17.15 -0.98 -4.11
N GLY D 61 17.27 -2.16 -3.51
CA GLY D 61 18.50 -2.92 -3.55
C GLY D 61 19.47 -2.65 -2.42
N CYS D 62 19.23 -1.63 -1.59
CA CYS D 62 20.13 -1.35 -0.48
C CYS D 62 20.13 -2.48 0.53
N ASN D 63 18.97 -3.09 0.78
CA ASN D 63 18.89 -4.16 1.77
C ASN D 63 19.81 -5.31 1.40
N GLN D 64 19.78 -5.74 0.14
CA GLN D 64 20.59 -6.88 -0.27
C GLN D 64 22.07 -6.59 -0.11
N ALA D 65 22.52 -5.44 -0.60
CA ALA D 65 23.94 -5.10 -0.53
C ALA D 65 24.40 -4.98 0.92
N CYS D 66 23.60 -4.32 1.75
CA CYS D 66 23.99 -4.13 3.15
C CYS D 66 24.02 -5.45 3.90
N TYR D 67 23.05 -6.34 3.64
CA TYR D 67 23.09 -7.65 4.27
C TYR D 67 24.34 -8.42 3.83
N ASP D 68 24.65 -8.38 2.54
CA ASP D 68 25.84 -9.09 2.05
C ASP D 68 27.09 -8.55 2.73
N ARG D 69 27.20 -7.23 2.87
CA ARG D 69 28.37 -6.66 3.52
C ARG D 69 28.44 -7.06 4.99
N ALA D 70 27.31 -7.03 5.68
CA ALA D 70 27.32 -7.30 7.12
C ALA D 70 27.66 -8.74 7.43
N PHE D 71 27.10 -9.68 6.66
CA PHE D 71 27.25 -11.12 6.92
C PHE D 71 27.67 -11.82 5.63
N PRO D 72 28.94 -11.69 5.23
CA PRO D 72 29.38 -12.37 4.01
C PRO D 72 29.15 -13.87 4.03
N ILE D 73 29.38 -14.51 5.18
CA ILE D 73 29.10 -15.92 5.37
C ILE D 73 28.41 -16.06 6.72
N SER D 74 27.23 -16.68 6.73
CA SER D 74 26.50 -16.86 7.98
C SER D 74 27.25 -17.82 8.90
N HIS D 75 27.04 -17.63 10.20
CA HIS D 75 27.76 -18.45 11.18
C HIS D 75 27.46 -19.92 11.00
N ILE D 76 26.22 -20.27 10.64
CA ILE D 76 25.81 -21.67 10.58
C ILE D 76 26.58 -22.41 9.49
N ARG D 77 26.76 -21.79 8.33
CA ARG D 77 27.52 -22.42 7.26
C ARG D 77 28.96 -22.67 7.70
N TYR D 78 29.58 -21.68 8.33
CA TYR D 78 30.94 -21.82 8.81
C TYR D 78 31.04 -22.96 9.82
N TRP D 79 30.08 -23.06 10.73
CA TRP D 79 30.15 -24.09 11.77
C TRP D 79 29.93 -25.48 11.18
N VAL D 80 29.04 -25.60 10.20
CA VAL D 80 28.85 -26.89 9.54
C VAL D 80 30.14 -27.31 8.84
N PHE D 81 30.75 -26.37 8.11
CA PHE D 81 32.02 -26.65 7.45
C PHE D 81 33.07 -27.10 8.46
N GLN D 82 33.16 -26.40 9.58
CA GLN D 82 34.16 -26.74 10.59
C GLN D 82 33.91 -28.13 11.16
N ILE D 83 32.66 -28.46 11.45
CA ILE D 83 32.35 -29.76 12.03
C ILE D 83 32.75 -30.88 11.08
N ILE D 84 32.34 -30.76 9.81
CA ILE D 84 32.69 -31.80 8.84
C ILE D 84 34.21 -31.89 8.69
N MET D 85 34.89 -30.74 8.61
CA MET D 85 36.32 -30.76 8.40
C MET D 85 37.06 -31.41 9.56
N VAL D 86 36.64 -31.11 10.80
CA VAL D 86 37.34 -31.69 11.94
C VAL D 86 36.99 -33.17 12.08
N CYS D 87 35.84 -33.59 11.56
CA CYS D 87 35.53 -35.03 11.55
C CYS D 87 36.29 -35.76 10.44
N THR D 88 36.75 -35.05 9.42
CA THR D 88 37.38 -35.72 8.28
C THR D 88 38.54 -36.64 8.66
N PRO D 89 39.50 -36.23 9.49
CA PRO D 89 40.66 -37.12 9.75
C PRO D 89 40.28 -38.47 10.32
N SER D 90 39.26 -38.52 11.18
CA SER D 90 38.78 -39.80 11.69
C SER D 90 38.24 -40.65 10.55
N LEU D 91 37.53 -40.03 9.60
CA LEU D 91 37.06 -40.75 8.42
C LEU D 91 38.23 -41.31 7.63
N CYS D 92 39.29 -40.51 7.45
CA CYS D 92 40.48 -40.98 6.75
C CYS D 92 41.04 -42.22 7.43
N PHE D 93 41.19 -42.15 8.76
CA PHE D 93 41.76 -43.28 9.49
C PHE D 93 40.88 -44.51 9.38
N ILE D 94 39.56 -44.34 9.50
CA ILE D 94 38.65 -45.48 9.43
C ILE D 94 38.70 -46.12 8.05
N THR D 95 38.69 -45.29 6.99
CA THR D 95 38.73 -45.83 5.64
C THR D 95 40.06 -46.52 5.37
N TYR D 96 41.16 -45.98 5.89
CA TYR D 96 42.45 -46.65 5.76
C TYR D 96 42.43 -48.00 6.45
N SER D 97 41.84 -48.07 7.65
CA SER D 97 41.73 -49.34 8.35
C SER D 97 40.92 -50.34 7.54
N VAL D 98 39.82 -49.88 6.94
CA VAL D 98 39.00 -50.77 6.13
C VAL D 98 39.79 -51.28 4.94
N HIS D 99 40.52 -50.38 4.27
CA HIS D 99 41.29 -50.78 3.09
C HIS D 99 42.39 -51.77 3.46
N GLN D 100 43.05 -51.56 4.60
CA GLN D 100 44.14 -52.44 5.00
C GLN D 100 43.67 -53.88 5.19
N SER D 101 42.39 -54.07 5.51
CA SER D 101 41.81 -55.40 5.68
C SER D 101 40.94 -55.71 4.48
N ALA D 102 41.37 -56.67 3.66
CA ALA D 102 40.66 -57.03 2.45
C ALA D 102 40.52 -55.84 1.51
N GLY D 194 51.81 -50.64 11.67
CA GLY D 194 51.33 -49.88 10.52
C GLY D 194 50.30 -48.85 10.90
N ILE D 195 49.18 -49.31 11.45
CA ILE D 195 48.11 -48.38 11.84
C ILE D 195 48.53 -47.50 13.00
N SER D 196 49.45 -47.98 13.84
CA SER D 196 49.88 -47.18 14.99
C SER D 196 50.47 -45.86 14.55
N ARG D 197 51.22 -45.84 13.45
CA ARG D 197 51.79 -44.59 12.95
C ARG D 197 50.69 -43.63 12.51
N PHE D 198 49.68 -44.14 11.81
CA PHE D 198 48.64 -43.27 11.27
C PHE D 198 47.86 -42.56 12.37
N TYR D 199 47.75 -43.18 13.55
CA TYR D 199 46.98 -42.59 14.64
C TYR D 199 47.58 -41.27 15.08
N ILE D 200 48.91 -41.21 15.20
CA ILE D 200 49.56 -39.98 15.66
C ILE D 200 49.33 -38.87 14.64
N ILE D 201 49.45 -39.19 13.35
CA ILE D 201 49.22 -38.17 12.33
C ILE D 201 47.76 -37.70 12.36
N GLN D 202 46.83 -38.63 12.60
CA GLN D 202 45.44 -38.24 12.75
C GLN D 202 45.28 -37.23 13.87
N VAL D 203 45.89 -37.52 15.02
CA VAL D 203 45.76 -36.62 16.18
C VAL D 203 46.35 -35.26 15.85
N VAL D 204 47.52 -35.24 15.21
CA VAL D 204 48.18 -33.97 14.89
C VAL D 204 47.31 -33.15 13.94
N PHE D 205 46.77 -33.79 12.91
CA PHE D 205 45.94 -33.07 11.95
C PHE D 205 44.67 -32.56 12.59
N ARG D 206 44.06 -33.36 13.49
CA ARG D 206 42.88 -32.89 14.20
C ARG D 206 43.21 -31.66 15.04
N ASN D 207 44.33 -31.69 15.75
CA ASN D 207 44.76 -30.54 16.53
C ASN D 207 44.89 -29.30 15.64
N ALA D 208 45.59 -29.45 14.53
CA ALA D 208 45.82 -28.31 13.64
C ALA D 208 44.52 -27.75 13.12
N LEU D 209 43.61 -28.62 12.67
CA LEU D 209 42.34 -28.15 12.13
C LEU D 209 41.51 -27.43 13.19
N GLU D 210 41.45 -27.99 14.40
CA GLU D 210 40.67 -27.35 15.46
C GLU D 210 41.23 -25.96 15.78
N ILE D 211 42.55 -25.85 15.92
CA ILE D 211 43.15 -24.56 16.23
C ILE D 211 42.89 -23.58 15.10
N GLY D 212 43.06 -24.02 13.85
CA GLY D 212 42.84 -23.14 12.73
C GLY D 212 41.42 -22.62 12.68
N PHE D 213 40.45 -23.50 12.93
CA PHE D 213 39.05 -23.06 12.86
C PHE D 213 38.70 -22.13 14.01
N LEU D 214 39.27 -22.36 15.20
CA LEU D 214 39.05 -21.44 16.30
C LEU D 214 39.58 -20.05 15.96
N VAL D 215 40.82 -19.99 15.46
CA VAL D 215 41.41 -18.70 15.11
C VAL D 215 40.61 -18.03 14.00
N GLY D 216 40.16 -18.82 13.03
CA GLY D 216 39.35 -18.26 11.96
C GLY D 216 38.05 -17.67 12.47
N GLN D 217 37.38 -18.37 13.37
CA GLN D 217 36.17 -17.83 13.97
C GLN D 217 36.46 -16.49 14.64
N TYR D 218 37.52 -16.44 15.46
CA TYR D 218 37.81 -15.20 16.16
C TYR D 218 38.06 -14.06 15.17
N PHE D 219 38.86 -14.31 14.14
CA PHE D 219 39.25 -13.25 13.22
C PHE D 219 38.14 -12.89 12.24
N LEU D 220 37.15 -13.75 12.06
CA LEU D 220 36.08 -13.49 11.10
C LEU D 220 34.84 -12.88 11.73
N TYR D 221 34.52 -13.24 12.98
CA TYR D 221 33.27 -12.80 13.60
C TYR D 221 33.43 -12.07 14.92
N GLY D 222 34.57 -12.22 15.61
CA GLY D 222 34.68 -11.61 16.91
C GLY D 222 33.85 -12.34 17.94
N PHE D 223 33.43 -11.61 18.97
CA PHE D 223 32.69 -12.18 20.09
C PHE D 223 31.28 -11.62 20.24
N SER D 224 30.81 -10.78 19.32
CA SER D 224 29.49 -10.19 19.47
C SER D 224 28.91 -9.88 18.10
N VAL D 225 27.58 -9.83 18.06
CA VAL D 225 26.83 -9.42 16.89
C VAL D 225 26.05 -8.16 17.24
N PRO D 226 26.50 -6.98 16.81
CA PRO D 226 25.78 -5.75 17.16
C PRO D 226 24.42 -5.68 16.50
N GLY D 227 23.48 -5.02 17.20
CA GLY D 227 22.14 -4.86 16.65
C GLY D 227 22.06 -3.78 15.59
N LEU D 228 23.02 -2.86 15.57
CA LEU D 228 23.08 -1.80 14.58
C LEU D 228 24.22 -2.07 13.61
N TYR D 229 23.98 -1.83 12.32
CA TYR D 229 25.01 -1.94 11.31
C TYR D 229 25.04 -0.66 10.50
N GLU D 230 26.24 -0.20 10.17
CA GLU D 230 26.45 1.07 9.48
C GLU D 230 26.92 0.75 8.07
N CYS D 231 26.02 0.88 7.09
CA CYS D 231 26.26 0.42 5.73
C CYS D 231 26.49 1.63 4.82
N ASN D 232 27.72 1.76 4.34
CA ASN D 232 28.11 2.87 3.46
C ASN D 232 28.40 2.39 2.04
N ARG D 233 27.73 1.33 1.61
CA ARG D 233 27.99 0.69 0.33
C ARG D 233 26.97 1.11 -0.72
N TYR D 234 27.37 0.96 -1.99
CA TYR D 234 26.52 1.33 -3.11
C TYR D 234 25.42 0.28 -3.31
N PRO D 235 24.21 0.69 -3.72
CA PRO D 235 23.75 2.04 -4.09
C PRO D 235 23.16 2.83 -2.94
N CYS D 236 23.32 2.40 -1.70
CA CYS D 236 22.85 3.18 -0.56
C CYS D 236 23.54 4.54 -0.56
N ILE D 237 22.75 5.60 -0.35
CA ILE D 237 23.25 6.97 -0.41
C ILE D 237 24.13 7.23 0.82
N LYS D 238 25.42 7.51 0.57
CA LYS D 238 26.40 7.60 1.64
C LYS D 238 26.20 6.49 2.67
N GLU D 239 25.96 6.86 3.92
CA GLU D 239 25.93 5.93 5.03
C GLU D 239 24.50 5.79 5.54
N VAL D 240 24.03 4.56 5.66
CA VAL D 240 22.68 4.27 6.15
C VAL D 240 22.78 3.33 7.35
N GLU D 241 21.70 3.28 8.13
CA GLU D 241 21.61 2.42 9.28
C GLU D 241 20.75 1.20 8.95
N CYS D 242 21.23 0.03 9.36
CA CYS D 242 20.52 -1.22 9.14
C CYS D 242 20.41 -1.94 10.48
N TYR D 243 19.36 -2.75 10.62
CA TYR D 243 19.00 -3.35 11.89
C TYR D 243 18.96 -4.87 11.77
N VAL D 244 19.62 -5.54 12.71
CA VAL D 244 19.86 -6.97 12.63
C VAL D 244 18.76 -7.72 13.38
N SER D 245 18.60 -8.99 13.04
CA SER D 245 17.58 -9.85 13.64
C SER D 245 18.19 -10.66 14.77
N ARG D 246 17.55 -10.60 15.95
CA ARG D 246 17.98 -11.24 17.20
C ARG D 246 19.50 -11.25 17.34
N PRO D 247 20.14 -10.10 17.49
CA PRO D 247 21.59 -10.09 17.74
C PRO D 247 22.02 -10.80 19.01
N THR D 248 21.19 -10.76 20.07
CA THR D 248 21.61 -11.33 21.35
C THR D 248 21.73 -12.85 21.27
N GLU D 249 20.76 -13.51 20.65
CA GLU D 249 20.83 -14.97 20.52
C GLU D 249 22.04 -15.37 19.71
N LYS D 250 22.32 -14.63 18.63
CA LYS D 250 23.49 -14.95 17.80
C LYS D 250 24.80 -14.73 18.56
N THR D 251 24.85 -13.68 19.40
CA THR D 251 26.03 -13.49 20.23
C THR D 251 26.22 -14.64 21.21
N VAL D 252 25.13 -15.10 21.83
CA VAL D 252 25.22 -16.22 22.75
C VAL D 252 25.71 -17.46 22.02
N PHE D 253 25.18 -17.71 20.83
CA PHE D 253 25.61 -18.86 20.04
C PHE D 253 27.09 -18.77 19.69
N LEU D 254 27.55 -17.58 19.29
CA LEU D 254 28.95 -17.37 18.97
C LEU D 254 29.83 -17.72 20.16
N VAL D 255 29.51 -17.18 21.33
CA VAL D 255 30.33 -17.42 22.51
C VAL D 255 30.32 -18.90 22.90
N PHE D 256 29.14 -19.53 22.82
CA PHE D 256 29.03 -20.95 23.17
C PHE D 256 29.89 -21.80 22.25
N MET D 257 29.83 -21.54 20.94
CA MET D 257 30.63 -22.31 20.00
C MET D 257 32.11 -22.09 20.25
N PHE D 258 32.51 -20.85 20.54
CA PHE D 258 33.92 -20.60 20.85
C PHE D 258 34.36 -21.39 22.07
N ALA D 259 33.52 -21.42 23.11
CA ALA D 259 33.89 -22.16 24.32
C ALA D 259 34.02 -23.65 24.06
N VAL D 260 33.08 -24.21 23.29
CA VAL D 260 33.15 -25.65 23.00
C VAL D 260 34.39 -25.97 22.19
N SER D 261 34.70 -25.13 21.19
CA SER D 261 35.90 -25.35 20.40
C SER D 261 37.16 -25.25 21.25
N GLY D 262 37.18 -24.31 22.20
CA GLY D 262 38.32 -24.21 23.09
C GLY D 262 38.50 -25.44 23.95
N ILE D 263 37.39 -25.98 24.47
CA ILE D 263 37.48 -27.21 25.25
C ILE D 263 38.03 -28.35 24.38
N CYS D 264 37.54 -28.44 23.14
CA CYS D 264 38.03 -29.48 22.24
C CYS D 264 39.53 -29.32 22.00
N VAL D 265 39.99 -28.09 21.80
CA VAL D 265 41.41 -27.84 21.56
C VAL D 265 42.21 -28.27 22.78
N VAL D 266 41.74 -27.93 23.97
CA VAL D 266 42.48 -28.28 25.18
C VAL D 266 42.58 -29.80 25.33
N LEU D 267 41.48 -30.51 25.10
CA LEU D 267 41.52 -31.97 25.21
C LEU D 267 42.45 -32.58 24.18
N ASN D 268 42.40 -32.08 22.93
CA ASN D 268 43.30 -32.59 21.90
C ASN D 268 44.76 -32.35 22.28
N LEU D 269 45.07 -31.16 22.80
CA LEU D 269 46.43 -30.88 23.22
C LEU D 269 46.86 -31.81 24.35
N ALA D 270 45.96 -32.09 25.30
CA ALA D 270 46.30 -32.99 26.39
C ALA D 270 46.62 -34.38 25.87
N GLU D 271 45.80 -34.89 24.95
CA GLU D 271 46.07 -36.21 24.38
C GLU D 271 47.39 -36.23 23.64
N LEU D 272 47.64 -35.20 22.82
CA LEU D 272 48.87 -35.15 22.04
C LEU D 272 50.09 -35.07 22.95
N ASN D 273 49.98 -34.32 24.05
CA ASN D 273 51.07 -34.28 25.02
C ASN D 273 51.28 -35.63 25.68
N HIS D 274 50.20 -36.33 25.99
CA HIS D 274 50.33 -37.66 26.58
C HIS D 274 51.05 -38.61 25.62
N LEU D 275 50.82 -38.45 24.32
CA LEU D 275 51.58 -39.22 23.35
C LEU D 275 53.07 -38.92 23.48
N GLY D 276 53.41 -37.65 23.65
CA GLY D 276 54.79 -37.26 23.88
C GLY D 276 55.50 -36.84 22.61
N TRP D 277 56.62 -36.14 22.79
CA TRP D 277 57.32 -35.53 21.67
C TRP D 277 58.11 -36.53 20.85
N ARG D 278 58.74 -37.52 21.50
CA ARG D 278 59.66 -38.39 20.77
C ARG D 278 58.95 -39.34 19.84
N LYS D 279 57.67 -39.64 20.08
CA LYS D 279 56.90 -40.44 19.15
C LYS D 279 56.46 -39.61 17.94
N ILE D 280 56.07 -38.36 18.18
CA ILE D 280 55.67 -37.48 17.09
C ILE D 280 56.87 -37.20 16.18
N LYS D 281 58.04 -36.99 16.76
CA LYS D 281 59.21 -36.65 15.97
C LYS D 281 59.54 -37.77 14.99
N LEU D 282 59.47 -39.02 15.42
CA LEU D 282 59.73 -40.16 14.55
C LEU D 282 58.47 -40.53 13.77
N SER E 19 52.07 -45.27 -4.39
CA SER E 19 51.17 -44.67 -3.40
C SER E 19 49.73 -44.71 -3.90
N THR E 20 49.33 -45.87 -4.43
CA THR E 20 47.99 -46.03 -4.98
C THR E 20 46.91 -46.20 -3.92
N MET E 21 47.28 -46.40 -2.65
CA MET E 21 46.28 -46.67 -1.62
C MET E 21 45.80 -45.38 -0.97
N ILE E 22 46.73 -44.56 -0.49
CA ILE E 22 46.33 -43.28 0.08
C ILE E 22 45.54 -42.47 -0.93
N GLY E 23 45.81 -42.66 -2.22
CA GLY E 23 45.01 -42.01 -3.24
C GLY E 23 43.55 -42.40 -3.15
N ARG E 24 43.27 -43.70 -3.04
CA ARG E 24 41.88 -44.15 -2.92
C ARG E 24 41.26 -43.65 -1.61
N ILE E 25 42.02 -43.69 -0.52
CA ILE E 25 41.48 -43.21 0.75
C ILE E 25 41.06 -41.74 0.62
N LEU E 26 41.96 -40.91 0.09
CA LEU E 26 41.66 -39.49 -0.06
C LEU E 26 40.50 -39.26 -1.00
N LEU E 27 40.44 -40.02 -2.10
CA LEU E 27 39.36 -39.83 -3.07
C LEU E 27 38.01 -40.13 -2.44
N THR E 28 37.92 -41.25 -1.71
CA THR E 28 36.67 -41.57 -1.04
C THR E 28 36.29 -40.50 -0.03
N VAL E 29 37.28 -40.02 0.74
CA VAL E 29 36.99 -39.03 1.76
C VAL E 29 36.49 -37.73 1.13
N VAL E 30 37.13 -37.29 0.04
CA VAL E 30 36.73 -36.03 -0.57
C VAL E 30 35.35 -36.16 -1.20
N VAL E 31 35.05 -37.31 -1.81
CA VAL E 31 33.72 -37.51 -2.38
C VAL E 31 32.66 -37.41 -1.28
N ILE E 32 32.88 -38.10 -0.16
CA ILE E 32 31.92 -38.04 0.94
C ILE E 32 31.80 -36.62 1.46
N PHE E 33 32.93 -35.91 1.57
CA PHE E 33 32.92 -34.54 2.06
C PHE E 33 32.08 -33.63 1.18
N ARG E 34 32.27 -33.72 -0.13
CA ARG E 34 31.51 -32.90 -1.06
C ARG E 34 30.03 -33.21 -0.95
N ILE E 35 29.67 -34.50 -0.92
CA ILE E 35 28.27 -34.87 -0.83
C ILE E 35 27.66 -34.29 0.44
N LEU E 36 28.35 -34.44 1.57
CA LEU E 36 27.80 -33.96 2.83
C LEU E 36 27.61 -32.45 2.81
N ILE E 37 28.63 -31.71 2.37
CA ILE E 37 28.54 -30.25 2.36
C ILE E 37 27.37 -29.80 1.51
N VAL E 38 27.27 -30.32 0.28
CA VAL E 38 26.19 -29.90 -0.59
C VAL E 38 24.85 -30.24 0.03
N ALA E 39 24.66 -31.51 0.42
CA ALA E 39 23.37 -31.93 0.93
C ALA E 39 22.95 -31.14 2.16
N ILE E 40 23.91 -30.67 2.96
CA ILE E 40 23.54 -30.01 4.21
C ILE E 40 23.29 -28.52 4.03
N VAL E 41 24.08 -27.81 3.22
CA VAL E 41 23.98 -26.36 3.18
C VAL E 41 23.47 -25.81 1.84
N GLY E 42 23.69 -26.51 0.72
CA GLY E 42 23.42 -25.91 -0.57
C GLY E 42 21.98 -25.48 -0.72
N GLU E 43 21.04 -26.35 -0.35
CA GLU E 43 19.62 -26.00 -0.52
C GLU E 43 19.26 -24.76 0.28
N THR E 44 19.79 -24.63 1.49
CA THR E 44 19.48 -23.48 2.32
C THR E 44 20.10 -22.21 1.74
N VAL E 45 21.30 -22.30 1.17
CA VAL E 45 21.96 -21.10 0.66
C VAL E 45 21.17 -20.50 -0.49
N TYR E 46 20.57 -21.34 -1.33
CA TYR E 46 19.89 -20.88 -2.54
C TYR E 46 18.37 -20.87 -2.40
N ASP E 47 17.86 -20.83 -1.17
CA ASP E 47 16.41 -20.90 -0.97
C ASP E 47 15.72 -19.63 -1.45
N ASP E 48 16.24 -18.46 -1.09
CA ASP E 48 15.62 -17.18 -1.40
C ASP E 48 16.23 -16.51 -2.62
N GLU E 49 16.73 -17.30 -3.58
CA GLU E 49 17.41 -16.73 -4.74
C GLU E 49 16.48 -15.85 -5.56
N GLN E 50 15.23 -16.30 -5.76
CA GLN E 50 14.27 -15.52 -6.53
C GLN E 50 13.51 -14.50 -5.70
N THR E 51 13.10 -14.87 -4.48
CA THR E 51 12.29 -13.96 -3.68
C THR E 51 13.04 -12.70 -3.31
N MET E 52 14.36 -12.79 -3.11
CA MET E 52 15.18 -11.65 -2.74
C MET E 52 15.84 -10.98 -3.94
N PHE E 53 15.52 -11.41 -5.15
CA PHE E 53 16.02 -10.78 -6.37
C PHE E 53 15.07 -9.65 -6.74
N VAL E 54 15.60 -8.44 -6.85
CA VAL E 54 14.79 -7.24 -7.06
C VAL E 54 15.42 -6.40 -8.15
N CYS E 55 14.58 -5.80 -8.99
CA CYS E 55 15.01 -4.90 -10.04
C CYS E 55 14.38 -3.53 -9.83
N ASN E 56 15.11 -2.49 -10.20
CA ASN E 56 14.63 -1.12 -10.06
C ASN E 56 13.73 -0.79 -11.24
N THR E 57 12.45 -1.09 -11.11
CA THR E 57 11.50 -0.88 -12.19
C THR E 57 10.09 -1.01 -11.65
N LEU E 58 9.13 -0.56 -12.46
CA LEU E 58 7.72 -0.72 -12.18
C LEU E 58 7.02 -1.65 -13.16
N GLN E 59 7.76 -2.25 -14.08
CA GLN E 59 7.17 -3.07 -15.13
C GLN E 59 6.82 -4.45 -14.56
N PRO E 60 5.55 -4.87 -14.59
CA PRO E 60 5.24 -6.25 -14.19
C PRO E 60 5.94 -7.26 -15.08
N GLY E 61 6.49 -8.30 -14.45
CA GLY E 61 7.16 -9.37 -15.17
C GLY E 61 8.62 -9.13 -15.45
N CYS E 62 9.15 -7.94 -15.17
CA CYS E 62 10.56 -7.67 -15.41
C CYS E 62 11.44 -8.47 -14.46
N ASN E 63 11.01 -8.62 -13.21
CA ASN E 63 11.79 -9.38 -12.24
C ASN E 63 11.97 -10.82 -12.70
N GLN E 64 10.90 -11.46 -13.15
CA GLN E 64 10.97 -12.85 -13.56
C GLN E 64 11.91 -13.02 -14.75
N ALA E 65 11.75 -12.19 -15.78
CA ALA E 65 12.58 -12.31 -16.97
C ALA E 65 14.04 -12.05 -16.65
N CYS E 66 14.33 -11.03 -15.85
CA CYS E 66 15.71 -10.71 -15.53
C CYS E 66 16.36 -11.79 -14.68
N TYR E 67 15.62 -12.34 -13.72
CA TYR E 67 16.19 -13.43 -12.93
C TYR E 67 16.46 -14.65 -13.81
N ASP E 68 15.52 -14.98 -14.70
CA ASP E 68 15.73 -16.14 -15.57
C ASP E 68 16.93 -15.95 -16.47
N ARG E 69 17.12 -14.73 -16.98
CA ARG E 69 18.28 -14.45 -17.81
C ARG E 69 19.57 -14.51 -17.01
N ALA E 70 19.56 -14.02 -15.77
CA ALA E 70 20.78 -13.95 -14.99
C ALA E 70 21.23 -15.32 -14.51
N PHE E 71 20.29 -16.18 -14.12
CA PHE E 71 20.59 -17.50 -13.56
C PHE E 71 19.76 -18.54 -14.30
N PRO E 72 20.17 -18.91 -15.52
CA PRO E 72 19.38 -19.91 -16.27
C PRO E 72 19.22 -21.22 -15.52
N ILE E 73 20.28 -21.70 -14.86
CA ILE E 73 20.24 -22.90 -14.03
C ILE E 73 20.94 -22.58 -12.73
N SER E 74 20.27 -22.87 -11.61
CA SER E 74 20.85 -22.62 -10.31
C SER E 74 22.08 -23.49 -10.09
N HIS E 75 23.06 -22.95 -9.35
CA HIS E 75 24.28 -23.70 -9.06
C HIS E 75 23.96 -25.03 -8.38
N ILE E 76 22.99 -25.02 -7.46
CA ILE E 76 22.73 -26.20 -6.64
C ILE E 76 22.27 -27.37 -7.51
N ARG E 77 21.39 -27.10 -8.47
CA ARG E 77 20.91 -28.18 -9.32
C ARG E 77 22.01 -28.73 -10.22
N TYR E 78 22.86 -27.84 -10.75
CA TYR E 78 24.00 -28.30 -11.52
C TYR E 78 24.90 -29.19 -10.68
N TRP E 79 25.13 -28.82 -9.43
CA TRP E 79 26.02 -29.60 -8.58
C TRP E 79 25.40 -30.94 -8.21
N VAL E 80 24.08 -30.98 -7.98
CA VAL E 80 23.42 -32.25 -7.71
C VAL E 80 23.53 -33.17 -8.92
N PHE E 81 23.27 -32.63 -10.11
CA PHE E 81 23.41 -33.42 -11.32
C PHE E 81 24.83 -33.95 -11.45
N GLN E 82 25.82 -33.09 -11.19
CA GLN E 82 27.22 -33.52 -11.29
C GLN E 82 27.51 -34.65 -10.32
N ILE E 83 27.06 -34.52 -9.07
CA ILE E 83 27.36 -35.54 -8.06
C ILE E 83 26.76 -36.88 -8.47
N ILE E 84 25.49 -36.88 -8.87
CA ILE E 84 24.85 -38.14 -9.24
C ILE E 84 25.54 -38.74 -10.48
N MET E 85 25.83 -37.91 -11.48
CA MET E 85 26.48 -38.41 -12.68
C MET E 85 27.84 -39.01 -12.37
N VAL E 86 28.62 -38.36 -11.51
CA VAL E 86 29.94 -38.86 -11.19
C VAL E 86 29.84 -40.15 -10.37
N CYS E 87 28.80 -40.29 -9.56
CA CYS E 87 28.62 -41.53 -8.82
C CYS E 87 28.12 -42.68 -9.70
N THR E 88 27.51 -42.37 -10.84
CA THR E 88 26.89 -43.40 -11.68
C THR E 88 27.84 -44.54 -12.05
N PRO E 89 29.07 -44.30 -12.51
CA PRO E 89 29.91 -45.45 -12.91
C PRO E 89 30.17 -46.45 -11.80
N SER E 90 30.32 -45.97 -10.56
CA SER E 90 30.47 -46.91 -9.44
C SER E 90 29.21 -47.75 -9.28
N LEU E 91 28.03 -47.15 -9.46
CA LEU E 91 26.80 -47.91 -9.40
C LEU E 91 26.76 -48.96 -10.51
N CYS E 92 27.20 -48.61 -11.71
CA CYS E 92 27.27 -49.59 -12.79
C CYS E 92 28.16 -50.75 -12.40
N PHE E 93 29.34 -50.45 -11.86
CA PHE E 93 30.27 -51.51 -11.47
C PHE E 93 29.68 -52.41 -10.39
N ILE E 94 29.04 -51.80 -9.38
CA ILE E 94 28.48 -52.58 -8.28
C ILE E 94 27.35 -53.47 -8.78
N THR E 95 26.48 -52.92 -9.62
CA THR E 95 25.36 -53.70 -10.13
C THR E 95 25.85 -54.84 -11.02
N TYR E 96 26.90 -54.58 -11.81
CA TYR E 96 27.49 -55.65 -12.61
C TYR E 96 28.09 -56.74 -11.72
N SER E 97 28.76 -56.35 -10.65
CA SER E 97 29.30 -57.34 -9.73
C SER E 97 28.19 -58.18 -9.11
N VAL E 98 27.09 -57.54 -8.72
CA VAL E 98 25.95 -58.28 -8.17
C VAL E 98 25.40 -59.25 -9.21
N HIS E 99 25.29 -58.80 -10.47
CA HIS E 99 24.78 -59.67 -11.52
C HIS E 99 25.71 -60.87 -11.73
N GLN E 100 27.02 -60.66 -11.62
CA GLN E 100 27.96 -61.75 -11.84
C GLN E 100 27.73 -62.90 -10.87
N SER E 101 27.51 -62.58 -9.59
CA SER E 101 27.31 -63.59 -8.56
C SER E 101 25.83 -63.91 -8.45
N ALA E 102 25.47 -65.17 -8.74
CA ALA E 102 24.09 -65.61 -8.68
C ALA E 102 23.21 -64.75 -9.58
N GLY E 194 37.61 -61.19 -15.50
CA GLY E 194 36.40 -60.57 -15.99
C GLY E 194 36.11 -59.25 -15.30
N ILE E 195 36.07 -59.28 -13.97
CA ILE E 195 35.78 -58.06 -13.21
C ILE E 195 36.94 -57.08 -13.29
N SER E 196 38.16 -57.57 -13.47
CA SER E 196 39.32 -56.69 -13.53
C SER E 196 39.21 -55.71 -14.69
N ARG E 197 38.73 -56.17 -15.85
CA ARG E 197 38.58 -55.29 -17.01
C ARG E 197 37.64 -54.13 -16.70
N PHE E 198 36.49 -54.41 -16.08
CA PHE E 198 35.49 -53.38 -15.88
C PHE E 198 36.03 -52.23 -15.01
N TYR E 199 36.96 -52.54 -14.10
CA TYR E 199 37.46 -51.52 -13.19
C TYR E 199 38.16 -50.39 -13.96
N ILE E 200 38.99 -50.75 -14.94
CA ILE E 200 39.72 -49.74 -15.70
C ILE E 200 38.75 -48.85 -16.47
N ILE E 201 37.73 -49.45 -17.09
CA ILE E 201 36.75 -48.66 -17.82
C ILE E 201 36.00 -47.74 -16.88
N GLN E 202 35.65 -48.23 -15.69
CA GLN E 202 34.99 -47.38 -14.70
C GLN E 202 35.86 -46.19 -14.35
N VAL E 203 37.17 -46.43 -14.13
CA VAL E 203 38.07 -45.34 -13.76
C VAL E 203 38.15 -44.31 -14.89
N VAL E 204 38.26 -44.78 -16.13
CA VAL E 204 38.37 -43.87 -17.27
C VAL E 204 37.12 -43.02 -17.40
N PHE E 205 35.94 -43.65 -17.27
CA PHE E 205 34.70 -42.90 -17.39
C PHE E 205 34.54 -41.89 -16.26
N ARG E 206 34.94 -42.27 -15.04
CA ARG E 206 34.91 -41.32 -13.94
C ARG E 206 35.80 -40.12 -14.22
N ASN E 207 37.02 -40.38 -14.73
CA ASN E 207 37.92 -39.29 -15.08
C ASN E 207 37.26 -38.35 -16.08
N ALA E 208 36.72 -38.91 -17.16
CA ALA E 208 36.14 -38.09 -18.21
C ALA E 208 34.98 -37.26 -17.68
N LEU E 209 34.09 -37.89 -16.91
CA LEU E 209 32.94 -37.17 -16.39
C LEU E 209 33.36 -36.03 -15.47
N GLU E 210 34.30 -36.30 -14.57
CA GLU E 210 34.71 -35.26 -13.63
C GLU E 210 35.35 -34.08 -14.37
N ILE E 211 36.23 -34.36 -15.34
CA ILE E 211 36.86 -33.28 -16.08
C ILE E 211 35.81 -32.49 -16.85
N GLY E 212 34.87 -33.18 -17.49
CA GLY E 212 33.84 -32.49 -18.24
C GLY E 212 33.01 -31.59 -17.35
N PHE E 213 32.65 -32.06 -16.17
CA PHE E 213 31.82 -31.24 -15.28
C PHE E 213 32.59 -30.04 -14.75
N LEU E 214 33.89 -30.21 -14.47
CA LEU E 214 34.70 -29.07 -14.04
C LEU E 214 34.75 -28.01 -15.13
N VAL E 215 35.03 -28.42 -16.37
CA VAL E 215 35.09 -27.47 -17.47
C VAL E 215 33.74 -26.81 -17.68
N GLY E 216 32.66 -27.59 -17.57
CA GLY E 216 31.33 -27.03 -17.74
C GLY E 216 31.01 -25.99 -16.68
N GLN E 217 31.38 -26.26 -15.43
CA GLN E 217 31.17 -25.26 -14.39
C GLN E 217 31.93 -23.98 -14.70
N TYR E 218 33.19 -24.11 -15.11
CA TYR E 218 33.97 -22.92 -15.42
C TYR E 218 33.31 -22.11 -16.53
N PHE E 219 32.87 -22.78 -17.59
CA PHE E 219 32.30 -22.05 -18.73
C PHE E 219 30.89 -21.55 -18.47
N LEU E 220 30.17 -22.14 -17.52
CA LEU E 220 28.80 -21.71 -17.25
C LEU E 220 28.77 -20.55 -16.26
N TYR E 221 29.56 -20.62 -15.19
CA TYR E 221 29.41 -19.68 -14.07
C TYR E 221 30.64 -18.83 -13.80
N GLY E 222 31.81 -19.17 -14.35
CA GLY E 222 32.97 -18.39 -14.02
C GLY E 222 33.41 -18.63 -12.58
N PHE E 223 33.98 -17.59 -11.97
CA PHE E 223 34.54 -17.70 -10.63
C PHE E 223 33.91 -16.74 -9.62
N SER E 224 32.87 -16.00 -10.00
CA SER E 224 32.26 -15.07 -9.06
C SER E 224 30.81 -14.81 -9.46
N VAL E 225 30.03 -14.39 -8.46
CA VAL E 225 28.65 -13.96 -8.64
C VAL E 225 28.60 -12.46 -8.38
N PRO E 226 28.44 -11.62 -9.40
CA PRO E 226 28.40 -10.17 -9.15
C PRO E 226 27.15 -9.75 -8.40
N GLY E 227 27.28 -8.65 -7.64
CA GLY E 227 26.15 -8.14 -6.89
C GLY E 227 25.13 -7.39 -7.71
N LEU E 228 25.52 -6.88 -8.88
CA LEU E 228 24.63 -6.15 -9.76
C LEU E 228 24.49 -6.90 -11.08
N TYR E 229 23.33 -6.74 -11.72
CA TYR E 229 23.09 -7.34 -13.02
C TYR E 229 22.40 -6.33 -13.91
N GLU E 230 22.83 -6.26 -15.16
CA GLU E 230 22.24 -5.37 -16.16
C GLU E 230 21.38 -6.21 -17.09
N CYS E 231 20.09 -5.86 -17.19
CA CYS E 231 19.11 -6.70 -17.86
C CYS E 231 18.36 -5.87 -18.89
N ASN E 232 18.26 -6.39 -20.11
CA ASN E 232 17.54 -5.71 -21.19
C ASN E 232 16.62 -6.69 -21.92
N ARG E 233 15.92 -7.53 -21.17
CA ARG E 233 15.01 -8.51 -21.74
C ARG E 233 13.58 -8.03 -21.62
N TYR E 234 12.79 -8.30 -22.65
CA TYR E 234 11.37 -7.96 -22.60
C TYR E 234 10.72 -8.65 -21.41
N PRO E 235 9.79 -7.99 -20.70
CA PRO E 235 9.16 -6.68 -20.95
C PRO E 235 9.89 -5.49 -20.37
N CYS E 236 11.09 -5.65 -19.84
CA CYS E 236 11.80 -4.52 -19.25
C CYS E 236 12.08 -3.47 -20.31
N ILE E 237 11.85 -2.21 -19.96
CA ILE E 237 12.01 -1.09 -20.89
C ILE E 237 13.49 -0.76 -20.98
N LYS E 238 14.03 -0.79 -22.20
CA LYS E 238 15.45 -0.50 -22.41
C LYS E 238 16.31 -1.39 -21.53
N GLU E 239 17.06 -0.80 -20.60
CA GLU E 239 17.99 -1.55 -19.76
C GLU E 239 17.76 -1.16 -18.31
N VAL E 240 17.72 -2.17 -17.43
CA VAL E 240 17.41 -1.99 -16.02
C VAL E 240 18.50 -2.65 -15.19
N GLU E 241 18.56 -2.26 -13.92
CA GLU E 241 19.53 -2.76 -12.97
C GLU E 241 18.84 -3.62 -11.93
N CYS E 242 19.40 -4.80 -11.67
CA CYS E 242 18.85 -5.74 -10.71
C CYS E 242 19.92 -6.11 -9.70
N TYR E 243 19.48 -6.53 -8.52
CA TYR E 243 20.36 -6.74 -7.38
C TYR E 243 20.21 -8.18 -6.87
N VAL E 244 21.34 -8.84 -6.66
CA VAL E 244 21.37 -10.26 -6.37
C VAL E 244 21.37 -10.48 -4.86
N SER E 245 20.93 -11.67 -4.44
CA SER E 245 20.86 -12.03 -3.04
C SER E 245 22.11 -12.80 -2.62
N ARG E 246 22.72 -12.38 -1.51
CA ARG E 246 23.95 -12.93 -0.95
C ARG E 246 24.94 -13.37 -2.03
N PRO E 247 25.44 -12.44 -2.85
CA PRO E 247 26.44 -12.82 -3.87
C PRO E 247 27.75 -13.35 -3.29
N THR E 248 28.19 -12.84 -2.14
CA THR E 248 29.50 -13.25 -1.61
C THR E 248 29.50 -14.71 -1.20
N GLU E 249 28.45 -15.16 -0.50
CA GLU E 249 28.39 -16.55 -0.09
C GLU E 249 28.35 -17.48 -1.28
N LYS E 250 27.61 -17.10 -2.32
CA LYS E 250 27.56 -17.93 -3.53
C LYS E 250 28.91 -17.95 -4.24
N THR E 251 29.63 -16.83 -4.24
CA THR E 251 30.98 -16.84 -4.80
C THR E 251 31.88 -17.81 -4.03
N VAL E 252 31.82 -17.77 -2.71
CA VAL E 252 32.62 -18.67 -1.89
C VAL E 252 32.26 -20.12 -2.20
N PHE E 253 30.96 -20.41 -2.31
CA PHE E 253 30.52 -21.76 -2.61
C PHE E 253 31.04 -22.22 -3.98
N LEU E 254 30.97 -21.32 -4.96
CA LEU E 254 31.45 -21.64 -6.30
C LEU E 254 32.94 -22.00 -6.27
N VAL E 255 33.75 -21.17 -5.61
CA VAL E 255 35.19 -21.41 -5.57
C VAL E 255 35.48 -22.71 -4.82
N PHE E 256 34.79 -22.95 -3.72
CA PHE E 256 35.03 -24.16 -2.95
C PHE E 256 34.69 -25.41 -3.75
N MET E 257 33.56 -25.39 -4.46
CA MET E 257 33.19 -26.55 -5.29
C MET E 257 34.21 -26.76 -6.39
N PHE E 258 34.69 -25.67 -7.00
CA PHE E 258 35.72 -25.82 -8.04
C PHE E 258 36.97 -26.46 -7.46
N ALA E 259 37.39 -26.03 -6.27
CA ALA E 259 38.60 -26.61 -5.65
C ALA E 259 38.42 -28.09 -5.36
N VAL E 260 37.26 -28.47 -4.81
CA VAL E 260 37.03 -29.88 -4.50
C VAL E 260 37.03 -30.71 -5.78
N SER E 261 36.38 -30.21 -6.83
CA SER E 261 36.36 -30.94 -8.10
C SER E 261 37.77 -31.07 -8.66
N GLY E 262 38.59 -30.02 -8.54
CA GLY E 262 39.96 -30.12 -9.00
C GLY E 262 40.76 -31.17 -8.25
N ILE E 263 40.58 -31.22 -6.93
CA ILE E 263 41.27 -32.25 -6.14
C ILE E 263 40.83 -33.64 -6.59
N CYS E 264 39.53 -33.82 -6.83
CA CYS E 264 39.04 -35.10 -7.31
C CYS E 264 39.67 -35.45 -8.66
N VAL E 265 39.76 -34.46 -9.56
CA VAL E 265 40.37 -34.70 -10.87
C VAL E 265 41.82 -35.15 -10.69
N VAL E 266 42.56 -34.48 -9.82
CA VAL E 266 43.98 -34.82 -9.64
C VAL E 266 44.11 -36.23 -9.11
N LEU E 267 43.30 -36.60 -8.11
CA LEU E 267 43.38 -37.94 -7.56
C LEU E 267 43.02 -39.00 -8.60
N ASN E 268 41.97 -38.74 -9.38
CA ASN E 268 41.58 -39.69 -10.42
C ASN E 268 42.68 -39.85 -11.46
N LEU E 269 43.31 -38.74 -11.86
CA LEU E 269 44.41 -38.83 -12.82
C LEU E 269 45.58 -39.62 -12.24
N ALA E 270 45.88 -39.40 -10.96
CA ALA E 270 46.96 -40.15 -10.33
C ALA E 270 46.69 -41.64 -10.36
N GLU E 271 45.46 -42.03 -10.00
CA GLU E 271 45.12 -43.45 -10.01
C GLU E 271 45.20 -44.02 -11.42
N LEU E 272 44.66 -43.30 -12.40
CA LEU E 272 44.66 -43.79 -13.77
C LEU E 272 46.07 -43.92 -14.31
N ASN E 273 46.96 -42.98 -13.97
CA ASN E 273 48.36 -43.10 -14.37
C ASN E 273 49.01 -44.29 -13.68
N HIS E 274 48.69 -44.53 -12.41
CA HIS E 274 49.24 -45.68 -11.72
C HIS E 274 48.83 -46.98 -12.41
N LEU E 275 47.61 -47.02 -12.95
CA LEU E 275 47.17 -48.21 -13.67
C LEU E 275 48.09 -48.49 -14.87
N GLY E 276 48.48 -47.44 -15.58
CA GLY E 276 49.41 -47.59 -16.68
C GLY E 276 48.72 -47.49 -18.03
N TRP E 277 49.44 -46.94 -19.01
CA TRP E 277 48.90 -46.78 -20.35
C TRP E 277 48.62 -48.14 -21.00
N ARG E 278 49.55 -49.09 -20.84
CA ARG E 278 49.41 -50.38 -21.52
C ARG E 278 48.15 -51.10 -21.08
N LYS E 279 47.88 -51.12 -19.77
CA LYS E 279 46.69 -51.80 -19.27
C LYS E 279 45.42 -51.17 -19.83
N ILE E 280 45.39 -49.83 -19.88
CA ILE E 280 44.22 -49.14 -20.44
C ILE E 280 44.04 -49.47 -21.90
N LYS E 281 45.14 -49.49 -22.67
CA LYS E 281 45.03 -49.71 -24.10
C LYS E 281 44.43 -51.07 -24.41
N LEU E 282 44.86 -52.12 -23.69
CA LEU E 282 44.33 -53.45 -23.91
C LEU E 282 43.01 -53.64 -23.17
N SER F 19 24.30 -59.21 -26.38
CA SER F 19 24.62 -58.17 -25.40
C SER F 19 23.37 -57.74 -24.64
N THR F 20 22.79 -58.67 -23.89
CA THR F 20 21.61 -58.40 -23.08
C THR F 20 21.93 -58.06 -21.63
N MET F 21 23.05 -58.53 -21.10
CA MET F 21 23.35 -58.27 -19.69
C MET F 21 23.66 -56.79 -19.47
N ILE F 22 24.54 -56.23 -20.30
CA ILE F 22 24.86 -54.81 -20.18
C ILE F 22 23.59 -53.99 -20.37
N GLY F 23 22.66 -54.46 -21.19
CA GLY F 23 21.40 -53.76 -21.33
C GLY F 23 20.65 -53.65 -20.02
N ARG F 24 20.56 -54.76 -19.29
CA ARG F 24 19.88 -54.74 -18.00
C ARG F 24 20.62 -53.84 -17.02
N ILE F 25 21.95 -53.91 -17.02
CA ILE F 25 22.73 -53.08 -16.10
C ILE F 25 22.44 -51.61 -16.35
N LEU F 26 22.52 -51.20 -17.62
CA LEU F 26 22.30 -49.81 -17.97
C LEU F 26 20.87 -49.39 -17.67
N LEU F 27 19.89 -50.26 -17.94
CA LEU F 27 18.50 -49.91 -17.68
C LEU F 27 18.28 -49.65 -16.20
N THR F 28 18.81 -50.54 -15.35
CA THR F 28 18.65 -50.33 -13.91
C THR F 28 19.32 -49.03 -13.47
N VAL F 29 20.53 -48.77 -13.97
CA VAL F 29 21.24 -47.56 -13.57
C VAL F 29 20.47 -46.32 -14.00
N VAL F 30 19.94 -46.33 -15.22
CA VAL F 30 19.22 -45.17 -15.73
C VAL F 30 17.94 -44.94 -14.94
N VAL F 31 17.23 -46.02 -14.59
CA VAL F 31 16.01 -45.88 -13.80
C VAL F 31 16.33 -45.25 -12.45
N ILE F 32 17.37 -45.75 -11.79
CA ILE F 32 17.75 -45.19 -10.50
C ILE F 32 18.15 -43.73 -10.63
N PHE F 33 18.88 -43.41 -11.70
CA PHE F 33 19.32 -42.03 -11.93
C PHE F 33 18.12 -41.10 -12.08
N ARG F 34 17.13 -41.50 -12.89
CA ARG F 34 15.95 -40.67 -13.07
C ARG F 34 15.22 -40.47 -11.75
N ILE F 35 15.03 -41.55 -11.00
CA ILE F 35 14.32 -41.43 -9.73
C ILE F 35 15.04 -40.47 -8.80
N LEU F 36 16.37 -40.61 -8.70
CA LEU F 36 17.13 -39.76 -7.79
C LEU F 36 17.03 -38.30 -8.19
N ILE F 37 17.26 -38.01 -9.48
CA ILE F 37 17.23 -36.62 -9.94
C ILE F 37 15.88 -36.00 -9.64
N VAL F 38 14.79 -36.68 -10.02
CA VAL F 38 13.47 -36.12 -9.81
C VAL F 38 13.23 -35.90 -8.32
N ALA F 39 13.43 -36.94 -7.52
CA ALA F 39 13.12 -36.85 -6.09
C ALA F 39 13.93 -35.75 -5.42
N ILE F 40 15.13 -35.46 -5.90
CA ILE F 40 15.97 -34.50 -5.20
C ILE F 40 15.70 -33.07 -5.64
N VAL F 41 15.48 -32.80 -6.93
CA VAL F 41 15.42 -31.42 -7.41
C VAL F 41 14.04 -31.01 -7.91
N GLY F 42 13.22 -31.94 -8.42
CA GLY F 42 12.01 -31.53 -9.10
C GLY F 42 11.08 -30.72 -8.22
N GLU F 43 10.87 -31.17 -6.99
CA GLU F 43 9.97 -30.44 -6.10
C GLU F 43 10.44 -29.02 -5.86
N THR F 44 11.75 -28.83 -5.66
CA THR F 44 12.27 -27.50 -5.41
C THR F 44 12.14 -26.61 -6.65
N VAL F 45 12.31 -27.18 -7.85
CA VAL F 45 12.22 -26.37 -9.05
C VAL F 45 10.83 -25.74 -9.18
N TYR F 46 9.79 -26.52 -8.92
CA TYR F 46 8.42 -26.09 -9.17
C TYR F 46 7.71 -25.60 -7.91
N ASP F 47 8.48 -25.22 -6.89
CA ASP F 47 7.86 -24.80 -5.63
C ASP F 47 7.10 -23.50 -5.78
N ASP F 48 7.67 -22.52 -6.49
CA ASP F 48 7.08 -21.19 -6.63
C ASP F 48 6.44 -20.97 -8.00
N GLU F 49 5.92 -22.04 -8.61
CA GLU F 49 5.36 -21.91 -9.95
C GLU F 49 4.20 -20.91 -9.97
N GLN F 50 3.34 -20.95 -8.96
CA GLN F 50 2.17 -20.07 -8.94
C GLN F 50 2.42 -18.76 -8.20
N THR F 51 3.26 -18.76 -7.17
CA THR F 51 3.50 -17.54 -6.41
C THR F 51 4.24 -16.49 -7.24
N MET F 52 5.14 -16.93 -8.12
CA MET F 52 5.90 -16.02 -8.97
C MET F 52 5.26 -15.84 -10.34
N PHE F 53 4.09 -16.42 -10.57
CA PHE F 53 3.35 -16.22 -11.81
C PHE F 53 2.52 -14.94 -11.68
N VAL F 54 2.72 -14.00 -12.59
CA VAL F 54 2.11 -12.68 -12.49
C VAL F 54 1.56 -12.28 -13.85
N CYS F 55 0.39 -11.64 -13.85
CA CYS F 55 -0.22 -11.12 -15.06
C CYS F 55 -0.37 -9.61 -14.94
N ASN F 56 -0.30 -8.93 -16.08
CA ASN F 56 -0.41 -7.47 -16.13
C ASN F 56 -1.89 -7.10 -16.17
N THR F 57 -2.48 -6.96 -14.98
CA THR F 57 -3.90 -6.68 -14.88
C THR F 57 -4.23 -6.25 -13.45
N LEU F 58 -5.40 -5.64 -13.29
CA LEU F 58 -5.94 -5.29 -11.99
C LEU F 58 -7.16 -6.13 -11.63
N GLN F 59 -7.49 -7.13 -12.44
CA GLN F 59 -8.71 -7.89 -12.23
C GLN F 59 -8.47 -9.00 -11.21
N PRO F 60 -9.17 -9.01 -10.07
CA PRO F 60 -9.01 -10.13 -9.14
C PRO F 60 -9.41 -11.44 -9.78
N GLY F 61 -8.61 -12.48 -9.50
CA GLY F 61 -8.88 -13.81 -10.01
C GLY F 61 -8.30 -14.10 -11.38
N CYS F 62 -7.77 -13.08 -12.08
CA CYS F 62 -7.20 -13.32 -13.39
C CYS F 62 -5.92 -14.16 -13.29
N ASN F 63 -5.11 -13.92 -12.26
CA ASN F 63 -3.89 -14.69 -12.08
C ASN F 63 -4.20 -16.18 -11.94
N GLN F 64 -5.18 -16.52 -11.11
CA GLN F 64 -5.50 -17.93 -10.88
C GLN F 64 -5.98 -18.60 -12.16
N ALA F 65 -6.90 -17.96 -12.87
CA ALA F 65 -7.44 -18.55 -14.10
C ALA F 65 -6.35 -18.71 -15.15
N CYS F 66 -5.50 -17.69 -15.32
CA CYS F 66 -4.48 -17.76 -16.34
C CYS F 66 -3.43 -18.82 -16.00
N TYR F 67 -3.03 -18.92 -14.73
CA TYR F 67 -2.10 -19.97 -14.35
C TYR F 67 -2.71 -21.34 -14.59
N ASP F 68 -3.97 -21.52 -14.22
CA ASP F 68 -4.62 -22.82 -14.41
C ASP F 68 -4.68 -23.18 -15.89
N ARG F 69 -4.93 -22.19 -16.74
CA ARG F 69 -5.00 -22.47 -18.17
C ARG F 69 -3.61 -22.78 -18.74
N ALA F 70 -2.58 -22.08 -18.26
CA ALA F 70 -1.25 -22.27 -18.82
C ALA F 70 -0.63 -23.60 -18.41
N PHE F 71 -0.87 -24.02 -17.17
CA PHE F 71 -0.27 -25.24 -16.62
C PHE F 71 -1.37 -26.09 -15.98
N PRO F 72 -2.17 -26.78 -16.79
CA PRO F 72 -3.24 -27.60 -16.21
C PRO F 72 -2.73 -28.64 -15.24
N ILE F 73 -1.61 -29.29 -15.55
CA ILE F 73 -0.96 -30.25 -14.66
C ILE F 73 0.53 -29.92 -14.63
N SER F 74 1.09 -29.79 -13.44
CA SER F 74 2.50 -29.48 -13.30
C SER F 74 3.35 -30.63 -13.84
N HIS F 75 4.52 -30.29 -14.35
CA HIS F 75 5.42 -31.31 -14.89
C HIS F 75 5.79 -32.32 -13.81
N ILE F 76 6.02 -31.86 -12.59
CA ILE F 76 6.50 -32.74 -11.53
C ILE F 76 5.47 -33.81 -11.21
N ARG F 77 4.19 -33.43 -11.15
CA ARG F 77 3.13 -34.41 -10.88
C ARG F 77 3.09 -35.46 -11.97
N TYR F 78 3.17 -35.04 -13.24
CA TYR F 78 3.16 -35.98 -14.35
C TYR F 78 4.34 -36.94 -14.27
N TRP F 79 5.52 -36.42 -13.94
CA TRP F 79 6.70 -37.27 -13.89
C TRP F 79 6.63 -38.25 -12.73
N VAL F 80 6.11 -37.82 -11.58
CA VAL F 80 5.95 -38.73 -10.46
C VAL F 80 4.98 -39.86 -10.83
N PHE F 81 3.86 -39.49 -11.45
CA PHE F 81 2.91 -40.50 -11.90
C PHE F 81 3.57 -41.47 -12.87
N GLN F 82 4.34 -40.95 -13.82
CA GLN F 82 5.00 -41.80 -14.79
C GLN F 82 5.98 -42.76 -14.11
N ILE F 83 6.75 -42.26 -13.15
CA ILE F 83 7.76 -43.11 -12.50
C ILE F 83 7.07 -44.25 -11.75
N ILE F 84 6.04 -43.93 -10.97
CA ILE F 84 5.36 -44.99 -10.21
C ILE F 84 4.71 -45.98 -11.16
N MET F 85 4.04 -45.48 -12.21
CA MET F 85 3.36 -46.38 -13.14
C MET F 85 4.34 -47.30 -13.84
N VAL F 86 5.50 -46.77 -14.24
CA VAL F 86 6.51 -47.60 -14.91
C VAL F 86 7.08 -48.63 -13.95
N CYS F 87 7.23 -48.27 -12.67
CA CYS F 87 7.72 -49.25 -11.70
C CYS F 87 6.68 -50.32 -11.37
N THR F 88 5.40 -50.05 -11.59
CA THR F 88 4.35 -50.98 -11.17
C THR F 88 4.55 -52.40 -11.67
N PRO F 89 4.81 -52.67 -12.96
CA PRO F 89 4.92 -54.06 -13.41
C PRO F 89 5.99 -54.86 -12.67
N SER F 90 7.11 -54.24 -12.33
CA SER F 90 8.12 -54.93 -11.54
C SER F 90 7.56 -55.29 -10.16
N LEU F 91 6.77 -54.40 -9.58
CA LEU F 91 6.11 -54.72 -8.31
C LEU F 91 5.17 -55.90 -8.46
N CYS F 92 4.41 -55.94 -9.56
CA CYS F 92 3.54 -57.09 -9.81
C CYS F 92 4.34 -58.39 -9.87
N PHE F 93 5.45 -58.36 -10.62
CA PHE F 93 6.27 -59.56 -10.75
C PHE F 93 6.84 -60.00 -9.40
N ILE F 94 7.36 -59.05 -8.63
CA ILE F 94 7.95 -59.39 -7.33
C ILE F 94 6.89 -59.95 -6.39
N THR F 95 5.71 -59.34 -6.36
CA THR F 95 4.65 -59.81 -5.47
C THR F 95 4.18 -61.20 -5.89
N TYR F 96 4.08 -61.45 -7.20
CA TYR F 96 3.72 -62.80 -7.66
C TYR F 96 4.78 -63.80 -7.25
N SER F 97 6.07 -63.45 -7.38
CA SER F 97 7.13 -64.36 -6.98
C SER F 97 7.05 -64.67 -5.49
N VAL F 98 6.78 -63.66 -4.67
CA VAL F 98 6.65 -63.87 -3.24
C VAL F 98 5.46 -64.79 -2.96
N HIS F 99 4.34 -64.55 -3.63
CA HIS F 99 3.15 -65.37 -3.41
C HIS F 99 3.40 -66.82 -3.80
N GLN F 100 4.17 -67.05 -4.86
CA GLN F 100 4.37 -68.41 -5.35
C GLN F 100 5.14 -69.25 -4.35
N SER F 101 6.11 -68.65 -3.65
CA SER F 101 6.89 -69.34 -2.64
C SER F 101 6.24 -69.14 -1.28
N ALA F 102 5.81 -70.22 -0.65
CA ALA F 102 5.14 -70.16 0.64
C ALA F 102 3.91 -69.27 0.57
N GLY F 194 6.78 -71.53 -15.02
CA GLY F 194 5.73 -70.65 -14.55
C GLY F 194 6.17 -69.20 -14.45
N ILE F 195 7.20 -68.96 -13.64
CA ILE F 195 7.70 -67.61 -13.46
C ILE F 195 8.32 -67.09 -14.75
N SER F 196 8.95 -67.96 -15.53
CA SER F 196 9.58 -67.53 -16.77
C SER F 196 8.60 -66.81 -17.68
N ARG F 197 7.37 -67.33 -17.79
CA ARG F 197 6.35 -66.67 -18.60
C ARG F 197 6.13 -65.24 -18.15
N PHE F 198 5.99 -65.03 -16.83
CA PHE F 198 5.63 -63.71 -16.30
C PHE F 198 6.63 -62.64 -16.74
N TYR F 199 7.90 -63.01 -16.88
CA TYR F 199 8.92 -62.03 -17.22
C TYR F 199 8.64 -61.37 -18.57
N ILE F 200 8.22 -62.16 -19.56
CA ILE F 200 7.97 -61.63 -20.89
C ILE F 200 6.81 -60.64 -20.86
N ILE F 201 5.73 -61.00 -20.18
CA ILE F 201 4.58 -60.09 -20.09
C ILE F 201 4.98 -58.82 -19.36
N GLN F 202 5.77 -58.95 -18.29
CA GLN F 202 6.23 -57.77 -17.57
C GLN F 202 7.04 -56.85 -18.48
N VAL F 203 7.93 -57.42 -19.28
CA VAL F 203 8.75 -56.61 -20.18
C VAL F 203 7.87 -55.91 -21.21
N VAL F 204 6.90 -56.63 -21.77
CA VAL F 204 6.03 -56.03 -22.79
C VAL F 204 5.24 -54.87 -22.19
N PHE F 205 4.68 -55.08 -21.00
CA PHE F 205 3.88 -54.02 -20.38
C PHE F 205 4.76 -52.82 -20.03
N ARG F 206 5.99 -53.06 -19.57
CA ARG F 206 6.91 -51.95 -19.30
C ARG F 206 7.18 -51.16 -20.57
N ASN F 207 7.44 -51.87 -21.68
CA ASN F 207 7.66 -51.19 -22.95
C ASN F 207 6.47 -50.31 -23.31
N ALA F 208 5.27 -50.88 -23.24
CA ALA F 208 4.07 -50.12 -23.61
C ALA F 208 3.90 -48.89 -22.74
N LEU F 209 4.07 -49.04 -21.43
CA LEU F 209 3.91 -47.90 -20.53
C LEU F 209 4.94 -46.81 -20.82
N GLU F 210 6.20 -47.20 -21.03
CA GLU F 210 7.23 -46.20 -21.29
C GLU F 210 6.94 -45.43 -22.57
N ILE F 211 6.58 -46.15 -23.64
CA ILE F 211 6.29 -45.47 -24.90
C ILE F 211 5.09 -44.54 -24.74
N GLY F 212 4.04 -45.02 -24.08
CA GLY F 212 2.86 -44.19 -23.89
C GLY F 212 3.16 -42.92 -23.13
N PHE F 213 3.95 -43.03 -22.06
CA PHE F 213 4.27 -41.85 -21.27
C PHE F 213 5.15 -40.88 -22.04
N LEU F 214 6.08 -41.39 -22.83
CA LEU F 214 6.90 -40.50 -23.65
C LEU F 214 6.03 -39.71 -24.64
N VAL F 215 5.15 -40.41 -25.34
CA VAL F 215 4.28 -39.74 -26.30
C VAL F 215 3.37 -38.75 -25.59
N GLY F 216 2.85 -39.13 -24.42
CA GLY F 216 1.99 -38.23 -23.68
C GLY F 216 2.71 -36.96 -23.25
N GLN F 217 3.96 -37.09 -22.80
CA GLN F 217 4.73 -35.91 -22.45
C GLN F 217 4.91 -35.01 -23.66
N TYR F 218 5.27 -35.60 -24.80
CA TYR F 218 5.47 -34.78 -26.00
C TYR F 218 4.20 -34.02 -26.36
N PHE F 219 3.05 -34.69 -26.31
CA PHE F 219 1.82 -34.03 -26.73
C PHE F 219 1.31 -33.03 -25.69
N LEU F 220 1.53 -33.29 -24.40
CA LEU F 220 1.05 -32.39 -23.37
C LEU F 220 1.90 -31.12 -23.28
N TYR F 221 3.22 -31.25 -23.34
CA TYR F 221 4.10 -30.15 -22.97
C TYR F 221 5.02 -29.67 -24.09
N GLY F 222 5.22 -30.45 -25.15
CA GLY F 222 6.16 -30.04 -26.16
C GLY F 222 7.59 -30.11 -25.65
N PHE F 223 8.43 -29.21 -26.17
CA PHE F 223 9.85 -29.22 -25.86
C PHE F 223 10.35 -27.94 -25.20
N SER F 224 9.48 -26.99 -24.89
CA SER F 224 9.94 -25.74 -24.29
C SER F 224 8.82 -25.13 -23.45
N VAL F 225 9.22 -24.30 -22.50
CA VAL F 225 8.32 -23.53 -21.66
C VAL F 225 8.52 -22.05 -21.99
N PRO F 226 7.60 -21.41 -22.70
CA PRO F 226 7.81 -20.00 -23.06
C PRO F 226 7.76 -19.09 -21.85
N GLY F 227 8.47 -17.96 -21.98
CA GLY F 227 8.49 -16.97 -20.90
C GLY F 227 7.24 -16.12 -20.81
N LEU F 228 6.49 -15.99 -21.90
CA LEU F 228 5.26 -15.21 -21.93
C LEU F 228 4.09 -16.12 -22.24
N TYR F 229 2.92 -15.76 -21.71
CA TYR F 229 1.69 -16.48 -21.97
C TYR F 229 0.58 -15.49 -22.27
N GLU F 230 -0.21 -15.79 -23.30
CA GLU F 230 -1.36 -14.97 -23.67
C GLU F 230 -2.62 -15.64 -23.17
N CYS F 231 -3.39 -14.93 -22.35
CA CYS F 231 -4.51 -15.50 -21.62
C CYS F 231 -5.77 -14.70 -21.90
N ASN F 232 -6.85 -15.38 -22.25
CA ASN F 232 -8.14 -14.75 -22.51
C ASN F 232 -9.26 -15.50 -21.81
N ARG F 233 -9.03 -15.92 -20.58
CA ARG F 233 -10.01 -16.66 -19.80
C ARG F 233 -10.71 -15.74 -18.80
N TYR F 234 -12.00 -15.94 -18.64
CA TYR F 234 -12.74 -15.17 -17.65
C TYR F 234 -12.12 -15.39 -16.27
N PRO F 235 -12.04 -14.35 -15.42
CA PRO F 235 -12.57 -12.99 -15.54
C PRO F 235 -11.64 -11.99 -16.24
N CYS F 236 -10.54 -12.43 -16.83
CA CYS F 236 -9.64 -11.49 -17.49
C CYS F 236 -10.35 -10.79 -18.64
N ILE F 237 -10.16 -9.48 -18.73
CA ILE F 237 -10.82 -8.67 -19.74
C ILE F 237 -10.08 -8.82 -21.06
N LYS F 238 -10.78 -9.25 -22.09
CA LYS F 238 -10.18 -9.44 -23.41
C LYS F 238 -8.96 -10.35 -23.31
N GLU F 239 -7.79 -9.88 -23.72
CA GLU F 239 -6.57 -10.68 -23.71
C GLU F 239 -5.53 -9.99 -22.85
N VAL F 240 -4.84 -10.77 -22.01
CA VAL F 240 -3.84 -10.25 -21.09
C VAL F 240 -2.56 -11.06 -21.26
N GLU F 241 -1.46 -10.48 -20.79
CA GLU F 241 -0.14 -11.08 -20.89
C GLU F 241 0.34 -11.47 -19.50
N CYS F 242 0.89 -12.68 -19.37
CA CYS F 242 1.36 -13.21 -18.10
C CYS F 242 2.78 -13.71 -18.27
N TYR F 243 3.52 -13.73 -17.16
CA TYR F 243 4.94 -14.00 -17.16
C TYR F 243 5.25 -15.18 -16.24
N VAL F 244 6.06 -16.12 -16.73
CA VAL F 244 6.27 -17.40 -16.09
C VAL F 244 7.54 -17.34 -15.25
N SER F 245 7.62 -18.24 -14.27
CA SER F 245 8.75 -18.33 -13.37
C SER F 245 9.77 -19.33 -13.90
N ARG F 246 11.04 -18.91 -13.94
CA ARG F 246 12.18 -19.70 -14.41
C ARG F 246 11.81 -20.60 -15.59
N PRO F 247 11.44 -20.03 -16.73
CA PRO F 247 11.14 -20.85 -17.92
C PRO F 247 12.32 -21.66 -18.42
N THR F 248 13.54 -21.13 -18.33
CA THR F 248 14.70 -21.82 -18.91
C THR F 248 15.02 -23.10 -18.15
N GLU F 249 15.00 -23.05 -16.82
CA GLU F 249 15.27 -24.24 -16.03
C GLU F 249 14.23 -25.32 -16.30
N LYS F 250 12.96 -24.92 -16.42
CA LYS F 250 11.91 -25.88 -16.70
C LYS F 250 12.07 -26.48 -18.10
N THR F 251 12.48 -25.67 -19.07
CA THR F 251 12.76 -26.21 -20.40
C THR F 251 13.88 -27.24 -20.36
N VAL F 252 14.95 -26.93 -19.63
CA VAL F 252 16.06 -27.87 -19.50
C VAL F 252 15.59 -29.16 -18.87
N PHE F 253 14.79 -29.06 -17.80
CA PHE F 253 14.28 -30.25 -17.13
C PHE F 253 13.41 -31.08 -18.07
N LEU F 254 12.55 -30.41 -18.84
CA LEU F 254 11.70 -31.11 -19.80
C LEU F 254 12.54 -31.90 -20.80
N VAL F 255 13.54 -31.24 -21.39
CA VAL F 255 14.37 -31.92 -22.40
C VAL F 255 15.13 -33.08 -21.77
N PHE F 256 15.66 -32.87 -20.56
CA PHE F 256 16.41 -33.93 -19.90
C PHE F 256 15.53 -35.15 -19.63
N MET F 257 14.31 -34.93 -19.13
CA MET F 257 13.42 -36.05 -18.88
C MET F 257 13.04 -36.76 -20.17
N PHE F 258 12.81 -36.00 -21.24
CA PHE F 258 12.56 -36.63 -22.53
C PHE F 258 13.72 -37.52 -22.95
N ALA F 259 14.95 -37.03 -22.81
CA ALA F 259 16.12 -37.83 -23.22
C ALA F 259 16.22 -39.09 -22.39
N VAL F 260 16.03 -38.98 -21.08
CA VAL F 260 16.15 -40.16 -20.22
C VAL F 260 15.09 -41.18 -20.56
N SER F 261 13.84 -40.72 -20.78
CA SER F 261 12.78 -41.64 -21.15
C SER F 261 13.07 -42.30 -22.49
N GLY F 262 13.64 -41.55 -23.44
CA GLY F 262 14.00 -42.15 -24.71
C GLY F 262 15.05 -43.24 -24.56
N ILE F 263 16.06 -42.99 -23.72
CA ILE F 263 17.06 -44.02 -23.46
C ILE F 263 16.42 -45.25 -22.86
N CYS F 264 15.51 -45.06 -21.89
CA CYS F 264 14.82 -46.19 -21.30
C CYS F 264 14.03 -46.98 -22.34
N VAL F 265 13.34 -46.26 -23.24
CA VAL F 265 12.57 -46.92 -24.28
C VAL F 265 13.48 -47.74 -25.19
N VAL F 266 14.63 -47.17 -25.57
CA VAL F 266 15.54 -47.88 -26.46
C VAL F 266 16.06 -49.14 -25.79
N LEU F 267 16.46 -49.04 -24.52
CA LEU F 267 16.97 -50.22 -23.82
C LEU F 267 15.89 -51.28 -23.68
N ASN F 268 14.66 -50.87 -23.36
CA ASN F 268 13.56 -51.83 -23.25
C ASN F 268 13.30 -52.53 -24.57
N LEU F 269 13.32 -51.76 -25.67
CA LEU F 269 13.12 -52.37 -26.98
C LEU F 269 14.24 -53.34 -27.31
N ALA F 270 15.47 -53.00 -26.97
CA ALA F 270 16.59 -53.90 -27.23
C ALA F 270 16.42 -55.21 -26.46
N GLU F 271 16.06 -55.12 -25.18
CA GLU F 271 15.84 -56.34 -24.39
C GLU F 271 14.71 -57.16 -24.97
N LEU F 272 13.60 -56.52 -25.33
CA LEU F 272 12.46 -57.23 -25.87
C LEU F 272 12.81 -57.92 -27.18
N ASN F 273 13.57 -57.25 -28.05
CA ASN F 273 14.02 -57.88 -29.28
C ASN F 273 14.93 -59.07 -28.99
N HIS F 274 15.81 -58.93 -27.99
CA HIS F 274 16.67 -60.05 -27.63
C HIS F 274 15.85 -61.26 -27.19
N LEU F 275 14.76 -61.01 -26.44
CA LEU F 275 13.89 -62.11 -26.06
C LEU F 275 13.36 -62.86 -27.27
N GLY F 276 13.14 -62.16 -28.38
CA GLY F 276 12.73 -62.81 -29.61
C GLY F 276 11.24 -62.71 -29.88
N TRP F 277 10.87 -62.51 -31.15
CA TRP F 277 9.46 -62.45 -31.51
C TRP F 277 8.76 -63.77 -31.21
N ARG F 278 9.38 -64.87 -31.61
CA ARG F 278 8.76 -66.18 -31.41
C ARG F 278 8.59 -66.50 -29.93
N LYS F 279 9.63 -66.27 -29.12
CA LYS F 279 9.53 -66.58 -27.71
C LYS F 279 8.48 -65.70 -27.02
N ILE F 280 8.41 -64.43 -27.41
CA ILE F 280 7.41 -63.55 -26.83
C ILE F 280 6.01 -63.98 -27.23
N LYS F 281 5.86 -64.46 -28.46
CA LYS F 281 4.54 -64.91 -28.92
C LYS F 281 4.04 -66.06 -28.07
N LEU F 282 4.94 -66.89 -27.56
CA LEU F 282 4.61 -68.01 -26.67
C LEU F 282 3.28 -68.68 -27.05
N SER G 19 -53.99 43.26 -2.78
CA SER G 19 -52.69 43.06 -2.14
C SER G 19 -51.69 42.47 -3.12
N THR G 20 -51.44 43.20 -4.22
CA THR G 20 -50.49 42.79 -5.23
C THR G 20 -49.10 43.36 -5.00
N MET G 21 -48.97 44.52 -4.36
CA MET G 21 -47.66 45.14 -4.18
C MET G 21 -46.81 44.29 -3.24
N ILE G 22 -47.35 43.92 -2.08
CA ILE G 22 -46.61 43.07 -1.16
C ILE G 22 -46.23 41.76 -1.84
N GLY G 23 -47.07 41.29 -2.77
CA GLY G 23 -46.72 40.10 -3.52
C GLY G 23 -45.44 40.28 -4.31
N ARG G 24 -45.33 41.39 -5.02
CA ARG G 24 -44.10 41.66 -5.78
C ARG G 24 -42.90 41.80 -4.84
N ILE G 25 -43.09 42.50 -3.72
CA ILE G 25 -42.00 42.67 -2.77
C ILE G 25 -41.48 41.31 -2.30
N LEU G 26 -42.41 40.46 -1.87
CA LEU G 26 -42.03 39.14 -1.35
C LEU G 26 -41.40 38.29 -2.44
N LEU G 27 -41.94 38.35 -3.66
CA LEU G 27 -41.38 37.53 -4.75
C LEU G 27 -39.95 37.94 -5.03
N THR G 28 -39.69 39.25 -5.11
CA THR G 28 -38.31 39.70 -5.33
C THR G 28 -37.39 39.25 -4.22
N VAL G 29 -37.84 39.39 -2.97
CA VAL G 29 -37.00 39.02 -1.83
C VAL G 29 -36.69 37.54 -1.87
N VAL G 30 -37.70 36.70 -2.15
CA VAL G 30 -37.49 35.26 -2.18
C VAL G 30 -36.55 34.87 -3.30
N VAL G 31 -36.69 35.49 -4.47
CA VAL G 31 -35.79 35.17 -5.59
C VAL G 31 -34.35 35.50 -5.19
N ILE G 32 -34.13 36.68 -4.61
CA ILE G 32 -32.78 37.06 -4.23
C ILE G 32 -32.24 36.10 -3.17
N PHE G 33 -33.10 35.71 -2.22
CA PHE G 33 -32.67 34.81 -1.16
C PHE G 33 -32.23 33.47 -1.73
N ARG G 34 -33.02 32.91 -2.65
CA ARG G 34 -32.65 31.64 -3.26
C ARG G 34 -31.33 31.75 -4.01
N ILE G 35 -31.17 32.82 -4.79
CA ILE G 35 -29.94 32.98 -5.55
C ILE G 35 -28.75 33.05 -4.61
N LEU G 36 -28.87 33.83 -3.54
CA LEU G 36 -27.75 33.99 -2.62
C LEU G 36 -27.39 32.66 -1.95
N ILE G 37 -28.40 31.95 -1.45
CA ILE G 37 -28.13 30.70 -0.75
C ILE G 37 -27.42 29.73 -1.68
N VAL G 38 -27.97 29.54 -2.89
CA VAL G 38 -27.34 28.59 -3.81
C VAL G 38 -25.91 29.03 -4.12
N ALA G 39 -25.74 30.28 -4.54
CA ALA G 39 -24.43 30.75 -4.97
C ALA G 39 -23.39 30.62 -3.86
N ILE G 40 -23.81 30.74 -2.60
CA ILE G 40 -22.84 30.76 -1.52
C ILE G 40 -22.51 29.34 -1.02
N VAL G 41 -23.48 28.45 -0.89
CA VAL G 41 -23.23 27.17 -0.23
C VAL G 41 -23.31 25.96 -1.17
N GLY G 42 -24.08 26.04 -2.26
CA GLY G 42 -24.34 24.85 -3.04
C GLY G 42 -23.08 24.18 -3.57
N GLU G 43 -22.18 24.97 -4.14
CA GLU G 43 -20.96 24.41 -4.70
C GLU G 43 -20.14 23.71 -3.63
N THR G 44 -20.02 24.32 -2.44
CA THR G 44 -19.26 23.70 -1.36
C THR G 44 -19.90 22.39 -0.92
N VAL G 45 -21.24 22.34 -0.86
CA VAL G 45 -21.89 21.12 -0.38
C VAL G 45 -21.54 19.94 -1.28
N TYR G 46 -21.57 20.13 -2.59
CA TYR G 46 -21.43 19.05 -3.55
C TYR G 46 -20.02 18.95 -4.12
N ASP G 47 -19.02 19.47 -3.41
CA ASP G 47 -17.66 19.46 -3.95
C ASP G 47 -17.08 18.06 -3.97
N ASP G 48 -17.28 17.29 -2.90
CA ASP G 48 -16.70 15.95 -2.77
C ASP G 48 -17.71 14.85 -3.03
N GLU G 49 -18.69 15.10 -3.91
CA GLU G 49 -19.73 14.11 -4.15
C GLU G 49 -19.16 12.81 -4.70
N GLN G 50 -18.20 12.89 -5.60
CA GLN G 50 -17.63 11.69 -6.20
C GLN G 50 -16.38 11.20 -5.48
N THR G 51 -15.59 12.09 -4.90
CA THR G 51 -14.36 11.65 -4.23
C THR G 51 -14.66 10.84 -2.97
N MET G 52 -15.75 11.16 -2.27
CA MET G 52 -16.14 10.44 -1.06
C MET G 52 -17.20 9.39 -1.33
N PHE G 53 -17.52 9.13 -2.59
CA PHE G 53 -18.43 8.04 -2.96
C PHE G 53 -17.62 6.76 -3.10
N VAL G 54 -17.97 5.74 -2.34
CA VAL G 54 -17.19 4.51 -2.27
C VAL G 54 -18.12 3.31 -2.34
N CYS G 55 -17.69 2.28 -3.07
CA CYS G 55 -18.43 1.03 -3.19
C CYS G 55 -17.59 -0.10 -2.62
N ASN G 56 -18.27 -1.09 -2.05
CA ASN G 56 -17.62 -2.25 -1.45
C ASN G 56 -17.30 -3.24 -2.57
N THR G 57 -16.14 -3.09 -3.18
CA THR G 57 -15.76 -3.92 -4.32
C THR G 57 -14.28 -3.73 -4.60
N LEU G 58 -13.72 -4.65 -5.39
CA LEU G 58 -12.36 -4.56 -5.87
C LEU G 58 -12.29 -4.34 -7.38
N GLN G 59 -13.43 -4.19 -8.04
CA GLN G 59 -13.47 -4.09 -9.50
C GLN G 59 -13.11 -2.68 -9.94
N PRO G 60 -12.07 -2.49 -10.74
CA PRO G 60 -11.80 -1.13 -11.27
C PRO G 60 -12.97 -0.64 -12.11
N GLY G 61 -13.29 0.64 -11.95
CA GLY G 61 -14.34 1.28 -12.71
C GLY G 61 -15.73 1.09 -12.15
N CYS G 62 -15.91 0.28 -11.10
CA CYS G 62 -17.23 0.12 -10.51
C CYS G 62 -17.69 1.39 -9.82
N ASN G 63 -16.77 2.09 -9.16
CA ASN G 63 -17.12 3.34 -8.49
C ASN G 63 -17.68 4.36 -9.47
N GLN G 64 -17.01 4.52 -10.61
CA GLN G 64 -17.44 5.53 -11.59
C GLN G 64 -18.82 5.20 -12.13
N ALA G 65 -19.03 3.96 -12.56
CA ALA G 65 -20.32 3.58 -13.12
C ALA G 65 -21.43 3.71 -12.09
N CYS G 66 -21.17 3.26 -10.86
CA CYS G 66 -22.22 3.31 -9.84
C CYS G 66 -22.56 4.75 -9.47
N TYR G 67 -21.55 5.61 -9.35
CA TYR G 67 -21.85 7.01 -9.07
C TYR G 67 -22.63 7.64 -10.21
N ASP G 68 -22.24 7.36 -11.45
CA ASP G 68 -22.95 7.93 -12.59
C ASP G 68 -24.40 7.47 -12.61
N ARG G 69 -24.65 6.21 -12.26
CA ARG G 69 -26.02 5.72 -12.23
C ARG G 69 -26.82 6.34 -11.09
N ALA G 70 -26.18 6.53 -9.92
CA ALA G 70 -26.89 7.04 -8.76
C ALA G 70 -27.25 8.51 -8.93
N PHE G 71 -26.36 9.30 -9.51
CA PHE G 71 -26.53 10.75 -9.64
C PHE G 71 -26.28 11.16 -11.08
N PRO G 72 -27.22 10.90 -11.99
CA PRO G 72 -27.00 11.27 -13.39
C PRO G 72 -26.70 12.76 -13.58
N ILE G 73 -27.40 13.62 -12.86
CA ILE G 73 -27.15 15.06 -12.88
C ILE G 73 -27.14 15.55 -11.43
N SER G 74 -26.10 16.28 -11.06
CA SER G 74 -25.99 16.79 -9.71
C SER G 74 -27.10 17.80 -9.43
N HIS G 75 -27.53 17.86 -8.17
CA HIS G 75 -28.59 18.78 -7.78
C HIS G 75 -28.19 20.22 -8.08
N ILE G 76 -26.93 20.56 -7.83
CA ILE G 76 -26.49 21.95 -7.94
C ILE G 76 -26.62 22.44 -9.38
N ARG G 77 -26.25 21.61 -10.35
CA ARG G 77 -26.33 22.02 -11.74
C ARG G 77 -27.79 22.19 -12.17
N TYR G 78 -28.66 21.28 -11.75
CA TYR G 78 -30.08 21.42 -12.04
C TYR G 78 -30.61 22.73 -11.47
N TRP G 79 -30.22 23.07 -10.24
CA TRP G 79 -30.73 24.30 -9.61
C TRP G 79 -30.18 25.54 -10.31
N VAL G 80 -28.91 25.51 -10.74
CA VAL G 80 -28.35 26.65 -11.46
C VAL G 80 -29.09 26.85 -12.78
N PHE G 81 -29.32 25.75 -13.50
CA PHE G 81 -30.09 25.83 -14.74
C PHE G 81 -31.47 26.40 -14.48
N GLN G 82 -32.14 25.93 -13.42
CA GLN G 82 -33.48 26.42 -13.11
C GLN G 82 -33.46 27.91 -12.81
N ILE G 83 -32.48 28.37 -12.03
CA ILE G 83 -32.44 29.78 -11.65
C ILE G 83 -32.25 30.66 -12.88
N ILE G 84 -31.28 30.30 -13.74
CA ILE G 84 -31.04 31.09 -14.93
C ILE G 84 -32.28 31.09 -15.83
N MET G 85 -32.88 29.92 -16.04
CA MET G 85 -34.03 29.84 -16.92
C MET G 85 -35.21 30.65 -16.38
N VAL G 86 -35.43 30.62 -15.06
CA VAL G 86 -36.52 31.38 -14.48
C VAL G 86 -36.25 32.88 -14.58
N CYS G 87 -34.98 33.28 -14.50
CA CYS G 87 -34.66 34.70 -14.66
C CYS G 87 -34.75 35.15 -16.12
N THR G 88 -34.67 34.23 -17.08
CA THR G 88 -34.63 34.62 -18.49
C THR G 88 -35.77 35.53 -18.93
N PRO G 89 -37.04 35.24 -18.62
CA PRO G 89 -38.12 36.12 -19.15
C PRO G 89 -37.99 37.57 -18.69
N SER G 90 -37.53 37.80 -17.47
CA SER G 90 -37.29 39.17 -17.03
C SER G 90 -36.21 39.83 -17.88
N LEU G 91 -35.18 39.06 -18.24
CA LEU G 91 -34.15 39.58 -19.13
C LEU G 91 -34.74 39.93 -20.49
N CYS G 92 -35.62 39.08 -21.01
CA CYS G 92 -36.27 39.38 -22.28
C CYS G 92 -37.05 40.69 -22.20
N PHE G 93 -37.82 40.86 -21.12
CA PHE G 93 -38.62 42.07 -20.96
C PHE G 93 -37.73 43.30 -20.85
N ILE G 94 -36.65 43.20 -20.07
CA ILE G 94 -35.76 44.35 -19.88
C ILE G 94 -35.09 44.72 -21.19
N THR G 95 -34.62 43.72 -21.94
CA THR G 95 -33.96 44.00 -23.21
C THR G 95 -34.94 44.59 -24.22
N TYR G 96 -36.18 44.11 -24.23
CA TYR G 96 -37.19 44.71 -25.09
C TYR G 96 -37.44 46.17 -24.71
N SER G 97 -37.53 46.46 -23.41
CA SER G 97 -37.73 47.83 -22.98
C SER G 97 -36.57 48.72 -23.41
N VAL G 98 -35.34 48.22 -23.29
CA VAL G 98 -34.18 48.99 -23.72
C VAL G 98 -34.25 49.23 -25.22
N HIS G 99 -34.62 48.21 -25.99
CA HIS G 99 -34.70 48.36 -27.44
C HIS G 99 -35.75 49.39 -27.83
N GLN G 100 -36.88 49.41 -27.12
CA GLN G 100 -37.95 50.32 -27.49
C GLN G 100 -37.51 51.77 -27.39
N SER G 101 -36.76 52.11 -26.34
CA SER G 101 -36.28 53.46 -26.14
C SER G 101 -34.92 53.62 -26.82
N ALA G 102 -34.85 54.50 -27.81
CA ALA G 102 -33.62 54.73 -28.55
C ALA G 102 -33.13 53.44 -29.21
N GLY G 194 -48.06 49.29 -25.37
CA GLY G 194 -47.01 48.46 -25.92
C GLY G 194 -46.37 47.56 -24.88
N ILE G 195 -45.61 48.17 -23.96
CA ILE G 195 -44.95 47.41 -22.92
C ILE G 195 -45.94 46.79 -21.95
N SER G 196 -47.15 47.34 -21.85
CA SER G 196 -48.13 46.79 -20.93
C SER G 196 -48.53 45.37 -21.33
N ARG G 197 -48.53 45.08 -22.63
CA ARG G 197 -48.89 43.74 -23.10
C ARG G 197 -47.80 42.73 -22.78
N PHE G 198 -46.53 43.09 -23.00
CA PHE G 198 -45.43 42.15 -22.79
C PHE G 198 -45.37 41.67 -21.35
N TYR G 199 -45.82 42.50 -20.41
CA TYR G 199 -45.73 42.14 -19.00
C TYR G 199 -46.54 40.90 -18.68
N ILE G 200 -47.75 40.81 -19.23
CA ILE G 200 -48.62 39.66 -18.94
C ILE G 200 -47.99 38.39 -19.49
N ILE G 201 -47.46 38.44 -20.71
CA ILE G 201 -46.82 37.26 -21.29
C ILE G 201 -45.61 36.85 -20.46
N GLN G 202 -44.83 37.84 -20.01
CA GLN G 202 -43.69 37.54 -19.16
C GLN G 202 -44.13 36.82 -17.89
N VAL G 203 -45.19 37.31 -17.26
CA VAL G 203 -45.67 36.69 -16.03
C VAL G 203 -46.13 35.26 -16.29
N VAL G 204 -46.85 35.05 -17.39
CA VAL G 204 -47.35 33.72 -17.71
C VAL G 204 -46.20 32.75 -17.95
N PHE G 205 -45.19 33.19 -18.70
CA PHE G 205 -44.05 32.32 -18.98
C PHE G 205 -43.27 32.01 -17.71
N ARG G 206 -43.13 33.00 -16.82
CA ARG G 206 -42.46 32.75 -15.54
C ARG G 206 -43.22 31.70 -14.74
N ASN G 207 -44.56 31.83 -14.69
CA ASN G 207 -45.37 30.84 -13.99
C ASN G 207 -45.13 29.44 -14.55
N ALA G 208 -45.20 29.31 -15.87
CA ALA G 208 -45.04 28.01 -16.50
C ALA G 208 -43.67 27.42 -16.20
N LEU G 209 -42.62 28.23 -16.32
CA LEU G 209 -41.28 27.72 -16.06
C LEU G 209 -41.11 27.27 -14.62
N GLU G 210 -41.61 28.07 -13.68
CA GLU G 210 -41.47 27.70 -12.27
C GLU G 210 -42.19 26.38 -11.97
N ILE G 211 -43.43 26.24 -12.47
CA ILE G 211 -44.16 25.01 -12.22
C ILE G 211 -43.45 23.82 -12.85
N GLY G 212 -42.99 23.99 -14.09
CA GLY G 212 -42.29 22.91 -14.75
C GLY G 212 -41.05 22.46 -14.01
N PHE G 213 -40.26 23.42 -13.52
CA PHE G 213 -39.04 23.06 -12.81
C PHE G 213 -39.34 22.40 -11.47
N LEU G 214 -40.39 22.85 -10.77
CA LEU G 214 -40.77 22.19 -9.53
C LEU G 214 -41.16 20.74 -9.78
N VAL G 215 -42.01 20.50 -10.78
CA VAL G 215 -42.42 19.14 -11.09
C VAL G 215 -41.22 18.30 -11.51
N GLY G 216 -40.32 18.89 -12.30
CA GLY G 216 -39.15 18.16 -12.73
C GLY G 216 -38.25 17.76 -11.57
N GLN G 217 -38.06 18.67 -10.61
CA GLN G 217 -37.28 18.32 -9.43
C GLN G 217 -37.92 17.17 -8.69
N TYR G 218 -39.24 17.23 -8.49
CA TYR G 218 -39.92 16.15 -7.78
C TYR G 218 -39.71 14.81 -8.48
N PHE G 219 -39.87 14.80 -9.81
CA PHE G 219 -39.81 13.54 -10.53
C PHE G 219 -38.38 13.03 -10.70
N LEU G 220 -37.39 13.92 -10.67
CA LEU G 220 -36.00 13.50 -10.83
C LEU G 220 -35.40 13.02 -9.53
N TYR G 221 -35.62 13.74 -8.44
CA TYR G 221 -34.87 13.49 -7.21
C TYR G 221 -35.73 13.05 -6.03
N GLY G 222 -37.03 13.29 -6.05
CA GLY G 222 -37.83 12.92 -4.90
C GLY G 222 -37.64 13.91 -3.76
N PHE G 223 -37.67 13.37 -2.54
CA PHE G 223 -37.60 14.20 -1.34
C PHE G 223 -36.47 13.81 -0.39
N SER G 224 -35.65 12.83 -0.74
CA SER G 224 -34.57 12.42 0.15
C SER G 224 -33.44 11.81 -0.66
N VAL G 225 -32.25 11.85 -0.07
CA VAL G 225 -31.05 11.24 -0.62
C VAL G 225 -30.66 10.09 0.30
N PRO G 226 -30.86 8.83 -0.09
CA PRO G 226 -30.53 7.72 0.81
C PRO G 226 -29.03 7.58 1.02
N GLY G 227 -28.66 7.02 2.17
CA GLY G 227 -27.26 6.80 2.48
C GLY G 227 -26.64 5.61 1.79
N LEU G 228 -27.45 4.65 1.37
CA LEU G 228 -26.98 3.46 0.66
C LEU G 228 -27.55 3.43 -0.75
N TYR G 229 -26.79 2.84 -1.66
CA TYR G 229 -27.22 2.66 -3.03
C TYR G 229 -26.88 1.25 -3.49
N GLU G 230 -27.84 0.60 -4.15
CA GLU G 230 -27.65 -0.73 -4.72
C GLU G 230 -27.38 -0.60 -6.21
N CYS G 231 -26.23 -1.09 -6.66
CA CYS G 231 -25.76 -0.84 -8.02
C CYS G 231 -25.46 -2.17 -8.71
N ASN G 232 -25.97 -2.33 -9.92
CA ASN G 232 -25.75 -3.54 -10.70
C ASN G 232 -25.38 -3.20 -12.14
N ARG G 233 -24.52 -2.21 -12.32
CA ARG G 233 -24.10 -1.76 -13.64
C ARG G 233 -22.70 -2.31 -13.95
N TYR G 234 -22.51 -2.72 -15.20
CA TYR G 234 -21.20 -3.18 -15.63
C TYR G 234 -20.17 -2.08 -15.39
N PRO G 235 -18.95 -2.41 -14.94
CA PRO G 235 -18.34 -3.72 -14.75
C PRO G 235 -18.57 -4.35 -13.37
N CYS G 236 -19.43 -3.79 -12.53
CA CYS G 236 -19.65 -4.35 -11.21
C CYS G 236 -20.24 -5.75 -11.32
N ILE G 237 -19.72 -6.68 -10.52
CA ILE G 237 -20.15 -8.07 -10.57
C ILE G 237 -21.45 -8.21 -9.78
N LYS G 238 -22.49 -8.70 -10.44
CA LYS G 238 -23.79 -8.94 -9.82
C LYS G 238 -24.27 -7.63 -9.20
N GLU G 239 -24.51 -7.55 -7.90
CA GLU G 239 -25.01 -6.36 -7.24
C GLU G 239 -24.06 -5.96 -6.12
N VAL G 240 -23.76 -4.67 -6.04
CA VAL G 240 -22.83 -4.14 -5.04
C VAL G 240 -23.53 -3.02 -4.28
N GLU G 241 -22.97 -2.71 -3.11
CA GLU G 241 -23.49 -1.68 -2.22
C GLU G 241 -22.52 -0.51 -2.20
N CYS G 242 -23.05 0.71 -2.34
CA CYS G 242 -22.25 1.92 -2.37
C CYS G 242 -22.78 2.89 -1.34
N TYR G 243 -21.92 3.79 -0.88
CA TYR G 243 -22.21 4.66 0.26
C TYR G 243 -22.02 6.12 -0.15
N VAL G 244 -23.01 6.94 0.16
CA VAL G 244 -23.08 8.31 -0.32
C VAL G 244 -22.45 9.26 0.69
N SER G 245 -22.03 10.42 0.20
CA SER G 245 -21.39 11.44 1.04
C SER G 245 -22.43 12.44 1.51
N ARG G 246 -22.42 12.72 2.82
CA ARG G 246 -23.33 13.64 3.50
C ARG G 246 -24.75 13.58 2.92
N PRO G 247 -25.43 12.44 3.01
CA PRO G 247 -26.81 12.37 2.52
C PRO G 247 -27.78 13.28 3.24
N THR G 248 -27.60 13.50 4.55
CA THR G 248 -28.57 14.28 5.31
C THR G 248 -28.57 15.74 4.89
N GLU G 249 -27.39 16.33 4.71
CA GLU G 249 -27.32 17.72 4.29
C GLU G 249 -27.92 17.90 2.90
N LYS G 250 -27.69 16.94 2.00
CA LYS G 250 -28.29 17.01 0.67
C LYS G 250 -29.80 16.88 0.74
N THR G 251 -30.32 16.04 1.64
CA THR G 251 -31.76 15.95 1.81
C THR G 251 -32.34 17.27 2.30
N VAL G 252 -31.68 17.91 3.27
CA VAL G 252 -32.13 19.20 3.76
C VAL G 252 -32.14 20.22 2.64
N PHE G 253 -31.08 20.24 1.82
CA PHE G 253 -31.02 21.17 0.70
C PHE G 253 -32.16 20.92 -0.29
N LEU G 254 -32.42 19.65 -0.59
CA LEU G 254 -33.52 19.31 -1.49
C LEU G 254 -34.84 19.85 -0.98
N VAL G 255 -35.14 19.59 0.29
CA VAL G 255 -36.43 20.01 0.85
C VAL G 255 -36.52 21.54 0.87
N PHE G 256 -35.42 22.21 1.24
CA PHE G 256 -35.44 23.67 1.29
C PHE G 256 -35.69 24.28 -0.08
N MET G 257 -35.00 23.75 -1.10
CA MET G 257 -35.20 24.27 -2.46
C MET G 257 -36.62 24.02 -2.93
N PHE G 258 -37.17 22.85 -2.62
CA PHE G 258 -38.56 22.59 -2.98
C PHE G 258 -39.51 23.58 -2.32
N ALA G 259 -39.29 23.88 -1.04
CA ALA G 259 -40.16 24.83 -0.34
C ALA G 259 -40.05 26.21 -0.95
N VAL G 260 -38.84 26.66 -1.26
CA VAL G 260 -38.67 27.99 -1.82
C VAL G 260 -39.33 28.08 -3.19
N SER G 261 -39.16 27.05 -4.02
CA SER G 261 -39.80 27.04 -5.33
C SER G 261 -41.32 27.03 -5.19
N GLY G 262 -41.85 26.31 -4.20
CA GLY G 262 -43.29 26.33 -3.99
C GLY G 262 -43.79 27.70 -3.60
N ILE G 263 -43.05 28.41 -2.74
CA ILE G 263 -43.44 29.76 -2.37
C ILE G 263 -43.43 30.67 -3.60
N CYS G 264 -42.40 30.54 -4.44
CA CYS G 264 -42.34 31.33 -5.66
C CYS G 264 -43.53 31.05 -6.56
N VAL G 265 -43.90 29.76 -6.70
CA VAL G 265 -45.03 29.39 -7.52
C VAL G 265 -46.31 30.01 -6.98
N VAL G 266 -46.49 29.96 -5.66
CA VAL G 266 -47.71 30.50 -5.07
C VAL G 266 -47.80 32.01 -5.31
N LEU G 267 -46.69 32.73 -5.11
CA LEU G 267 -46.72 34.17 -5.34
C LEU G 267 -46.98 34.49 -6.80
N ASN G 268 -46.36 33.74 -7.72
CA ASN G 268 -46.60 33.99 -9.14
C ASN G 268 -48.06 33.75 -9.49
N LEU G 269 -48.66 32.67 -8.97
CA LEU G 269 -50.07 32.41 -9.22
C LEU G 269 -50.94 33.52 -8.66
N ALA G 270 -50.61 34.01 -7.47
CA ALA G 270 -51.39 35.10 -6.89
C ALA G 270 -51.34 36.34 -7.77
N GLU G 271 -50.15 36.70 -8.25
CA GLU G 271 -50.04 37.87 -9.12
C GLU G 271 -50.81 37.66 -10.41
N LEU G 272 -50.68 36.47 -11.01
CA LEU G 272 -51.38 36.20 -12.26
C LEU G 272 -52.89 36.26 -12.08
N ASN G 273 -53.40 35.73 -10.96
CA ASN G 273 -54.83 35.83 -10.68
C ASN G 273 -55.24 37.28 -10.48
N HIS G 274 -54.40 38.07 -9.81
CA HIS G 274 -54.71 39.49 -9.65
C HIS G 274 -54.84 40.17 -11.00
N LEU G 275 -53.98 39.82 -11.95
CA LEU G 275 -54.12 40.37 -13.30
C LEU G 275 -55.48 40.02 -13.88
N GLY G 276 -55.98 38.82 -13.62
CA GLY G 276 -57.30 38.41 -14.06
C GLY G 276 -57.25 37.64 -15.37
N TRP G 277 -58.34 36.92 -15.63
CA TRP G 277 -58.39 36.02 -16.79
C TRP G 277 -58.59 36.80 -18.08
N ARG G 278 -59.42 37.84 -18.07
CA ARG G 278 -59.80 38.50 -19.31
C ARG G 278 -58.66 39.33 -19.90
N LYS G 279 -57.70 39.77 -19.09
CA LYS G 279 -56.52 40.41 -19.67
C LYS G 279 -55.60 39.39 -20.31
N ILE G 280 -55.45 38.23 -19.68
CA ILE G 280 -54.62 37.17 -20.25
C ILE G 280 -55.20 36.70 -21.58
N LYS G 281 -56.53 36.54 -21.65
CA LYS G 281 -57.15 36.04 -22.87
C LYS G 281 -56.87 36.98 -24.04
N LEU G 282 -57.02 38.28 -23.84
CA LEU G 282 -56.76 39.25 -24.90
C LEU G 282 -55.27 39.55 -25.01
N SER H 19 -40.85 40.63 -38.17
CA SER H 19 -40.45 40.21 -36.83
C SER H 19 -38.93 40.26 -36.67
N THR H 20 -38.33 41.36 -37.13
CA THR H 20 -36.89 41.53 -37.04
C THR H 20 -36.42 42.04 -35.69
N MET H 21 -37.33 42.36 -34.77
CA MET H 21 -36.96 42.82 -33.44
C MET H 21 -37.01 41.70 -32.41
N ILE H 22 -38.10 40.95 -32.38
CA ILE H 22 -38.19 39.81 -31.47
C ILE H 22 -37.03 38.86 -31.72
N GLY H 23 -36.63 38.70 -32.98
CA GLY H 23 -35.48 37.86 -33.27
C GLY H 23 -34.21 38.35 -32.58
N ARG H 24 -33.96 39.66 -32.66
CA ARG H 24 -32.78 40.21 -32.01
C ARG H 24 -32.86 40.02 -30.49
N ILE H 25 -34.03 40.27 -29.91
CA ILE H 25 -34.19 40.11 -28.46
C ILE H 25 -33.86 38.68 -28.06
N LEU H 26 -34.46 37.71 -28.77
CA LEU H 26 -34.24 36.31 -28.44
C LEU H 26 -32.78 35.92 -28.63
N LEU H 27 -32.15 36.41 -29.70
CA LEU H 27 -30.75 36.06 -29.95
C LEU H 27 -29.85 36.56 -28.82
N THR H 28 -30.06 37.82 -28.41
CA THR H 28 -29.26 38.35 -27.31
C THR H 28 -29.47 37.55 -26.03
N VAL H 29 -30.73 37.23 -25.72
CA VAL H 29 -31.02 36.49 -24.50
C VAL H 29 -30.37 35.11 -24.54
N VAL H 30 -30.44 34.44 -25.69
CA VAL H 30 -29.88 33.10 -25.80
C VAL H 30 -28.36 33.14 -25.68
N VAL H 31 -27.73 34.15 -26.28
CA VAL H 31 -26.28 34.27 -26.17
C VAL H 31 -25.88 34.44 -24.70
N ILE H 32 -26.57 35.35 -24.00
CA ILE H 32 -26.25 35.57 -22.59
C ILE H 32 -26.49 34.28 -21.79
N PHE H 33 -27.56 33.56 -22.11
CA PHE H 33 -27.86 32.33 -21.39
C PHE H 33 -26.74 31.31 -21.56
N ARG H 34 -26.27 31.12 -22.79
CA ARG H 34 -25.20 30.18 -23.05
C ARG H 34 -23.95 30.58 -22.28
N ILE H 35 -23.58 31.87 -22.35
CA ILE H 35 -22.38 32.32 -21.67
C ILE H 35 -22.48 32.04 -20.17
N LEU H 36 -23.62 32.39 -19.57
CA LEU H 36 -23.78 32.22 -18.14
C LEU H 36 -23.69 30.74 -17.75
N ILE H 37 -24.42 29.89 -18.47
CA ILE H 37 -24.42 28.46 -18.12
C ILE H 37 -23.00 27.91 -18.19
N VAL H 38 -22.31 28.16 -19.30
CA VAL H 38 -20.96 27.62 -19.44
C VAL H 38 -20.06 28.15 -18.32
N ALA H 39 -20.02 29.48 -18.16
CA ALA H 39 -19.11 30.07 -17.20
C ALA H 39 -19.37 29.57 -15.79
N ILE H 40 -20.61 29.23 -15.46
CA ILE H 40 -20.92 28.85 -14.08
C ILE H 40 -20.68 27.36 -13.84
N VAL H 41 -21.07 26.47 -14.75
CA VAL H 41 -21.05 25.04 -14.43
C VAL H 41 -19.98 24.26 -15.20
N GLY H 42 -19.57 24.72 -16.39
CA GLY H 42 -18.71 23.88 -17.23
C GLY H 42 -17.42 23.48 -16.55
N GLU H 43 -16.70 24.46 -15.98
CA GLU H 43 -15.42 24.14 -15.36
C GLU H 43 -15.60 23.11 -14.26
N THR H 44 -16.65 23.25 -13.45
CA THR H 44 -16.87 22.29 -12.36
C THR H 44 -17.18 20.91 -12.89
N VAL H 45 -17.92 20.82 -13.99
CA VAL H 45 -18.28 19.50 -14.53
C VAL H 45 -17.04 18.73 -14.93
N TYR H 46 -16.08 19.38 -15.58
CA TYR H 46 -14.92 18.72 -16.16
C TYR H 46 -13.68 18.85 -15.29
N ASP H 47 -13.86 19.04 -13.98
CA ASP H 47 -12.70 19.26 -13.12
C ASP H 47 -11.92 17.97 -12.90
N ASP H 48 -12.62 16.85 -12.65
CA ASP H 48 -11.99 15.58 -12.36
C ASP H 48 -11.98 14.64 -13.55
N GLU H 49 -11.90 15.18 -14.77
CA GLU H 49 -11.98 14.35 -15.96
C GLU H 49 -10.83 13.34 -16.01
N GLN H 50 -9.62 13.77 -15.66
CA GLN H 50 -8.47 12.87 -15.70
C GLN H 50 -8.25 12.14 -14.39
N THR H 51 -8.48 12.80 -13.25
CA THR H 51 -8.21 12.16 -11.97
C THR H 51 -9.12 10.96 -11.73
N MET H 52 -10.34 10.99 -12.26
CA MET H 52 -11.30 9.91 -12.10
C MET H 52 -11.33 8.98 -13.31
N PHE H 53 -10.44 9.17 -14.27
CA PHE H 53 -10.31 8.28 -15.41
C PHE H 53 -9.36 7.15 -15.04
N VAL H 54 -9.83 5.91 -15.13
CA VAL H 54 -9.09 4.75 -14.67
C VAL H 54 -9.17 3.64 -15.70
N CYS H 55 -8.06 2.93 -15.89
CA CYS H 55 -7.99 1.80 -16.81
C CYS H 55 -7.62 0.54 -16.04
N ASN H 56 -8.11 -0.60 -16.52
CA ASN H 56 -7.81 -1.90 -15.91
C ASN H 56 -6.45 -2.36 -16.41
N THR H 57 -5.40 -1.99 -15.70
CA THR H 57 -4.04 -2.33 -16.12
C THR H 57 -3.08 -2.01 -14.99
N LEU H 58 -1.89 -2.60 -15.07
CA LEU H 58 -0.79 -2.29 -14.18
C LEU H 58 0.33 -1.54 -14.88
N GLN H 59 0.18 -1.22 -16.16
CA GLN H 59 1.24 -0.59 -16.92
C GLN H 59 1.32 0.89 -16.56
N PRO H 60 2.46 1.39 -16.07
CA PRO H 60 2.60 2.83 -15.88
C PRO H 60 2.49 3.59 -17.19
N GLY H 61 1.76 4.70 -17.16
CA GLY H 61 1.57 5.54 -18.32
C GLY H 61 0.41 5.17 -19.21
N CYS H 62 -0.24 4.01 -18.97
CA CYS H 62 -1.37 3.64 -19.80
C CYS H 62 -2.55 4.59 -19.58
N ASN H 63 -2.77 5.02 -18.34
CA ASN H 63 -3.87 5.93 -18.05
C ASN H 63 -3.73 7.23 -18.84
N GLN H 64 -2.53 7.81 -18.84
CA GLN H 64 -2.33 9.09 -19.52
C GLN H 64 -2.56 8.94 -21.02
N ALA H 65 -1.97 7.92 -21.63
CA ALA H 65 -2.12 7.73 -23.07
C ALA H 65 -3.57 7.48 -23.45
N CYS H 66 -4.27 6.63 -22.69
CA CYS H 66 -5.64 6.31 -23.02
C CYS H 66 -6.55 7.51 -22.83
N TYR H 67 -6.35 8.29 -21.77
CA TYR H 67 -7.15 9.51 -21.61
C TYR H 67 -6.89 10.48 -22.74
N ASP H 68 -5.63 10.66 -23.12
CA ASP H 68 -5.32 11.59 -24.21
C ASP H 68 -5.97 11.15 -25.51
N ARG H 69 -5.98 9.85 -25.77
CA ARG H 69 -6.60 9.36 -27.00
C ARG H 69 -8.12 9.51 -26.93
N ALA H 70 -8.72 9.29 -25.76
CA ALA H 70 -10.17 9.33 -25.67
C ALA H 70 -10.70 10.75 -25.78
N PHE H 71 -10.02 11.72 -25.17
CA PHE H 71 -10.47 13.11 -25.13
C PHE H 71 -9.32 14.01 -25.57
N PRO H 72 -9.05 14.09 -26.89
CA PRO H 72 -7.95 14.95 -27.35
C PRO H 72 -8.10 16.40 -26.92
N ILE H 73 -9.33 16.93 -26.97
CA ILE H 73 -9.63 18.28 -26.50
C ILE H 73 -10.89 18.20 -25.66
N SER H 74 -10.83 18.76 -24.46
CA SER H 74 -11.99 18.74 -23.58
C SER H 74 -13.12 19.58 -24.17
N HIS H 75 -14.36 19.16 -23.87
CA HIS H 75 -15.51 19.89 -24.37
C HIS H 75 -15.50 21.35 -23.91
N ILE H 76 -15.11 21.57 -22.66
CA ILE H 76 -15.20 22.92 -22.08
C ILE H 76 -14.31 23.90 -22.84
N ARG H 77 -13.10 23.47 -23.19
CA ARG H 77 -12.20 24.36 -23.92
C ARG H 77 -12.72 24.66 -25.32
N TYR H 78 -13.26 23.64 -26.00
CA TYR H 78 -13.88 23.85 -27.29
C TYR H 78 -15.01 24.87 -27.20
N TRP H 79 -15.85 24.75 -26.17
CA TRP H 79 -16.99 25.67 -26.05
C TRP H 79 -16.53 27.08 -25.71
N VAL H 80 -15.50 27.22 -24.89
CA VAL H 80 -14.97 28.55 -24.58
C VAL H 80 -14.43 29.19 -25.85
N PHE H 81 -13.66 28.43 -26.63
CA PHE H 81 -13.14 28.95 -27.89
C PHE H 81 -14.28 29.37 -28.81
N GLN H 82 -15.32 28.53 -28.91
CA GLN H 82 -16.46 28.85 -29.76
C GLN H 82 -17.14 30.14 -29.31
N ILE H 83 -17.34 30.29 -28.00
CA ILE H 83 -18.05 31.48 -27.50
C ILE H 83 -17.26 32.74 -27.82
N ILE H 84 -15.96 32.72 -27.53
CA ILE H 84 -15.15 33.92 -27.81
C ILE H 84 -15.13 34.22 -29.31
N MET H 85 -14.95 33.19 -30.13
CA MET H 85 -14.87 33.42 -31.57
C MET H 85 -16.18 33.96 -32.12
N VAL H 86 -17.31 33.44 -31.63
CA VAL H 86 -18.61 33.94 -32.09
C VAL H 86 -18.82 35.37 -31.62
N CYS H 87 -18.32 35.74 -30.45
CA CYS H 87 -18.44 37.12 -30.00
C CYS H 87 -17.53 38.07 -30.76
N THR H 88 -16.44 37.56 -31.35
CA THR H 88 -15.45 38.43 -31.98
C THR H 88 -16.03 39.42 -32.99
N PRO H 89 -16.89 39.01 -33.95
CA PRO H 89 -17.36 40.00 -34.94
C PRO H 89 -18.08 41.20 -34.34
N SER H 90 -18.84 40.98 -33.27
CA SER H 90 -19.46 42.10 -32.58
C SER H 90 -18.40 43.03 -32.00
N LEU H 91 -17.30 42.47 -31.49
CA LEU H 91 -16.21 43.28 -31.01
C LEU H 91 -15.60 44.10 -32.14
N CYS H 92 -15.42 43.48 -33.31
CA CYS H 92 -14.90 44.21 -34.46
C CYS H 92 -15.82 45.39 -34.80
N PHE H 93 -17.12 45.14 -34.85
CA PHE H 93 -18.06 46.20 -35.19
C PHE H 93 -18.03 47.33 -34.16
N ILE H 94 -18.00 46.97 -32.87
CA ILE H 94 -18.01 47.99 -31.83
C ILE H 94 -16.74 48.82 -31.87
N THR H 95 -15.59 48.17 -32.06
CA THR H 95 -14.33 48.90 -32.10
C THR H 95 -14.27 49.80 -33.34
N TYR H 96 -14.80 49.33 -34.47
CA TYR H 96 -14.86 50.18 -35.65
C TYR H 96 -15.75 51.39 -35.40
N SER H 97 -16.90 51.19 -34.76
CA SER H 97 -17.78 52.31 -34.45
C SER H 97 -17.08 53.32 -33.54
N VAL H 98 -16.36 52.83 -32.54
CA VAL H 98 -15.61 53.73 -31.66
C VAL H 98 -14.56 54.50 -32.45
N HIS H 99 -13.85 53.81 -33.34
CA HIS H 99 -12.81 54.46 -34.13
C HIS H 99 -13.40 55.54 -35.03
N GLN H 100 -14.57 55.29 -35.61
CA GLN H 100 -15.17 56.27 -36.51
C GLN H 100 -15.43 57.59 -35.82
N SER H 101 -15.95 57.56 -34.60
CA SER H 101 -16.23 58.76 -33.84
C SER H 101 -14.97 59.19 -33.07
N ALA H 102 -14.48 60.38 -33.36
CA ALA H 102 -13.28 60.89 -32.71
C ALA H 102 -12.10 59.96 -32.94
N GLY H 194 -22.07 54.36 -43.96
CA GLY H 194 -20.81 53.82 -43.48
C GLY H 194 -21.01 52.63 -42.56
N ILE H 195 -21.44 52.89 -41.33
CA ILE H 195 -21.65 51.82 -40.37
C ILE H 195 -22.75 50.87 -40.85
N SER H 196 -23.70 51.38 -41.62
CA SER H 196 -24.79 50.53 -42.12
C SER H 196 -24.27 49.40 -42.98
N ARG H 197 -23.07 49.53 -43.56
CA ARG H 197 -22.51 48.46 -44.39
C ARG H 197 -21.85 47.39 -43.52
N PHE H 198 -21.05 47.81 -42.54
CA PHE H 198 -20.33 46.84 -41.71
C PHE H 198 -21.29 45.87 -41.01
N TYR H 199 -22.52 46.30 -40.74
CA TYR H 199 -23.47 45.47 -40.03
C TYR H 199 -23.78 44.19 -40.80
N ILE H 200 -23.98 44.30 -42.12
CA ILE H 200 -24.32 43.13 -42.92
C ILE H 200 -23.17 42.13 -42.91
N ILE H 201 -21.94 42.61 -43.10
CA ILE H 201 -20.78 41.73 -43.08
C ILE H 201 -20.65 41.07 -41.71
N GLN H 202 -20.89 41.84 -40.64
CA GLN H 202 -20.86 41.27 -39.30
C GLN H 202 -21.84 40.12 -39.18
N VAL H 203 -23.07 40.33 -39.65
CA VAL H 203 -24.09 39.29 -39.54
C VAL H 203 -23.68 38.05 -40.34
N VAL H 204 -23.17 38.25 -41.55
CA VAL H 204 -22.78 37.12 -42.38
C VAL H 204 -21.66 36.32 -41.71
N PHE H 205 -20.66 37.01 -41.17
CA PHE H 205 -19.55 36.31 -40.52
C PHE H 205 -20.03 35.57 -39.28
N ARG H 206 -20.94 36.18 -38.51
CA ARG H 206 -21.49 35.49 -37.35
C ARG H 206 -22.20 34.21 -37.78
N ASN H 207 -23.01 34.29 -38.85
CA ASN H 207 -23.69 33.10 -39.36
C ASN H 207 -22.67 32.01 -39.70
N ALA H 208 -21.65 32.37 -40.47
CA ALA H 208 -20.68 31.39 -40.91
C ALA H 208 -19.97 30.75 -39.71
N LEU H 209 -19.55 31.56 -38.75
CA LEU H 209 -18.85 31.03 -37.58
C LEU H 209 -19.74 30.09 -36.78
N GLU H 210 -21.00 30.47 -36.56
CA GLU H 210 -21.89 29.62 -35.79
C GLU H 210 -22.11 28.29 -36.48
N ILE H 211 -22.36 28.30 -37.78
CA ILE H 211 -22.58 27.06 -38.51
C ILE H 211 -21.33 26.19 -38.46
N GLY H 212 -20.17 26.80 -38.69
CA GLY H 212 -18.94 26.03 -38.66
C GLY H 212 -18.69 25.38 -37.32
N PHE H 213 -18.93 26.11 -36.23
CA PHE H 213 -18.69 25.54 -34.91
C PHE H 213 -19.69 24.44 -34.58
N LEU H 214 -20.95 24.58 -35.02
CA LEU H 214 -21.92 23.52 -34.80
C LEU H 214 -21.49 22.25 -35.53
N VAL H 215 -21.11 22.38 -36.80
CA VAL H 215 -20.68 21.21 -37.57
C VAL H 215 -19.43 20.60 -36.95
N GLY H 216 -18.50 21.44 -36.51
CA GLY H 216 -17.30 20.95 -35.87
C GLY H 216 -17.59 20.16 -34.61
N GLN H 217 -18.51 20.66 -33.78
CA GLN H 217 -18.89 19.91 -32.59
C GLN H 217 -19.46 18.55 -32.96
N TYR H 218 -20.36 18.53 -33.95
CA TYR H 218 -20.95 17.26 -34.34
C TYR H 218 -19.89 16.27 -34.79
N PHE H 219 -18.94 16.72 -35.61
CA PHE H 219 -17.94 15.80 -36.15
C PHE H 219 -16.87 15.44 -35.14
N LEU H 220 -16.64 16.28 -34.12
CA LEU H 220 -15.62 15.98 -33.13
C LEU H 220 -16.13 15.06 -32.04
N TYR H 221 -17.33 15.33 -31.50
CA TYR H 221 -17.79 14.65 -30.30
C TYR H 221 -19.05 13.82 -30.48
N GLY H 222 -19.78 13.98 -31.59
CA GLY H 222 -21.02 13.24 -31.72
C GLY H 222 -22.06 13.74 -30.73
N PHE H 223 -22.93 12.82 -30.30
CA PHE H 223 -24.05 13.17 -29.44
C PHE H 223 -24.03 12.48 -28.09
N SER H 224 -23.01 11.70 -27.76
CA SER H 224 -22.98 10.99 -26.50
C SER H 224 -21.54 10.74 -26.08
N VAL H 225 -21.35 10.58 -24.76
CA VAL H 225 -20.09 10.21 -24.15
C VAL H 225 -20.25 8.81 -23.58
N PRO H 226 -19.66 7.78 -24.17
CA PRO H 226 -19.82 6.43 -23.62
C PRO H 226 -19.11 6.25 -22.29
N GLY H 227 -19.62 5.32 -21.49
CA GLY H 227 -19.03 5.04 -20.20
C GLY H 227 -17.79 4.18 -20.25
N LEU H 228 -17.60 3.42 -21.33
CA LEU H 228 -16.43 2.57 -21.52
C LEU H 228 -15.64 3.05 -22.72
N TYR H 229 -14.33 2.83 -22.68
CA TYR H 229 -13.46 3.17 -23.79
C TYR H 229 -12.46 2.03 -24.01
N GLU H 230 -12.27 1.64 -25.26
CA GLU H 230 -11.32 0.61 -25.64
C GLU H 230 -10.06 1.27 -26.17
N CYS H 231 -8.92 0.99 -25.54
CA CYS H 231 -7.69 1.73 -25.80
C CYS H 231 -6.58 0.75 -26.15
N ASN H 232 -5.86 1.02 -27.25
CA ASN H 232 -4.75 0.18 -27.67
C ASN H 232 -3.55 1.04 -28.05
N ARG H 233 -3.24 2.04 -27.24
CA ARG H 233 -2.12 2.93 -27.49
C ARG H 233 -0.94 2.55 -26.60
N TYR H 234 0.26 2.61 -27.15
CA TYR H 234 1.45 2.36 -26.37
C TYR H 234 1.49 3.34 -25.19
N PRO H 235 1.93 2.89 -23.99
CA PRO H 235 2.52 1.59 -23.63
C PRO H 235 1.53 0.51 -23.24
N CYS H 236 0.22 0.71 -23.41
CA CYS H 236 -0.74 -0.31 -23.02
C CYS H 236 -0.53 -1.57 -23.85
N ILE H 237 -0.61 -2.72 -23.17
CA ILE H 237 -0.38 -4.01 -23.83
C ILE H 237 -1.66 -4.44 -24.51
N LYS H 238 -1.58 -4.70 -25.82
CA LYS H 238 -2.71 -5.16 -26.61
C LYS H 238 -3.84 -4.15 -26.45
N GLU H 239 -5.02 -4.55 -25.96
CA GLU H 239 -6.17 -3.66 -25.83
C GLU H 239 -6.67 -3.71 -24.39
N VAL H 240 -6.96 -2.53 -23.83
CA VAL H 240 -7.39 -2.40 -22.45
C VAL H 240 -8.71 -1.64 -22.41
N GLU H 241 -9.40 -1.77 -21.28
CA GLU H 241 -10.68 -1.13 -21.04
C GLU H 241 -10.50 -0.01 -20.02
N CYS H 242 -11.06 1.16 -20.31
CA CYS H 242 -10.97 2.32 -19.43
C CYS H 242 -12.37 2.84 -19.17
N TYR H 243 -12.53 3.51 -18.03
CA TYR H 243 -13.84 3.91 -17.52
C TYR H 243 -13.88 5.41 -17.31
N VAL H 244 -14.95 6.03 -17.80
CA VAL H 244 -15.03 7.49 -17.87
C VAL H 244 -15.77 8.01 -16.65
N SER H 245 -15.53 9.28 -16.33
CA SER H 245 -16.15 9.95 -15.19
C SER H 245 -17.33 10.79 -15.65
N ARG H 246 -18.47 10.63 -14.97
CA ARG H 246 -19.69 11.39 -15.24
C ARG H 246 -20.07 11.38 -16.73
N PRO H 247 -20.17 10.19 -17.35
CA PRO H 247 -20.57 10.16 -18.77
C PRO H 247 -21.94 10.76 -19.04
N THR H 248 -22.91 10.53 -18.14
CA THR H 248 -24.28 10.98 -18.40
C THR H 248 -24.39 12.50 -18.34
N GLU H 249 -23.75 13.12 -17.34
CA GLU H 249 -23.79 14.57 -17.25
C GLU H 249 -23.14 15.22 -18.45
N LYS H 250 -22.03 14.66 -18.92
CA LYS H 250 -21.35 15.20 -20.10
C LYS H 250 -22.18 15.02 -21.35
N THR H 251 -22.88 13.88 -21.46
CA THR H 251 -23.80 13.71 -22.59
C THR H 251 -24.90 14.76 -22.57
N VAL H 252 -25.48 15.01 -21.40
CA VAL H 252 -26.53 16.02 -21.28
C VAL H 252 -25.99 17.39 -21.67
N PHE H 253 -24.79 17.73 -21.19
CA PHE H 253 -24.18 19.01 -21.54
C PHE H 253 -23.96 19.12 -23.04
N LEU H 254 -23.47 18.06 -23.66
CA LEU H 254 -23.24 18.06 -25.10
C LEU H 254 -24.52 18.34 -25.86
N VAL H 255 -25.59 17.63 -25.50
CA VAL H 255 -26.86 17.79 -26.22
C VAL H 255 -27.40 19.20 -26.00
N PHE H 256 -27.31 19.71 -24.76
CA PHE H 256 -27.81 21.05 -24.48
C PHE H 256 -27.07 22.10 -25.29
N MET H 257 -25.74 22.01 -25.34
CA MET H 257 -24.97 22.97 -26.12
C MET H 257 -25.32 22.88 -27.59
N PHE H 258 -25.50 21.67 -28.12
CA PHE H 258 -25.90 21.53 -29.51
C PHE H 258 -27.25 22.22 -29.76
N ALA H 259 -28.21 22.03 -28.85
CA ALA H 259 -29.51 22.64 -29.03
C ALA H 259 -29.42 24.16 -29.02
N VAL H 260 -28.65 24.71 -28.06
CA VAL H 260 -28.53 26.17 -27.98
C VAL H 260 -27.86 26.72 -29.24
N SER H 261 -26.81 26.05 -29.71
CA SER H 261 -26.15 26.50 -30.93
C SER H 261 -27.10 26.43 -32.12
N GLY H 262 -27.92 25.40 -32.19
CA GLY H 262 -28.89 25.31 -33.27
C GLY H 262 -29.89 26.44 -33.24
N ILE H 263 -30.37 26.80 -32.05
CA ILE H 263 -31.28 27.93 -31.92
C ILE H 263 -30.61 29.21 -32.40
N CYS H 264 -29.35 29.41 -32.01
CA CYS H 264 -28.62 30.59 -32.45
C CYS H 264 -28.50 30.62 -33.96
N VAL H 265 -28.18 29.47 -34.57
CA VAL H 265 -28.07 29.40 -36.03
C VAL H 265 -29.39 29.76 -36.68
N VAL H 266 -30.50 29.23 -36.17
CA VAL H 266 -31.80 29.51 -36.76
C VAL H 266 -32.11 31.00 -36.68
N LEU H 267 -31.87 31.62 -35.53
CA LEU H 267 -32.16 33.04 -35.39
C LEU H 267 -31.28 33.87 -36.33
N ASN H 268 -29.99 33.53 -36.42
CA ASN H 268 -29.10 34.25 -37.32
C ASN H 268 -29.56 34.13 -38.76
N LEU H 269 -29.97 32.92 -39.18
CA LEU H 269 -30.45 32.73 -40.54
C LEU H 269 -31.72 33.54 -40.78
N ALA H 270 -32.61 33.59 -39.79
CA ALA H 270 -33.82 34.39 -39.95
C ALA H 270 -33.48 35.87 -40.14
N GLU H 271 -32.55 36.39 -39.34
CA GLU H 271 -32.16 37.78 -39.50
C GLU H 271 -31.53 38.02 -40.87
N LEU H 272 -30.66 37.11 -41.31
CA LEU H 272 -30.02 37.26 -42.61
C LEU H 272 -31.06 37.27 -43.73
N ASN H 273 -32.04 36.37 -43.66
CA ASN H 273 -33.09 36.34 -44.67
C ASN H 273 -33.91 37.62 -44.63
N HIS H 274 -34.14 38.16 -43.43
CA HIS H 274 -34.83 39.44 -43.33
C HIS H 274 -34.05 40.54 -44.04
N LEU H 275 -32.73 40.55 -43.90
CA LEU H 275 -31.93 41.58 -44.57
C LEU H 275 -32.12 41.53 -46.08
N GLY H 276 -32.11 40.34 -46.65
CA GLY H 276 -32.42 40.19 -48.06
C GLY H 276 -31.19 39.82 -48.88
N TRP H 277 -31.44 39.08 -49.97
CA TRP H 277 -30.37 38.68 -50.88
C TRP H 277 -29.74 39.90 -51.56
N ARG H 278 -30.58 40.84 -52.00
CA ARG H 278 -30.06 41.97 -52.78
C ARG H 278 -29.09 42.82 -51.96
N LYS H 279 -29.42 43.11 -50.71
CA LYS H 279 -28.55 43.93 -49.88
C LYS H 279 -27.22 43.23 -49.64
N ILE H 280 -27.25 41.93 -49.38
CA ILE H 280 -26.02 41.19 -49.13
C ILE H 280 -25.13 41.18 -50.38
N LYS H 281 -25.74 40.90 -51.54
CA LYS H 281 -24.94 40.75 -52.76
C LYS H 281 -24.27 42.06 -53.15
N LEU H 282 -25.00 43.16 -53.12
CA LEU H 282 -24.46 44.44 -53.54
C LEU H 282 -23.37 44.91 -52.57
N SER I 19 -5.29 50.99 -46.46
CA SER I 19 -6.08 50.14 -45.57
C SER I 19 -5.37 49.95 -44.23
N THR I 20 -5.13 51.06 -43.53
CA THR I 20 -4.49 51.02 -42.22
C THR I 20 -5.49 50.96 -41.08
N MET I 21 -6.71 51.49 -41.26
CA MET I 21 -7.66 51.49 -40.15
C MET I 21 -8.13 50.08 -39.83
N ILE I 22 -8.54 49.33 -40.85
CA ILE I 22 -8.95 47.95 -40.62
C ILE I 22 -7.82 47.14 -40.00
N GLY I 23 -6.57 47.47 -40.37
CA GLY I 23 -5.44 46.83 -39.72
C GLY I 23 -5.44 47.04 -38.22
N ARG I 24 -5.64 48.28 -37.79
CA ARG I 24 -5.66 48.56 -36.35
C ARG I 24 -6.83 47.86 -35.68
N ILE I 25 -8.00 47.86 -36.33
CA ILE I 25 -9.16 47.18 -35.75
C ILE I 25 -8.84 45.71 -35.53
N LEU I 26 -8.33 45.05 -36.57
CA LEU I 26 -8.03 43.62 -36.48
C LEU I 26 -6.95 43.35 -35.45
N LEU I 27 -5.93 44.20 -35.38
CA LEU I 27 -4.86 43.99 -34.41
C LEU I 27 -5.39 44.06 -32.99
N THR I 28 -6.21 45.07 -32.70
CA THR I 28 -6.78 45.19 -31.36
C THR I 28 -7.65 43.98 -31.04
N VAL I 29 -8.48 43.55 -31.99
CA VAL I 29 -9.36 42.42 -31.73
C VAL I 29 -8.55 41.15 -31.48
N VAL I 30 -7.50 40.93 -32.26
CA VAL I 30 -6.68 39.74 -32.10
C VAL I 30 -5.97 39.75 -30.75
N VAL I 31 -5.45 40.91 -30.34
CA VAL I 31 -4.78 41.00 -29.05
C VAL I 31 -5.74 40.66 -27.93
N ILE I 32 -6.95 41.22 -27.98
CA ILE I 32 -7.95 40.93 -26.95
C ILE I 32 -8.29 39.44 -26.96
N PHE I 33 -8.43 38.87 -28.15
CA PHE I 33 -8.77 37.46 -28.27
C PHE I 33 -7.70 36.58 -27.62
N ARG I 34 -6.43 36.85 -27.91
CA ARG I 34 -5.36 36.07 -27.32
C ARG I 34 -5.37 36.19 -25.80
N ILE I 35 -5.51 37.42 -25.29
CA ILE I 35 -5.52 37.61 -23.85
C ILE I 35 -6.65 36.81 -23.22
N LEU I 36 -7.85 36.90 -23.79
CA LEU I 36 -9.01 36.21 -23.21
C LEU I 36 -8.80 34.71 -23.21
N ILE I 37 -8.37 34.16 -24.35
CA ILE I 37 -8.20 32.70 -24.43
C ILE I 37 -7.20 32.23 -23.39
N VAL I 38 -6.04 32.88 -23.34
CA VAL I 38 -5.02 32.45 -22.38
C VAL I 38 -5.56 32.55 -20.97
N ALA I 39 -6.07 33.73 -20.60
CA ALA I 39 -6.52 33.95 -19.23
C ALA I 39 -7.59 32.96 -18.81
N ILE I 40 -8.43 32.52 -19.75
CA ILE I 40 -9.56 31.67 -19.37
C ILE I 40 -9.19 30.20 -19.32
N VAL I 41 -8.37 29.69 -20.24
CA VAL I 41 -8.15 28.25 -20.33
C VAL I 41 -6.72 27.82 -20.01
N GLY I 42 -5.72 28.67 -20.21
CA GLY I 42 -4.34 28.20 -20.12
C GLY I 42 -4.01 27.63 -18.75
N GLU I 43 -4.39 28.34 -17.69
CA GLU I 43 -4.08 27.87 -16.35
C GLU I 43 -4.69 26.51 -16.09
N THR I 44 -5.92 26.29 -16.55
CA THR I 44 -6.58 25.01 -16.31
C THR I 44 -5.93 23.89 -17.11
N VAL I 45 -5.44 24.19 -18.32
CA VAL I 45 -4.83 23.15 -19.14
C VAL I 45 -3.59 22.58 -18.43
N TYR I 46 -2.77 23.45 -17.86
CA TYR I 46 -1.48 23.06 -17.30
C TYR I 46 -1.52 22.89 -15.79
N ASP I 47 -2.69 22.64 -15.22
CA ASP I 47 -2.81 22.53 -13.77
C ASP I 47 -2.13 21.28 -13.26
N ASP I 48 -2.37 20.14 -13.91
CA ASP I 48 -1.85 18.85 -13.46
C ASP I 48 -0.63 18.39 -14.28
N GLU I 49 0.18 19.34 -14.75
CA GLU I 49 1.31 18.98 -15.59
C GLU I 49 2.29 18.09 -14.86
N GLN I 50 2.56 18.37 -13.59
CA GLN I 50 3.53 17.59 -12.84
C GLN I 50 2.90 16.45 -12.05
N THR I 51 1.67 16.62 -11.55
CA THR I 51 1.04 15.57 -10.78
C THR I 51 0.74 14.33 -11.63
N MET I 52 0.38 14.52 -12.89
CA MET I 52 0.08 13.42 -13.79
C MET I 52 1.28 13.00 -14.63
N PHE I 53 2.46 13.56 -14.36
CA PHE I 53 3.69 13.15 -15.01
C PHE I 53 4.28 11.98 -14.25
N VAL I 54 4.49 10.86 -14.93
CA VAL I 54 4.90 9.61 -14.28
C VAL I 54 6.01 8.96 -15.09
N CYS I 55 6.99 8.39 -14.39
CA CYS I 55 8.09 7.68 -15.01
C CYS I 55 8.09 6.23 -14.52
N ASN I 56 8.50 5.33 -15.41
CA ASN I 56 8.55 3.89 -15.09
C ASN I 56 9.84 3.63 -14.33
N THR I 57 9.78 3.75 -13.01
CA THR I 57 10.96 3.58 -12.17
C THR I 57 10.54 3.51 -10.72
N LEU I 58 11.46 3.01 -9.88
CA LEU I 58 11.28 2.98 -8.44
C LEU I 58 12.21 3.94 -7.72
N GLN I 59 12.98 4.73 -8.45
CA GLN I 59 13.98 5.60 -7.83
C GLN I 59 13.32 6.87 -7.30
N PRO I 60 13.41 7.15 -6.00
CA PRO I 60 12.89 8.43 -5.51
C PRO I 60 13.60 9.61 -6.15
N GLY I 61 12.83 10.64 -6.49
CA GLY I 61 13.36 11.84 -7.10
C GLY I 61 13.54 11.79 -8.60
N CYS I 62 13.30 10.65 -9.23
CA CYS I 62 13.44 10.56 -10.68
C CYS I 62 12.34 11.34 -11.39
N ASN I 63 11.12 11.29 -10.87
CA ASN I 63 10.02 12.03 -11.48
C ASN I 63 10.31 13.52 -11.51
N GLN I 64 10.79 14.07 -10.39
CA GLN I 64 11.06 15.50 -10.32
C GLN I 64 12.12 15.91 -11.33
N ALA I 65 13.24 15.18 -11.35
CA ALA I 65 14.33 15.53 -12.25
C ALA I 65 13.91 15.41 -13.71
N CYS I 66 13.22 14.32 -14.06
CA CYS I 66 12.82 14.14 -15.45
C CYS I 66 11.81 15.18 -15.88
N TYR I 67 10.84 15.52 -15.02
CA TYR I 67 9.90 16.57 -15.37
C TYR I 67 10.60 17.90 -15.55
N ASP I 68 11.54 18.23 -14.65
CA ASP I 68 12.24 19.50 -14.78
C ASP I 68 13.05 19.55 -16.06
N ARG I 69 13.63 18.42 -16.47
CA ARG I 69 14.40 18.38 -17.71
C ARG I 69 13.49 18.50 -18.93
N ALA I 70 12.31 17.88 -18.87
CA ALA I 70 11.44 17.85 -20.05
C ALA I 70 10.76 19.20 -20.28
N PHE I 71 10.39 19.89 -19.21
CA PHE I 71 9.66 21.16 -19.29
C PHE I 71 10.36 22.18 -18.40
N PRO I 72 11.50 22.73 -18.84
CA PRO I 72 12.20 23.71 -18.00
C PRO I 72 11.33 24.91 -17.63
N ILE I 73 10.54 25.40 -18.58
CA ILE I 73 9.60 26.49 -18.33
C ILE I 73 8.27 26.10 -18.96
N SER I 74 7.20 26.19 -18.19
CA SER I 74 5.87 25.84 -18.69
C SER I 74 5.45 26.81 -19.79
N HIS I 75 4.68 26.29 -20.75
CA HIS I 75 4.20 27.13 -21.85
C HIS I 75 3.42 28.32 -21.33
N ILE I 76 2.58 28.09 -20.31
CA ILE I 76 1.67 29.13 -19.85
C ILE I 76 2.43 30.34 -19.33
N ARG I 77 3.51 30.10 -18.58
CA ARG I 77 4.28 31.21 -18.03
C ARG I 77 5.01 31.98 -19.11
N TYR I 78 5.56 31.26 -20.10
CA TYR I 78 6.18 31.94 -21.24
C TYR I 78 5.16 32.81 -21.95
N TRP I 79 3.94 32.32 -22.15
CA TRP I 79 2.93 33.10 -22.87
C TRP I 79 2.48 34.30 -22.05
N VAL I 80 2.36 34.15 -20.73
CA VAL I 80 2.00 35.28 -19.89
C VAL I 80 3.07 36.36 -19.97
N PHE I 81 4.34 35.95 -19.86
CA PHE I 81 5.44 36.90 -20.00
C PHE I 81 5.39 37.60 -21.34
N GLN I 82 5.15 36.84 -22.41
CA GLN I 82 5.09 37.43 -23.74
C GLN I 82 3.97 38.46 -23.84
N ILE I 83 2.79 38.13 -23.31
CA ILE I 83 1.65 39.03 -23.42
C ILE I 83 1.94 40.34 -22.69
N ILE I 84 2.44 40.25 -21.45
CA ILE I 84 2.73 41.47 -20.70
C ILE I 84 3.80 42.28 -21.40
N MET I 85 4.87 41.63 -21.87
CA MET I 85 5.96 42.36 -22.51
C MET I 85 5.48 43.04 -23.78
N VAL I 86 4.64 42.37 -24.57
CA VAL I 86 4.14 42.97 -25.80
C VAL I 86 3.21 44.14 -25.47
N CYS I 87 2.47 44.07 -24.37
CA CYS I 87 1.61 45.19 -23.99
C CYS I 87 2.41 46.37 -23.44
N THR I 88 3.63 46.13 -22.94
CA THR I 88 4.39 47.18 -22.27
C THR I 88 4.54 48.47 -23.09
N PRO I 89 4.94 48.43 -24.37
CA PRO I 89 5.13 49.70 -25.10
C PRO I 89 3.88 50.57 -25.15
N SER I 90 2.70 49.96 -25.26
CA SER I 90 1.47 50.74 -25.22
C SER I 90 1.31 51.44 -23.87
N LEU I 91 1.67 50.74 -22.79
CA LEU I 91 1.63 51.36 -21.47
C LEU I 91 2.60 52.53 -21.39
N CYS I 92 3.80 52.37 -21.95
CA CYS I 92 4.75 53.48 -21.97
C CYS I 92 4.16 54.68 -22.69
N PHE I 93 3.58 54.46 -23.87
CA PHE I 93 2.98 55.55 -24.63
C PHE I 93 1.86 56.22 -23.85
N ILE I 94 0.99 55.42 -23.23
CA ILE I 94 -0.14 55.98 -22.51
C ILE I 94 0.33 56.80 -21.31
N THR I 95 1.30 56.28 -20.57
CA THR I 95 1.81 57.02 -19.41
C THR I 95 2.50 58.31 -19.85
N TYR I 96 3.23 58.27 -20.97
CA TYR I 96 3.84 59.49 -21.50
C TYR I 96 2.77 60.51 -21.87
N SER I 97 1.69 60.07 -22.51
CA SER I 97 0.62 60.99 -22.87
C SER I 97 -0.02 61.59 -21.62
N VAL I 98 -0.23 60.77 -20.59
CA VAL I 98 -0.78 61.29 -19.34
C VAL I 98 0.15 62.32 -18.73
N HIS I 99 1.45 62.03 -18.72
CA HIS I 99 2.41 62.96 -18.13
C HIS I 99 2.45 64.27 -18.89
N GLN I 100 2.35 64.22 -20.23
CA GLN I 100 2.45 65.45 -21.02
C GLN I 100 1.35 66.42 -20.66
N SER I 101 0.12 65.94 -20.48
CA SER I 101 -1.01 66.77 -20.12
C SER I 101 -1.07 66.88 -18.60
N ALA I 102 -0.87 68.08 -18.08
CA ALA I 102 -0.88 68.33 -16.65
C ALA I 102 0.14 67.45 -15.94
N GLY I 194 5.12 66.29 -31.03
CA GLY I 194 5.65 65.65 -29.84
C GLY I 194 5.24 64.19 -29.74
N ILE I 195 3.96 63.95 -29.47
CA ILE I 195 3.45 62.59 -29.35
C ILE I 195 3.51 61.85 -30.68
N SER I 196 3.48 62.57 -31.80
CA SER I 196 3.51 61.91 -33.10
C SER I 196 4.79 61.12 -33.29
N ARG I 197 5.90 61.57 -32.71
CA ARG I 197 7.16 60.86 -32.84
C ARG I 197 7.17 59.59 -32.01
N PHE I 198 6.67 59.64 -30.78
CA PHE I 198 6.70 58.48 -29.89
C PHE I 198 5.93 57.31 -30.49
N TYR I 199 4.90 57.59 -31.29
CA TYR I 199 4.07 56.52 -31.85
C TYR I 199 4.88 55.59 -32.74
N ILE I 200 5.76 56.15 -33.58
CA ILE I 200 6.54 55.33 -34.49
C ILE I 200 7.50 54.43 -33.71
N ILE I 201 8.15 54.97 -32.69
CA ILE I 201 9.05 54.15 -31.88
C ILE I 201 8.27 53.05 -31.16
N GLN I 202 7.08 53.38 -30.67
CA GLN I 202 6.24 52.37 -30.04
C GLN I 202 5.94 51.23 -31.02
N VAL I 203 5.58 51.58 -32.25
CA VAL I 203 5.26 50.56 -33.24
C VAL I 203 6.48 49.70 -33.53
N VAL I 204 7.64 50.34 -33.69
CA VAL I 204 8.85 49.58 -34.00
C VAL I 204 9.19 48.61 -32.89
N PHE I 205 9.11 49.08 -31.64
CA PHE I 205 9.43 48.21 -30.50
C PHE I 205 8.43 47.08 -30.39
N ARG I 206 7.14 47.35 -30.64
CA ARG I 206 6.15 46.28 -30.63
C ARG I 206 6.47 45.23 -31.68
N ASN I 207 6.83 45.67 -32.89
CA ASN I 207 7.21 44.73 -33.94
C ASN I 207 8.37 43.86 -33.49
N ALA I 208 9.43 44.49 -32.95
CA ALA I 208 10.60 43.75 -32.55
C ALA I 208 10.26 42.72 -31.47
N LEU I 209 9.49 43.13 -30.47
CA LEU I 209 9.14 42.22 -29.38
C LEU I 209 8.33 41.04 -29.89
N GLU I 210 7.34 41.32 -30.77
CA GLU I 210 6.51 40.23 -31.28
C GLU I 210 7.35 39.22 -32.06
N ILE I 211 8.22 39.71 -32.94
CA ILE I 211 9.04 38.80 -33.72
C ILE I 211 9.97 38.00 -32.81
N GLY I 212 10.59 38.67 -31.84
CA GLY I 212 11.47 37.97 -30.94
C GLY I 212 10.78 36.88 -30.16
N PHE I 213 9.57 37.16 -29.67
CA PHE I 213 8.86 36.15 -28.89
C PHE I 213 8.40 34.99 -29.76
N LEU I 214 7.99 35.26 -31.01
CA LEU I 214 7.63 34.17 -31.90
C LEU I 214 8.83 33.26 -32.17
N VAL I 215 9.98 33.85 -32.47
CA VAL I 215 11.18 33.04 -32.73
C VAL I 215 11.57 32.27 -31.47
N GLY I 216 11.48 32.91 -30.31
CA GLY I 216 11.81 32.23 -29.07
C GLY I 216 10.91 31.04 -28.80
N GLN I 217 9.61 31.19 -29.06
CA GLN I 217 8.70 30.07 -28.89
C GLN I 217 9.08 28.93 -29.81
N TYR I 218 9.37 29.25 -31.08
CA TYR I 218 9.72 28.18 -32.02
C TYR I 218 10.98 27.44 -31.56
N PHE I 219 11.99 28.18 -31.12
CA PHE I 219 13.25 27.55 -30.73
C PHE I 219 13.18 26.85 -29.37
N LEU I 220 12.26 27.26 -28.49
CA LEU I 220 12.16 26.63 -27.18
C LEU I 220 11.31 25.37 -27.23
N TYR I 221 10.16 25.42 -27.91
CA TYR I 221 9.17 24.35 -27.80
C TYR I 221 8.89 23.60 -29.09
N GLY I 222 9.25 24.15 -30.25
CA GLY I 222 8.92 23.47 -31.47
C GLY I 222 7.43 23.57 -31.78
N PHE I 223 6.89 22.53 -32.42
CA PHE I 223 5.50 22.53 -32.87
C PHE I 223 4.68 21.39 -32.28
N SER I 224 5.24 20.60 -31.36
CA SER I 224 4.48 19.48 -30.81
C SER I 224 5.02 19.13 -29.42
N VAL I 225 4.16 18.49 -28.63
CA VAL I 225 4.50 17.96 -27.32
C VAL I 225 4.40 16.44 -27.42
N PRO I 226 5.51 15.71 -27.44
CA PRO I 226 5.43 14.25 -27.56
C PRO I 226 4.85 13.62 -26.31
N GLY I 227 4.20 12.47 -26.49
CA GLY I 227 3.61 11.75 -25.38
C GLY I 227 4.62 10.98 -24.54
N LEU I 228 5.79 10.67 -25.09
CA LEU I 228 6.84 9.96 -24.39
C LEU I 228 8.05 10.86 -24.23
N TYR I 229 8.82 10.61 -23.18
CA TYR I 229 10.06 11.35 -22.95
C TYR I 229 11.12 10.38 -22.44
N GLU I 230 12.33 10.49 -22.98
CA GLU I 230 13.46 9.66 -22.56
C GLU I 230 14.36 10.49 -21.68
N CYS I 231 14.57 10.06 -20.43
CA CYS I 231 15.23 10.86 -19.42
C CYS I 231 16.41 10.08 -18.86
N ASN I 232 17.57 10.73 -18.79
CA ASN I 232 18.78 10.11 -18.25
C ASN I 232 19.48 11.05 -17.28
N ARG I 233 18.72 11.71 -16.43
CA ARG I 233 19.26 12.65 -15.46
C ARG I 233 19.32 12.00 -14.08
N TYR I 234 20.38 12.29 -13.34
CA TYR I 234 20.51 11.79 -11.99
C TYR I 234 19.31 12.25 -11.17
N PRO I 235 18.76 11.41 -10.27
CA PRO I 235 19.22 10.08 -9.83
C PRO I 235 18.70 8.91 -10.64
N CYS I 236 18.04 9.15 -11.77
CA CYS I 236 17.52 8.03 -12.55
C CYS I 236 18.65 7.15 -13.04
N ILE I 237 18.46 5.85 -12.93
CA ILE I 237 19.48 4.88 -13.29
C ILE I 237 19.50 4.73 -14.81
N LYS I 238 20.66 4.99 -15.42
CA LYS I 238 20.79 4.89 -16.86
C LYS I 238 19.74 5.75 -17.54
N GLU I 239 18.83 5.15 -18.30
CA GLU I 239 17.83 5.90 -19.08
C GLU I 239 16.46 5.30 -18.83
N VAL I 240 15.49 6.17 -18.55
CA VAL I 240 14.13 5.76 -18.19
C VAL I 240 13.14 6.44 -19.13
N GLU I 241 11.92 5.92 -19.13
CA GLU I 241 10.83 6.42 -19.97
C GLU I 241 9.78 7.07 -19.09
N CYS I 242 9.32 8.26 -19.50
CA CYS I 242 8.33 9.02 -18.77
C CYS I 242 7.19 9.39 -19.70
N TYR I 243 6.01 9.60 -19.13
CA TYR I 243 4.78 9.77 -19.88
C TYR I 243 4.13 11.11 -19.52
N VAL I 244 3.73 11.85 -20.55
CA VAL I 244 3.29 13.23 -20.38
C VAL I 244 1.77 13.26 -20.25
N SER I 245 1.26 14.34 -19.66
CA SER I 245 -0.17 14.54 -19.43
C SER I 245 -0.76 15.39 -20.55
N ARG I 246 -1.87 14.92 -21.12
CA ARG I 246 -2.56 15.54 -22.24
C ARG I 246 -1.61 16.21 -23.24
N PRO I 247 -0.76 15.42 -23.90
CA PRO I 247 0.12 16.00 -24.94
C PRO I 247 -0.64 16.60 -26.12
N THR I 248 -1.77 16.04 -26.51
CA THR I 248 -2.47 16.51 -27.70
C THR I 248 -3.04 17.91 -27.50
N GLU I 249 -3.67 18.14 -26.35
CA GLU I 249 -4.23 19.46 -26.08
C GLU I 249 -3.13 20.51 -26.03
N LYS I 250 -1.98 20.18 -25.44
CA LYS I 250 -0.87 21.12 -25.39
C LYS I 250 -0.31 21.39 -26.78
N THR I 251 -0.25 20.36 -27.64
CA THR I 251 0.16 20.59 -29.03
C THR I 251 -0.79 21.55 -29.73
N VAL I 252 -2.10 21.36 -29.55
CA VAL I 252 -3.08 22.24 -30.17
C VAL I 252 -2.89 23.67 -29.66
N PHE I 253 -2.70 23.82 -28.35
CA PHE I 253 -2.49 25.15 -27.78
C PHE I 253 -1.25 25.80 -28.35
N LEU I 254 -0.15 25.04 -28.46
CA LEU I 254 1.09 25.56 -29.02
C LEU I 254 0.87 26.08 -30.43
N VAL I 255 0.23 25.27 -31.28
CA VAL I 255 0.03 25.67 -32.67
C VAL I 255 -0.88 26.89 -32.75
N PHE I 256 -1.93 26.92 -31.94
CA PHE I 256 -2.85 28.06 -31.96
C PHE I 256 -2.15 29.35 -31.55
N MET I 257 -1.35 29.30 -30.49
CA MET I 257 -0.63 30.49 -30.06
C MET I 257 0.36 30.93 -31.13
N PHE I 258 1.05 29.99 -31.77
CA PHE I 258 1.96 30.37 -32.84
C PHE I 258 1.21 31.07 -33.97
N ALA I 259 0.05 30.54 -34.36
CA ALA I 259 -0.73 31.17 -35.43
C ALA I 259 -1.17 32.58 -35.05
N VAL I 260 -1.66 32.76 -33.82
CA VAL I 260 -2.12 34.07 -33.39
C VAL I 260 -0.96 35.06 -33.38
N SER I 261 0.20 34.64 -32.88
CA SER I 261 1.36 35.52 -32.87
C SER I 261 1.80 35.86 -34.28
N GLY I 262 1.72 34.90 -35.20
CA GLY I 262 2.06 35.20 -36.58
C GLY I 262 1.12 36.22 -37.20
N ILE I 263 -0.17 36.11 -36.91
CA ILE I 263 -1.13 37.10 -37.41
C ILE I 263 -0.79 38.48 -36.84
N CYS I 264 -0.48 38.54 -35.55
CA CYS I 264 -0.11 39.81 -34.94
C CYS I 264 1.12 40.40 -35.61
N VAL I 265 2.12 39.55 -35.89
CA VAL I 265 3.34 40.02 -36.55
C VAL I 265 3.01 40.58 -37.93
N VAL I 266 2.16 39.88 -38.68
CA VAL I 266 1.83 40.34 -40.03
C VAL I 266 1.12 41.69 -39.97
N LEU I 267 0.15 41.83 -39.07
CA LEU I 267 -0.55 43.11 -38.96
C LEU I 267 0.39 44.24 -38.54
N ASN I 268 1.29 43.96 -37.59
CA ASN I 268 2.24 44.97 -37.16
C ASN I 268 3.15 45.40 -38.30
N LEU I 269 3.62 44.42 -39.09
CA LEU I 269 4.46 44.75 -40.23
C LEU I 269 3.70 45.57 -41.25
N ALA I 270 2.43 45.24 -41.48
CA ALA I 270 1.63 46.01 -42.43
C ALA I 270 1.51 47.46 -41.97
N GLU I 271 1.22 47.68 -40.68
CA GLU I 271 1.10 49.04 -40.18
C GLU I 271 2.44 49.78 -40.29
N LEU I 272 3.54 49.12 -39.93
CA LEU I 272 4.84 49.75 -39.99
C LEU I 272 5.21 50.13 -41.43
N ASN I 273 4.90 49.25 -42.39
CA ASN I 273 5.13 49.57 -43.79
C ASN I 273 4.25 50.74 -44.23
N HIS I 274 3.01 50.78 -43.78
CA HIS I 274 2.14 51.90 -44.11
C HIS I 274 2.75 53.21 -43.63
N LEU I 275 3.35 53.19 -42.43
CA LEU I 275 4.05 54.39 -41.96
C LEU I 275 5.17 54.78 -42.94
N GLY I 276 5.87 53.79 -43.46
CA GLY I 276 6.90 54.03 -44.46
C GLY I 276 8.28 54.21 -43.85
N TRP I 277 9.30 54.09 -44.70
CA TRP I 277 10.67 54.06 -44.23
C TRP I 277 11.19 55.44 -43.85
N ARG I 278 10.79 56.48 -44.60
CA ARG I 278 11.41 57.78 -44.40
C ARG I 278 10.97 58.42 -43.08
N LYS I 279 9.80 58.05 -42.57
CA LYS I 279 9.39 58.54 -41.25
C LYS I 279 10.14 57.81 -40.15
N ILE I 280 10.32 56.50 -40.29
CA ILE I 280 11.09 55.74 -39.31
C ILE I 280 12.52 56.25 -39.24
N LYS I 281 13.13 56.51 -40.39
CA LYS I 281 14.52 56.94 -40.42
C LYS I 281 14.71 58.25 -39.66
N LEU I 282 13.81 59.21 -39.86
CA LEU I 282 13.91 60.49 -39.16
C LEU I 282 13.28 60.39 -37.79
N SER J 19 16.71 64.26 -19.51
CA SER J 19 15.61 63.39 -19.92
C SER J 19 14.98 62.72 -18.69
N THR J 20 14.52 63.53 -17.74
CA THR J 20 13.91 62.97 -16.53
C THR J 20 12.55 62.35 -16.83
N MET J 21 11.77 62.96 -17.73
CA MET J 21 10.40 62.50 -17.93
C MET J 21 10.37 61.04 -18.35
N ILE J 22 11.13 60.70 -19.40
CA ILE J 22 11.16 59.32 -19.86
C ILE J 22 11.64 58.40 -18.74
N GLY J 23 12.50 58.92 -17.86
CA GLY J 23 12.87 58.14 -16.69
C GLY J 23 11.69 57.78 -15.83
N ARG J 24 10.80 58.74 -15.59
CA ARG J 24 9.59 58.47 -14.82
C ARG J 24 8.71 57.44 -15.54
N ILE J 25 8.53 57.61 -16.85
CA ILE J 25 7.71 56.64 -17.59
C ILE J 25 8.27 55.24 -17.43
N LEU J 26 9.59 55.10 -17.64
CA LEU J 26 10.21 53.79 -17.60
C LEU J 26 10.13 53.19 -16.21
N LEU J 27 10.37 53.98 -15.17
CA LEU J 27 10.29 53.47 -13.81
C LEU J 27 8.89 52.98 -13.49
N THR J 28 7.87 53.77 -13.85
CA THR J 28 6.50 53.38 -13.57
C THR J 28 6.13 52.09 -14.30
N VAL J 29 6.50 51.99 -15.57
CA VAL J 29 6.13 50.79 -16.33
C VAL J 29 6.87 49.57 -15.80
N VAL J 30 8.13 49.73 -15.38
CA VAL J 30 8.87 48.61 -14.83
C VAL J 30 8.24 48.13 -13.53
N VAL J 31 7.85 49.07 -12.66
CA VAL J 31 7.20 48.68 -11.40
C VAL J 31 5.92 47.92 -11.67
N ILE J 32 5.09 48.44 -12.59
CA ILE J 32 3.84 47.78 -12.92
C ILE J 32 4.11 46.39 -13.50
N PHE J 33 5.14 46.28 -14.34
CA PHE J 33 5.48 44.99 -14.94
C PHE J 33 5.85 43.97 -13.89
N ARG J 34 6.69 44.37 -12.93
CA ARG J 34 7.06 43.46 -11.86
C ARG J 34 5.84 43.00 -11.07
N ILE J 35 4.98 43.96 -10.70
CA ILE J 35 3.81 43.62 -9.91
C ILE J 35 2.94 42.63 -10.67
N LEU J 36 2.68 42.90 -11.95
CA LEU J 36 1.81 42.04 -12.73
C LEU J 36 2.39 40.63 -12.86
N ILE J 37 3.67 40.53 -13.20
CA ILE J 37 4.29 39.22 -13.38
C ILE J 37 4.19 38.41 -12.09
N VAL J 38 4.59 39.02 -10.97
CA VAL J 38 4.55 38.29 -9.71
C VAL J 38 3.12 37.86 -9.40
N ALA J 39 2.19 38.81 -9.41
CA ALA J 39 0.82 38.52 -9.03
C ALA J 39 0.21 37.44 -9.89
N ILE J 40 0.60 37.35 -11.16
CA ILE J 40 -0.06 36.40 -12.05
C ILE J 40 0.56 35.02 -11.99
N VAL J 41 1.89 34.89 -11.91
CA VAL J 41 2.52 33.58 -12.06
C VAL J 41 3.20 33.08 -10.78
N GLY J 42 3.66 33.97 -9.90
CA GLY J 42 4.50 33.52 -8.79
C GLY J 42 3.80 32.50 -7.90
N GLU J 43 2.54 32.77 -7.54
CA GLU J 43 1.83 31.87 -6.66
C GLU J 43 1.70 30.48 -7.28
N THR J 44 1.40 30.43 -8.58
CA THR J 44 1.25 29.14 -9.24
C THR J 44 2.58 28.39 -9.31
N VAL J 45 3.69 29.11 -9.50
CA VAL J 45 4.98 28.44 -9.60
C VAL J 45 5.31 27.68 -8.32
N TYR J 46 5.06 28.30 -7.17
CA TYR J 46 5.46 27.76 -5.88
C TYR J 46 4.33 27.04 -5.16
N ASP J 47 3.33 26.55 -5.88
CA ASP J 47 2.19 25.92 -5.23
C ASP J 47 2.55 24.56 -4.65
N ASP J 48 3.31 23.75 -5.37
CA ASP J 48 3.65 22.40 -4.95
C ASP J 48 5.08 22.30 -4.43
N GLU J 49 5.61 23.38 -3.87
CA GLU J 49 7.00 23.38 -3.41
C GLU J 49 7.25 22.30 -2.38
N GLN J 50 6.32 22.13 -1.42
CA GLN J 50 6.48 21.14 -0.37
C GLN J 50 5.83 19.80 -0.71
N THR J 51 4.76 19.82 -1.51
CA THR J 51 4.09 18.57 -1.85
C THR J 51 4.95 17.69 -2.74
N MET J 52 5.77 18.29 -3.61
CA MET J 52 6.63 17.55 -4.51
C MET J 52 8.07 17.47 -4.02
N PHE J 53 8.33 17.89 -2.79
CA PHE J 53 9.64 17.74 -2.18
C PHE J 53 9.76 16.35 -1.58
N VAL J 54 10.76 15.59 -2.00
CA VAL J 54 10.91 14.19 -1.62
C VAL J 54 12.33 13.94 -1.14
N CYS J 55 12.46 13.16 -0.08
CA CYS J 55 13.76 12.74 0.45
C CYS J 55 13.84 11.22 0.41
N ASN J 56 15.04 10.72 0.15
CA ASN J 56 15.29 9.27 0.08
C ASN J 56 15.51 8.75 1.50
N THR J 57 14.43 8.39 2.16
CA THR J 57 14.50 7.91 3.54
C THR J 57 13.15 7.32 3.92
N LEU J 58 13.15 6.62 5.06
CA LEU J 58 11.93 6.08 5.65
C LEU J 58 11.58 6.74 6.97
N GLN J 59 12.38 7.70 7.43
CA GLN J 59 12.16 8.35 8.72
C GLN J 59 10.94 9.26 8.64
N PRO J 60 9.89 9.04 9.44
CA PRO J 60 8.80 10.02 9.46
C PRO J 60 9.28 11.37 9.98
N GLY J 61 8.83 12.43 9.30
CA GLY J 61 9.20 13.78 9.67
C GLY J 61 10.46 14.31 9.04
N CYS J 62 11.22 13.47 8.33
CA CYS J 62 12.44 13.94 7.69
C CYS J 62 12.14 14.91 6.55
N ASN J 63 11.06 14.65 5.81
CA ASN J 63 10.68 15.53 4.71
C ASN J 63 10.42 16.94 5.21
N GLN J 64 9.65 17.06 6.30
CA GLN J 64 9.30 18.38 6.82
C GLN J 64 10.54 19.15 7.25
N ALA J 65 11.42 18.51 8.03
CA ALA J 65 12.61 19.19 8.53
C ALA J 65 13.53 19.58 7.37
N CYS J 66 13.72 18.68 6.41
CA CYS J 66 14.62 18.97 5.31
C CYS J 66 14.08 20.10 4.44
N TYR J 67 12.77 20.09 4.16
CA TYR J 67 12.20 21.21 3.39
C TYR J 67 12.35 22.52 4.15
N ASP J 68 12.08 22.50 5.45
CA ASP J 68 12.17 23.74 6.23
C ASP J 68 13.59 24.30 6.23
N ARG J 69 14.58 23.42 6.37
CA ARG J 69 15.97 23.90 6.36
C ARG J 69 16.41 24.33 4.96
N ALA J 70 15.88 23.70 3.92
CA ALA J 70 16.29 24.05 2.56
C ALA J 70 15.68 25.38 2.12
N PHE J 71 14.43 25.64 2.49
CA PHE J 71 13.70 26.84 2.06
C PHE J 71 13.08 27.50 3.27
N PRO J 72 13.89 28.17 4.10
CA PRO J 72 13.33 28.82 5.30
C PRO J 72 12.19 29.78 4.99
N ILE J 73 12.33 30.57 3.93
CA ILE J 73 11.28 31.47 3.48
C ILE J 73 11.15 31.33 1.97
N SER J 74 9.93 31.12 1.49
CA SER J 74 9.71 30.96 0.06
C SER J 74 10.03 32.26 -0.68
N HIS J 75 10.52 32.11 -1.91
CA HIS J 75 10.85 33.29 -2.71
C HIS J 75 9.64 34.20 -2.88
N ILE J 76 8.47 33.62 -3.08
CA ILE J 76 7.29 34.40 -3.41
C ILE J 76 6.93 35.34 -2.27
N ARG J 77 7.03 34.86 -1.04
CA ARG J 77 6.70 35.71 0.11
C ARG J 77 7.70 36.84 0.27
N TYR J 78 8.99 36.55 0.08
CA TYR J 78 10.00 37.61 0.12
C TYR J 78 9.72 38.66 -0.93
N TRP J 79 9.33 38.23 -2.14
CA TRP J 79 9.08 39.19 -3.21
C TRP J 79 7.82 40.02 -2.94
N VAL J 80 6.79 39.40 -2.36
CA VAL J 80 5.59 40.16 -2.00
C VAL J 80 5.94 41.21 -0.95
N PHE J 81 6.70 40.82 0.06
CA PHE J 81 7.15 41.77 1.07
C PHE J 81 7.92 42.92 0.44
N GLN J 82 8.85 42.59 -0.46
CA GLN J 82 9.64 43.62 -1.12
C GLN J 82 8.76 44.58 -1.90
N ILE J 83 7.80 44.06 -2.65
CA ILE J 83 6.96 44.91 -3.49
C ILE J 83 6.16 45.87 -2.62
N ILE J 84 5.51 45.34 -1.56
CA ILE J 84 4.71 46.20 -0.71
C ILE J 84 5.58 47.25 -0.03
N MET J 85 6.75 46.84 0.47
CA MET J 85 7.61 47.77 1.17
C MET J 85 8.10 48.89 0.26
N VAL J 86 8.51 48.56 -0.97
CA VAL J 86 8.98 49.60 -1.88
C VAL J 86 7.82 50.48 -2.32
N CYS J 87 6.59 49.97 -2.33
CA CYS J 87 5.45 50.81 -2.64
C CYS J 87 5.08 51.75 -1.50
N THR J 88 5.43 51.39 -0.26
CA THR J 88 5.00 52.16 0.91
C THR J 88 5.30 53.66 0.81
N PRO J 89 6.52 54.10 0.48
CA PRO J 89 6.78 55.56 0.49
C PRO J 89 5.88 56.36 -0.43
N SER J 90 5.52 55.80 -1.59
CA SER J 90 4.56 56.46 -2.45
C SER J 90 3.21 56.62 -1.75
N LEU J 91 2.81 55.60 -0.99
CA LEU J 91 1.58 55.71 -0.22
C LEU J 91 1.69 56.81 0.83
N CYS J 92 2.84 56.92 1.50
CA CYS J 92 3.04 58.00 2.46
C CYS J 92 2.86 59.35 1.78
N PHE J 93 3.49 59.53 0.62
CA PHE J 93 3.41 60.80 -0.08
C PHE J 93 1.98 61.11 -0.51
N ILE J 94 1.26 60.10 -1.03
CA ILE J 94 -0.10 60.31 -1.49
C ILE J 94 -1.01 60.66 -0.32
N THR J 95 -0.85 59.97 0.81
CA THR J 95 -1.68 60.26 1.97
C THR J 95 -1.40 61.66 2.51
N TYR J 96 -0.13 62.07 2.52
CA TYR J 96 0.19 63.44 2.91
C TYR J 96 -0.47 64.45 1.98
N SER J 97 -0.40 64.21 0.68
CA SER J 97 -1.03 65.12 -0.28
C SER J 97 -2.53 65.21 -0.05
N VAL J 98 -3.18 64.07 0.21
CA VAL J 98 -4.61 64.07 0.47
C VAL J 98 -4.91 64.86 1.73
N HIS J 99 -4.10 64.66 2.79
CA HIS J 99 -4.34 65.38 4.03
C HIS J 99 -4.17 66.88 3.85
N GLN J 100 -3.23 67.29 3.00
CA GLN J 100 -2.95 68.73 2.85
C GLN J 100 -4.19 69.48 2.38
N SER J 101 -4.92 68.92 1.41
CA SER J 101 -6.11 69.56 0.88
C SER J 101 -7.32 69.14 1.69
N ALA J 102 -8.08 70.12 2.18
CA ALA J 102 -9.28 69.86 2.97
C ALA J 102 -8.94 69.02 4.19
N GLY J 194 6.01 73.20 -0.01
CA GLY J 194 5.31 72.22 0.80
C GLY J 194 5.41 70.82 0.24
N ILE J 195 4.59 70.53 -0.76
CA ILE J 195 4.61 69.21 -1.38
C ILE J 195 5.92 68.99 -2.13
N SER J 196 6.51 70.05 -2.67
CA SER J 196 7.74 69.91 -3.45
C SER J 196 8.90 69.37 -2.62
N ARG J 197 8.82 69.48 -1.29
CA ARG J 197 9.89 69.01 -0.42
C ARG J 197 9.80 67.51 -0.15
N PHE J 198 8.60 67.03 0.18
CA PHE J 198 8.43 65.62 0.56
C PHE J 198 8.89 64.69 -0.55
N TYR J 199 8.83 65.13 -1.80
CA TYR J 199 9.10 64.24 -2.93
C TYR J 199 10.53 63.72 -2.91
N ILE J 200 11.50 64.58 -2.59
CA ILE J 200 12.89 64.16 -2.61
C ILE J 200 13.18 63.16 -1.50
N ILE J 201 12.58 63.37 -0.32
CA ILE J 201 12.76 62.41 0.76
C ILE J 201 12.13 61.08 0.39
N GLN J 202 10.96 61.11 -0.26
CA GLN J 202 10.34 59.87 -0.72
C GLN J 202 11.24 59.16 -1.72
N VAL J 203 11.86 59.91 -2.63
CA VAL J 203 12.74 59.31 -3.63
C VAL J 203 13.93 58.64 -2.94
N VAL J 204 14.53 59.34 -1.98
CA VAL J 204 15.70 58.79 -1.29
C VAL J 204 15.34 57.51 -0.55
N PHE J 205 14.20 57.52 0.14
CA PHE J 205 13.79 56.34 0.89
C PHE J 205 13.49 55.18 -0.05
N ARG J 206 12.83 55.45 -1.18
CA ARG J 206 12.57 54.39 -2.14
C ARG J 206 13.88 53.78 -2.64
N ASN J 207 14.86 54.62 -2.97
CA ASN J 207 16.13 54.12 -3.47
C ASN J 207 16.81 53.25 -2.43
N ALA J 208 16.84 53.70 -1.18
CA ALA J 208 17.48 52.93 -0.13
C ALA J 208 16.79 51.59 0.08
N LEU J 209 15.45 51.59 0.09
CA LEU J 209 14.72 50.35 0.28
C LEU J 209 14.99 49.38 -0.85
N GLU J 210 14.99 49.86 -2.10
CA GLU J 210 15.23 48.98 -3.23
C GLU J 210 16.62 48.36 -3.16
N ILE J 211 17.63 49.18 -2.85
CA ILE J 211 18.98 48.66 -2.77
C ILE J 211 19.08 47.60 -1.67
N GLY J 212 18.49 47.89 -0.51
CA GLY J 212 18.54 46.94 0.59
C GLY J 212 17.89 45.62 0.23
N PHE J 213 16.72 45.67 -0.41
CA PHE J 213 16.04 44.44 -0.77
C PHE J 213 16.82 43.66 -1.83
N LEU J 214 17.44 44.34 -2.78
CA LEU J 214 18.25 43.65 -3.78
C LEU J 214 19.42 42.93 -3.12
N VAL J 215 20.12 43.62 -2.23
CA VAL J 215 21.26 43.00 -1.55
C VAL J 215 20.80 41.82 -0.70
N GLY J 216 19.67 41.99 0.00
CA GLY J 216 19.16 40.90 0.80
C GLY J 216 18.79 39.69 -0.02
N GLN J 217 18.16 39.91 -1.18
CA GLN J 217 17.86 38.81 -2.08
C GLN J 217 19.14 38.06 -2.45
N TYR J 218 20.17 38.79 -2.86
CA TYR J 218 21.40 38.12 -3.28
C TYR J 218 21.99 37.31 -2.13
N PHE J 219 22.04 37.91 -0.93
CA PHE J 219 22.69 37.23 0.18
C PHE J 219 21.85 36.11 0.76
N LEU J 220 20.55 36.09 0.50
CA LEU J 220 19.65 35.10 1.06
C LEU J 220 19.40 33.91 0.16
N TYR J 221 19.38 34.11 -1.17
CA TYR J 221 19.04 33.04 -2.09
C TYR J 221 20.10 32.75 -3.14
N GLY J 222 21.03 33.65 -3.39
CA GLY J 222 21.99 33.41 -4.45
C GLY J 222 21.35 33.58 -5.82
N PHE J 223 21.95 32.93 -6.81
CA PHE J 223 21.53 33.06 -8.20
C PHE J 223 21.02 31.76 -8.80
N SER J 224 20.85 30.71 -8.01
CA SER J 224 20.41 29.44 -8.56
C SER J 224 19.71 28.62 -7.49
N VAL J 225 18.83 27.73 -7.93
CA VAL J 225 18.14 26.78 -7.06
C VAL J 225 18.57 25.38 -7.47
N PRO J 226 19.39 24.69 -6.68
CA PRO J 226 19.87 23.36 -7.11
C PRO J 226 18.77 22.31 -7.04
N GLY J 227 18.90 21.30 -7.90
CA GLY J 227 17.95 20.20 -7.91
C GLY J 227 18.14 19.20 -6.79
N LEU J 228 19.33 19.17 -6.20
CA LEU J 228 19.65 18.26 -5.11
C LEU J 228 19.90 19.06 -3.84
N TYR J 229 19.52 18.49 -2.70
CA TYR J 229 19.79 19.09 -1.41
C TYR J 229 20.33 18.03 -0.46
N GLU J 230 21.35 18.40 0.30
CA GLU J 230 21.96 17.53 1.30
C GLU J 230 21.46 17.96 2.68
N CYS J 231 20.67 17.10 3.32
CA CYS J 231 19.99 17.44 4.55
C CYS J 231 20.59 16.63 5.70
N ASN J 232 20.88 17.30 6.81
CA ASN J 232 21.65 16.72 7.90
C ASN J 232 20.97 17.02 9.24
N ARG J 233 19.65 17.23 9.21
CA ARG J 233 18.93 17.77 10.37
C ARG J 233 18.03 16.69 10.97
N TYR J 234 17.94 16.70 12.30
CA TYR J 234 17.12 15.73 13.00
C TYR J 234 15.67 15.86 12.56
N PRO J 235 14.91 14.75 12.46
CA PRO J 235 15.22 13.36 12.82
C PRO J 235 15.87 12.53 11.73
N CYS J 236 16.28 13.13 10.62
CA CYS J 236 16.88 12.36 9.54
C CYS J 236 18.13 11.63 10.02
N ILE J 237 18.20 10.33 9.73
CA ILE J 237 19.36 9.54 10.15
C ILE J 237 20.58 10.00 9.37
N LYS J 238 21.61 10.45 10.08
CA LYS J 238 22.89 10.82 9.47
C LYS J 238 22.60 11.86 8.40
N GLU J 239 23.10 11.70 7.17
CA GLU J 239 22.86 12.64 6.09
C GLU J 239 21.99 11.99 5.02
N VAL J 240 21.03 12.75 4.50
CA VAL J 240 20.08 12.27 3.50
C VAL J 240 20.11 13.21 2.30
N GLU J 241 19.59 12.72 1.18
CA GLU J 241 19.55 13.45 -0.07
C GLU J 241 18.10 13.68 -0.45
N CYS J 242 17.76 14.93 -0.79
CA CYS J 242 16.40 15.32 -1.11
C CYS J 242 16.38 15.99 -2.47
N TYR J 243 15.21 15.96 -3.11
CA TYR J 243 15.06 16.39 -4.49
C TYR J 243 14.00 17.47 -4.58
N VAL J 244 14.31 18.53 -5.34
CA VAL J 244 13.52 19.75 -5.35
C VAL J 244 12.59 19.73 -6.55
N SER J 245 11.52 20.52 -6.46
CA SER J 245 10.50 20.60 -7.51
C SER J 245 10.75 21.84 -8.36
N ARG J 246 10.78 21.65 -9.68
CA ARG J 246 10.99 22.72 -10.65
C ARG J 246 12.17 23.63 -10.29
N PRO J 247 13.37 23.08 -10.12
CA PRO J 247 14.53 23.94 -9.85
C PRO J 247 14.84 24.93 -10.96
N THR J 248 14.63 24.55 -12.22
CA THR J 248 15.01 25.42 -13.33
C THR J 248 14.10 26.62 -13.44
N GLU J 249 12.78 26.41 -13.33
CA GLU J 249 11.86 27.52 -13.40
C GLU J 249 12.10 28.50 -12.26
N LYS J 250 12.38 27.98 -11.06
CA LYS J 250 12.65 28.85 -9.92
C LYS J 250 13.95 29.62 -10.10
N THR J 251 14.96 28.99 -10.70
CA THR J 251 16.20 29.71 -11.01
C THR J 251 15.94 30.84 -11.99
N VAL J 252 15.14 30.58 -13.03
CA VAL J 252 14.82 31.62 -14.00
C VAL J 252 14.08 32.76 -13.33
N PHE J 253 13.12 32.44 -12.46
CA PHE J 253 12.38 33.47 -11.74
C PHE J 253 13.31 34.31 -10.86
N LEU J 254 14.22 33.64 -10.16
CA LEU J 254 15.19 34.36 -9.32
C LEU J 254 15.99 35.35 -10.15
N VAL J 255 16.55 34.89 -11.26
CA VAL J 255 17.39 35.76 -12.09
C VAL J 255 16.57 36.92 -12.64
N PHE J 256 15.35 36.64 -13.09
CA PHE J 256 14.51 37.69 -13.66
C PHE J 256 14.18 38.76 -12.63
N MET J 257 13.83 38.33 -11.41
CA MET J 257 13.52 39.31 -10.37
C MET J 257 14.75 40.12 -10.01
N PHE J 258 15.92 39.49 -9.95
CA PHE J 258 17.14 40.24 -9.69
C PHE J 258 17.37 41.30 -10.76
N ALA J 259 17.19 40.94 -12.02
CA ALA J 259 17.40 41.89 -13.11
C ALA J 259 16.42 43.05 -13.01
N VAL J 260 15.15 42.77 -12.73
CA VAL J 260 14.15 43.83 -12.64
C VAL J 260 14.49 44.77 -11.49
N SER J 261 14.90 44.22 -10.34
CA SER J 261 15.27 45.06 -9.21
C SER J 261 16.48 45.91 -9.54
N GLY J 262 17.45 45.34 -10.26
CA GLY J 262 18.61 46.13 -10.68
C GLY J 262 18.21 47.29 -11.57
N ILE J 263 17.30 47.05 -12.52
CA ILE J 263 16.83 48.13 -13.38
C ILE J 263 16.14 49.20 -12.54
N CYS J 264 15.35 48.79 -11.56
CA CYS J 264 14.68 49.77 -10.70
C CYS J 264 15.70 50.60 -9.93
N VAL J 265 16.76 49.96 -9.43
CA VAL J 265 17.79 50.69 -8.69
C VAL J 265 18.47 51.72 -9.60
N VAL J 266 18.80 51.31 -10.82
CA VAL J 266 19.46 52.21 -11.75
C VAL J 266 18.56 53.40 -12.06
N LEU J 267 17.27 53.15 -12.29
CA LEU J 267 16.36 54.24 -12.59
C LEU J 267 16.18 55.18 -11.40
N ASN J 268 16.13 54.63 -10.18
CA ASN J 268 16.06 55.48 -9.00
C ASN J 268 17.28 56.37 -8.89
N LEU J 269 18.47 55.82 -9.11
CA LEU J 269 19.68 56.63 -9.05
C LEU J 269 19.67 57.70 -10.13
N ALA J 270 19.20 57.35 -11.34
CA ALA J 270 19.14 58.32 -12.42
C ALA J 270 18.19 59.46 -12.07
N GLU J 271 17.03 59.14 -11.48
CA GLU J 271 16.10 60.19 -11.07
C GLU J 271 16.72 61.08 -10.00
N LEU J 272 17.38 60.46 -9.02
CA LEU J 272 18.00 61.24 -7.95
C LEU J 272 19.04 62.20 -8.51
N ASN J 273 19.83 61.75 -9.49
CA ASN J 273 20.82 62.64 -10.11
C ASN J 273 20.13 63.72 -10.94
N HIS J 274 19.14 63.33 -11.75
CA HIS J 274 18.45 64.32 -12.56
C HIS J 274 17.85 65.43 -11.71
N LEU J 275 17.45 65.12 -10.47
CA LEU J 275 17.11 66.18 -9.55
C LEU J 275 18.32 67.09 -9.30
N GLY J 276 19.35 66.55 -8.66
CA GLY J 276 20.54 67.29 -8.36
C GLY J 276 20.85 67.27 -6.86
N TRP J 277 22.13 67.51 -6.57
CA TRP J 277 22.61 67.38 -5.20
C TRP J 277 22.21 68.56 -4.32
N ARG J 278 22.18 69.78 -4.89
CA ARG J 278 21.97 70.96 -4.05
C ARG J 278 20.53 71.09 -3.56
N LYS J 279 19.53 70.68 -4.35
CA LYS J 279 18.19 70.64 -3.78
C LYS J 279 18.06 69.56 -2.72
N ILE J 280 18.72 68.41 -2.92
CA ILE J 280 18.68 67.35 -1.92
C ILE J 280 19.28 67.84 -0.61
N LYS J 281 20.39 68.59 -0.68
CA LYS J 281 21.02 69.07 0.53
C LYS J 281 20.10 69.98 1.32
N LEU J 282 19.39 70.89 0.65
CA LEU J 282 18.48 71.81 1.31
C LEU J 282 17.13 71.13 1.57
N SER K 19 4.37 66.81 15.49
CA SER K 19 4.59 65.39 15.28
C SER K 19 3.27 64.62 15.23
N THR K 20 2.17 65.29 15.55
CA THR K 20 0.87 64.63 15.55
C THR K 20 0.42 64.25 14.15
N MET K 21 0.86 64.98 13.12
CA MET K 21 0.38 64.69 11.78
C MET K 21 1.13 63.50 11.19
N ILE K 22 2.47 63.55 11.21
CA ILE K 22 3.25 62.42 10.73
C ILE K 22 2.88 61.15 11.48
N GLY K 23 2.49 61.30 12.75
CA GLY K 23 2.03 60.13 13.50
C GLY K 23 0.84 59.46 12.85
N ARG K 24 -0.17 60.26 12.48
CA ARG K 24 -1.35 59.68 11.84
C ARG K 24 -1.01 59.13 10.46
N ILE K 25 -0.15 59.82 9.72
CA ILE K 25 0.26 59.32 8.42
C ILE K 25 0.88 57.93 8.55
N LEU K 26 1.85 57.81 9.47
CA LEU K 26 2.53 56.55 9.67
C LEU K 26 1.57 55.47 10.17
N LEU K 27 0.66 55.84 11.07
CA LEU K 27 -0.28 54.84 11.58
C LEU K 27 -1.16 54.29 10.47
N THR K 28 -1.69 55.17 9.61
CA THR K 28 -2.51 54.70 8.51
C THR K 28 -1.71 53.81 7.57
N VAL K 29 -0.48 54.22 7.25
CA VAL K 29 0.35 53.43 6.34
C VAL K 29 0.63 52.05 6.93
N VAL K 30 0.95 52.00 8.22
CA VAL K 30 1.28 50.73 8.86
C VAL K 30 0.06 49.82 8.91
N VAL K 31 -1.12 50.39 9.19
CA VAL K 31 -2.33 49.57 9.21
C VAL K 31 -2.58 48.97 7.84
N ILE K 32 -2.48 49.78 6.79
CA ILE K 32 -2.68 49.27 5.44
C ILE K 32 -1.65 48.20 5.12
N PHE K 33 -0.39 48.42 5.52
CA PHE K 33 0.66 47.44 5.26
C PHE K 33 0.35 46.10 5.90
N ARG K 34 -0.06 46.12 7.18
CA ARG K 34 -0.39 44.88 7.87
C ARG K 34 -1.54 44.17 7.18
N ILE K 35 -2.60 44.92 6.84
CA ILE K 35 -3.76 44.30 6.20
C ILE K 35 -3.33 43.63 4.89
N LEU K 36 -2.55 44.34 4.07
CA LEU K 36 -2.16 43.81 2.78
C LEU K 36 -1.32 42.55 2.94
N ILE K 37 -0.32 42.59 3.83
CA ILE K 37 0.56 41.44 4.01
C ILE K 37 -0.25 40.22 4.43
N VAL K 38 -1.10 40.39 5.45
CA VAL K 38 -1.87 39.24 5.92
C VAL K 38 -2.76 38.73 4.80
N ALA K 39 -3.55 39.62 4.20
CA ALA K 39 -4.51 39.19 3.20
C ALA K 39 -3.85 38.48 2.04
N ILE K 40 -2.61 38.84 1.71
CA ILE K 40 -1.98 38.27 0.52
C ILE K 40 -1.26 36.96 0.83
N VAL K 41 -0.54 36.85 1.95
CA VAL K 41 0.32 35.69 2.17
C VAL K 41 -0.16 34.76 3.29
N GLY K 42 -0.89 35.27 4.29
CA GLY K 42 -1.16 34.47 5.47
C GLY K 42 -1.90 33.19 5.15
N GLU K 43 -2.94 33.29 4.32
CA GLU K 43 -3.74 32.10 4.01
C GLU K 43 -2.88 31.04 3.32
N THR K 44 -2.02 31.46 2.39
CA THR K 44 -1.17 30.51 1.69
C THR K 44 -0.16 29.86 2.63
N VAL K 45 0.35 30.62 3.61
CA VAL K 45 1.36 30.06 4.51
C VAL K 45 0.79 28.90 5.30
N TYR K 46 -0.44 29.04 5.79
CA TYR K 46 -1.04 28.08 6.70
C TYR K 46 -2.00 27.13 6.00
N ASP K 47 -1.84 26.93 4.69
CA ASP K 47 -2.78 26.08 3.96
C ASP K 47 -2.61 24.62 4.33
N ASP K 48 -1.37 24.13 4.36
CA ASP K 48 -1.09 22.72 4.62
C ASP K 48 -0.67 22.46 6.06
N GLU K 49 -1.20 23.25 7.01
CA GLU K 49 -0.78 23.11 8.39
C GLU K 49 -1.12 21.72 8.94
N GLN K 50 -2.29 21.19 8.61
CA GLN K 50 -2.69 19.89 9.11
C GLN K 50 -2.31 18.75 8.19
N THR K 51 -2.35 18.97 6.87
CA THR K 51 -2.05 17.89 5.94
C THR K 51 -0.58 17.47 6.02
N MET K 52 0.31 18.40 6.34
CA MET K 52 1.74 18.12 6.45
C MET K 52 2.17 17.88 7.89
N PHE K 53 1.24 17.82 8.83
CA PHE K 53 1.53 17.52 10.23
C PHE K 53 1.47 16.00 10.40
N VAL K 54 2.58 15.41 10.84
CA VAL K 54 2.71 13.96 10.91
C VAL K 54 3.30 13.56 12.26
N CYS K 55 2.79 12.47 12.82
CA CYS K 55 3.29 11.92 14.07
C CYS K 55 3.81 10.51 13.82
N ASN K 56 4.83 10.13 14.59
CA ASN K 56 5.45 8.82 14.47
C ASN K 56 4.62 7.82 15.27
N THR K 57 3.61 7.25 14.63
CA THR K 57 2.69 6.33 15.31
C THR K 57 1.87 5.61 14.28
N LEU K 58 1.25 4.51 14.71
CA LEU K 58 0.30 3.75 13.91
C LEU K 58 -1.12 3.89 14.43
N GLN K 59 -1.35 4.68 15.46
CA GLN K 59 -2.66 4.77 16.09
C GLN K 59 -3.57 5.69 15.28
N PRO K 60 -4.71 5.20 14.78
CA PRO K 60 -5.67 6.10 14.12
C PRO K 60 -6.15 7.18 15.08
N GLY K 61 -6.23 8.40 14.58
CA GLY K 61 -6.70 9.53 15.36
C GLY K 61 -5.65 10.26 16.15
N CYS K 62 -4.43 9.71 16.25
CA CYS K 62 -3.37 10.39 16.98
C CYS K 62 -2.99 11.71 16.30
N ASN K 63 -2.93 11.72 14.96
CA ASN K 63 -2.57 12.93 14.25
C ASN K 63 -3.54 14.06 14.56
N GLN K 64 -4.84 13.77 14.50
CA GLN K 64 -5.85 14.80 14.73
C GLN K 64 -5.74 15.37 16.14
N ALA K 65 -5.66 14.48 17.13
CA ALA K 65 -5.61 14.93 18.52
C ALA K 65 -4.35 15.75 18.79
N CYS K 66 -3.20 15.27 18.29
CA CYS K 66 -1.96 15.99 18.56
C CYS K 66 -1.93 17.33 17.84
N TYR K 67 -2.43 17.40 16.61
CA TYR K 67 -2.49 18.69 15.93
C TYR K 67 -3.39 19.65 16.68
N ASP K 68 -4.56 19.18 17.12
CA ASP K 68 -5.48 20.06 17.84
C ASP K 68 -4.84 20.56 19.13
N ARG K 69 -4.10 19.68 19.82
CA ARG K 69 -3.43 20.10 21.05
C ARG K 69 -2.33 21.12 20.77
N ALA K 70 -1.57 20.92 19.69
CA ALA K 70 -0.43 21.78 19.41
C ALA K 70 -0.86 23.17 18.95
N PHE K 71 -1.91 23.25 18.13
CA PHE K 71 -2.37 24.50 17.54
C PHE K 71 -3.87 24.64 17.77
N PRO K 72 -4.27 25.00 18.99
CA PRO K 72 -5.72 25.13 19.26
C PRO K 72 -6.40 26.13 18.33
N ILE K 73 -5.75 27.26 18.05
CA ILE K 73 -6.24 28.25 17.11
C ILE K 73 -5.10 28.65 16.20
N SER K 74 -5.34 28.61 14.89
CA SER K 74 -4.30 28.97 13.94
C SER K 74 -3.96 30.45 14.06
N HIS K 75 -2.69 30.78 13.80
CA HIS K 75 -2.25 32.16 13.88
C HIS K 75 -3.06 33.05 12.94
N ILE K 76 -3.36 32.55 11.74
CA ILE K 76 -4.00 33.39 10.73
C ILE K 76 -5.37 33.85 11.19
N ARG K 77 -6.15 32.95 11.79
CA ARG K 77 -7.49 33.32 12.26
C ARG K 77 -7.41 34.32 13.40
N TYR K 78 -6.47 34.12 14.33
CA TYR K 78 -6.27 35.09 15.40
C TYR K 78 -5.94 36.47 14.83
N TRP K 79 -5.07 36.52 13.82
CA TRP K 79 -4.67 37.81 13.26
C TRP K 79 -5.83 38.46 12.50
N VAL K 80 -6.64 37.66 11.80
CA VAL K 80 -7.81 38.22 11.11
C VAL K 80 -8.77 38.82 12.13
N PHE K 81 -9.03 38.08 13.21
CA PHE K 81 -9.90 38.60 14.26
C PHE K 81 -9.34 39.89 14.84
N GLN K 82 -8.03 39.93 15.10
CA GLN K 82 -7.42 41.13 15.65
C GLN K 82 -7.57 42.31 14.70
N ILE K 83 -7.34 42.09 13.41
CA ILE K 83 -7.41 43.19 12.45
C ILE K 83 -8.81 43.75 12.39
N ILE K 84 -9.82 42.88 12.28
CA ILE K 84 -11.20 43.36 12.20
C ILE K 84 -11.58 44.08 13.48
N MET K 85 -11.22 43.52 14.63
CA MET K 85 -11.62 44.13 15.90
C MET K 85 -10.95 45.48 16.09
N VAL K 86 -9.69 45.61 15.66
CA VAL K 86 -9.00 46.89 15.78
C VAL K 86 -9.59 47.91 14.83
N CYS K 87 -10.07 47.46 13.66
CA CYS K 87 -10.71 48.39 12.74
C CYS K 87 -12.11 48.81 13.21
N THR K 88 -12.74 48.01 14.06
CA THR K 88 -14.13 48.29 14.47
C THR K 88 -14.37 49.70 14.99
N PRO K 89 -13.55 50.25 15.91
CA PRO K 89 -13.86 51.58 16.44
C PRO K 89 -13.93 52.67 15.37
N SER K 90 -13.08 52.58 14.34
CA SER K 90 -13.17 53.53 13.25
C SER K 90 -14.50 53.38 12.52
N LEU K 91 -14.96 52.15 12.36
CA LEU K 91 -16.28 51.92 11.76
C LEU K 91 -17.37 52.56 12.61
N CYS K 92 -17.28 52.42 13.93
CA CYS K 92 -18.27 53.03 14.81
C CYS K 92 -18.28 54.55 14.62
N PHE K 93 -17.09 55.16 14.60
CA PHE K 93 -17.01 56.60 14.44
C PHE K 93 -17.58 57.05 13.09
N ILE K 94 -17.24 56.33 12.03
CA ILE K 94 -17.71 56.71 10.69
C ILE K 94 -19.22 56.58 10.61
N THR K 95 -19.77 55.49 11.15
CA THR K 95 -21.22 55.30 11.11
C THR K 95 -21.93 56.36 11.95
N TYR K 96 -21.36 56.73 13.09
CA TYR K 96 -21.95 57.81 13.88
C TYR K 96 -21.92 59.13 13.12
N SER K 97 -20.82 59.42 12.43
CA SER K 97 -20.74 60.64 11.64
C SER K 97 -21.80 60.64 10.54
N VAL K 98 -21.99 59.50 9.87
CA VAL K 98 -23.01 59.41 8.84
C VAL K 98 -24.39 59.63 9.45
N HIS K 99 -24.65 59.04 10.62
CA HIS K 99 -25.94 59.20 11.28
C HIS K 99 -26.19 60.67 11.62
N GLN K 100 -25.15 61.38 12.08
CA GLN K 100 -25.35 62.77 12.49
C GLN K 100 -25.83 63.63 11.33
N SER K 101 -25.24 63.44 10.14
CA SER K 101 -25.62 64.20 8.95
C SER K 101 -26.78 63.49 8.26
N ALA K 102 -27.94 64.13 8.25
CA ALA K 102 -29.13 63.57 7.63
C ALA K 102 -29.48 62.22 8.25
N GLY K 194 -19.69 68.01 19.19
CA GLY K 194 -20.28 66.69 19.23
C GLY K 194 -19.34 65.60 18.77
N ILE K 195 -18.99 65.62 17.47
CA ILE K 195 -18.10 64.61 16.93
C ILE K 195 -16.71 64.70 17.54
N SER K 196 -16.30 65.89 18.01
CA SER K 196 -14.99 66.03 18.64
C SER K 196 -14.86 65.10 19.84
N ARG K 197 -15.95 64.93 20.59
CA ARG K 197 -15.91 64.05 21.76
C ARG K 197 -15.65 62.60 21.34
N PHE K 198 -16.40 62.12 20.35
CA PHE K 198 -16.32 60.71 19.99
C PHE K 198 -14.91 60.31 19.56
N TYR K 199 -14.16 61.26 19.01
CA TYR K 199 -12.81 60.95 18.51
C TYR K 199 -11.90 60.47 19.64
N ILE K 200 -11.96 61.13 20.80
CA ILE K 200 -11.10 60.75 21.91
C ILE K 200 -11.43 59.35 22.40
N ILE K 201 -12.72 59.06 22.54
CA ILE K 201 -13.13 57.73 22.99
C ILE K 201 -12.69 56.68 21.98
N GLN K 202 -12.83 56.99 20.68
CA GLN K 202 -12.39 56.06 19.65
C GLN K 202 -10.89 55.77 19.80
N VAL K 203 -10.09 56.82 20.01
CA VAL K 203 -8.65 56.63 20.15
C VAL K 203 -8.34 55.78 21.36
N VAL K 204 -9.01 56.04 22.48
CA VAL K 204 -8.75 55.28 23.70
C VAL K 204 -9.08 53.81 23.50
N PHE K 205 -10.24 53.53 22.89
CA PHE K 205 -10.64 52.15 22.67
C PHE K 205 -9.68 51.44 21.71
N ARG K 206 -9.21 52.15 20.68
CA ARG K 206 -8.23 51.56 19.77
C ARG K 206 -6.95 51.21 20.51
N ASN K 207 -6.48 52.12 21.38
CA ASN K 207 -5.30 51.84 22.19
C ASN K 207 -5.50 50.57 23.01
N ALA K 208 -6.62 50.49 23.72
CA ALA K 208 -6.88 49.35 24.60
C ALA K 208 -6.91 48.06 23.81
N LEU K 209 -7.61 48.06 22.67
CA LEU K 209 -7.71 46.84 21.87
C LEU K 209 -6.35 46.40 21.35
N GLU K 210 -5.56 47.35 20.85
CA GLU K 210 -4.24 47.00 20.31
C GLU K 210 -3.37 46.39 21.41
N ILE K 211 -3.33 47.01 22.57
CA ILE K 211 -2.50 46.48 23.66
C ILE K 211 -2.99 45.10 24.07
N GLY K 212 -4.30 44.94 24.20
CA GLY K 212 -4.84 43.65 24.60
C GLY K 212 -4.48 42.55 23.62
N PHE K 213 -4.60 42.84 22.32
CA PHE K 213 -4.30 41.82 21.32
C PHE K 213 -2.81 41.49 21.29
N LEU K 214 -1.94 42.49 21.48
CA LEU K 214 -0.51 42.21 21.55
C LEU K 214 -0.19 41.28 22.72
N VAL K 215 -0.72 41.60 23.90
CA VAL K 215 -0.48 40.76 25.08
C VAL K 215 -1.04 39.36 24.85
N GLY K 216 -2.23 39.28 24.25
CA GLY K 216 -2.82 37.99 23.99
C GLY K 216 -1.98 37.15 23.04
N GLN K 217 -1.43 37.76 21.99
CA GLN K 217 -0.56 37.02 21.09
C GLN K 217 0.66 36.50 21.85
N TYR K 218 1.27 37.36 22.67
CA TYR K 218 2.46 36.92 23.40
C TYR K 218 2.14 35.73 24.29
N PHE K 219 1.03 35.79 25.02
CA PHE K 219 0.70 34.71 25.95
C PHE K 219 0.17 33.46 25.27
N LEU K 220 -0.38 33.58 24.06
CA LEU K 220 -0.90 32.42 23.37
C LEU K 220 0.17 31.67 22.59
N TYR K 221 1.05 32.39 21.90
CA TYR K 221 1.95 31.77 20.94
C TYR K 221 3.43 31.94 21.26
N GLY K 222 3.80 32.89 22.12
CA GLY K 222 5.20 33.11 22.35
C GLY K 222 5.86 33.75 21.14
N PHE K 223 7.15 33.45 20.96
CA PHE K 223 7.95 34.06 19.91
C PHE K 223 8.50 33.07 18.88
N SER K 224 8.18 31.79 18.99
CA SER K 224 8.72 30.81 18.05
C SER K 224 7.77 29.63 17.93
N VAL K 225 7.86 28.95 16.78
CA VAL K 225 7.14 27.72 16.51
C VAL K 225 8.18 26.59 16.44
N PRO K 226 8.23 25.70 17.43
CA PRO K 226 9.23 24.63 17.37
C PRO K 226 8.94 23.62 16.29
N GLY K 227 10.00 22.96 15.82
CA GLY K 227 9.84 21.94 14.79
C GLY K 227 9.32 20.61 15.27
N LEU K 228 9.49 20.31 16.55
CA LEU K 228 9.01 19.07 17.15
C LEU K 228 7.97 19.37 18.21
N TYR K 229 7.03 18.45 18.38
CA TYR K 229 6.00 18.54 19.40
C TYR K 229 5.88 17.20 20.12
N GLU K 230 5.78 17.26 21.45
CA GLU K 230 5.61 16.07 22.27
C GLU K 230 4.15 16.00 22.71
N CYS K 231 3.47 14.92 22.33
CA CYS K 231 2.03 14.81 22.48
C CYS K 231 1.68 13.56 23.27
N ASN K 232 0.82 13.72 24.29
CA ASN K 232 0.38 12.59 25.11
C ASN K 232 -1.13 12.64 25.31
N ARG K 233 -1.87 12.91 24.23
CA ARG K 233 -3.32 12.99 24.28
C ARG K 233 -3.93 11.72 23.73
N TYR K 234 -5.00 11.25 24.37
CA TYR K 234 -5.71 10.08 23.87
C TYR K 234 -6.18 10.35 22.44
N PRO K 235 -6.12 9.35 21.53
CA PRO K 235 -5.80 7.94 21.72
C PRO K 235 -4.31 7.59 21.64
N CYS K 236 -3.42 8.57 21.58
CA CYS K 236 -2.00 8.28 21.45
C CYS K 236 -1.51 7.51 22.67
N ILE K 237 -0.71 6.47 22.43
CA ILE K 237 -0.20 5.61 23.50
C ILE K 237 0.99 6.29 24.14
N LYS K 238 0.93 6.49 25.46
CA LYS K 238 2.02 7.11 26.23
C LYS K 238 2.31 8.47 25.61
N GLU K 239 3.52 8.70 25.09
CA GLU K 239 3.91 9.99 24.55
C GLU K 239 4.57 9.77 23.19
N VAL K 240 4.21 10.62 22.22
CA VAL K 240 4.66 10.47 20.84
C VAL K 240 5.26 11.78 20.37
N GLU K 241 6.04 11.69 19.29
CA GLU K 241 6.69 12.83 18.67
C GLU K 241 5.99 13.17 17.36
N CYS K 242 5.70 14.45 17.16
CA CYS K 242 5.06 14.94 15.96
C CYS K 242 5.91 16.06 15.36
N TYR K 243 5.78 16.24 14.05
CA TYR K 243 6.66 17.13 13.29
C TYR K 243 5.83 18.18 12.57
N VAL K 244 6.25 19.43 12.69
CA VAL K 244 5.47 20.57 12.23
C VAL K 244 5.89 20.96 10.82
N SER K 245 4.99 21.63 10.10
CA SER K 245 5.21 22.08 8.74
C SER K 245 5.61 23.54 8.74
N ARG K 246 6.70 23.86 8.03
CA ARG K 246 7.20 25.22 7.88
C ARG K 246 7.34 25.97 9.21
N PRO K 247 8.02 25.38 10.19
CA PRO K 247 8.20 26.09 11.47
C PRO K 247 8.93 27.42 11.35
N THR K 248 9.93 27.51 10.49
CA THR K 248 10.73 28.73 10.40
C THR K 248 9.93 29.88 9.80
N GLU K 249 9.18 29.61 8.73
CA GLU K 249 8.36 30.66 8.12
C GLU K 249 7.32 31.16 9.11
N LYS K 250 6.71 30.25 9.87
CA LYS K 250 5.70 30.64 10.86
C LYS K 250 6.33 31.46 11.97
N THR K 251 7.54 31.11 12.40
CA THR K 251 8.24 31.92 13.40
C THR K 251 8.50 33.33 12.87
N VAL K 252 8.95 33.43 11.62
CA VAL K 252 9.20 34.74 11.03
C VAL K 252 7.92 35.56 10.99
N PHE K 253 6.82 34.93 10.58
CA PHE K 253 5.54 35.63 10.53
C PHE K 253 5.12 36.10 11.91
N LEU K 254 5.27 35.24 12.92
CA LEU K 254 4.94 35.62 14.29
C LEU K 254 5.71 36.86 14.72
N VAL K 255 7.03 36.85 14.53
CA VAL K 255 7.85 37.97 14.97
C VAL K 255 7.48 39.23 14.20
N PHE K 256 7.26 39.11 12.89
CA PHE K 256 6.91 40.29 12.10
C PHE K 256 5.59 40.90 12.55
N MET K 257 4.58 40.07 12.81
CA MET K 257 3.31 40.59 13.28
C MET K 257 3.45 41.24 14.64
N PHE K 258 4.26 40.65 15.52
CA PHE K 258 4.49 41.27 16.83
C PHE K 258 5.12 42.65 16.66
N ALA K 259 6.11 42.76 15.77
CA ALA K 259 6.77 44.05 15.57
C ALA K 259 5.80 45.08 15.03
N VAL K 260 4.98 44.70 14.05
CA VAL K 260 4.03 45.66 13.47
C VAL K 260 3.02 46.11 14.52
N SER K 261 2.52 45.17 15.33
CA SER K 261 1.57 45.53 16.38
C SER K 261 2.23 46.46 17.40
N GLY K 262 3.50 46.21 17.73
CA GLY K 262 4.19 47.10 18.65
C GLY K 262 4.34 48.50 18.10
N ILE K 263 4.65 48.62 16.81
CA ILE K 263 4.73 49.94 16.19
C ILE K 263 3.38 50.64 16.26
N CYS K 264 2.30 49.90 15.98
CA CYS K 264 0.97 50.49 16.06
C CYS K 264 0.66 50.96 17.48
N VAL K 265 1.03 50.16 18.48
CA VAL K 265 0.79 50.54 19.87
C VAL K 265 1.55 51.82 20.20
N VAL K 266 2.81 51.91 19.77
CA VAL K 266 3.62 53.09 20.07
C VAL K 266 3.00 54.33 19.44
N LEU K 267 2.59 54.22 18.18
CA LEU K 267 1.99 55.38 17.52
C LEU K 267 0.68 55.79 18.19
N ASN K 268 -0.14 54.82 18.56
CA ASN K 268 -1.40 55.14 19.24
C ASN K 268 -1.13 55.83 20.58
N LEU K 269 -0.14 55.33 21.33
CA LEU K 269 0.19 55.95 22.61
C LEU K 269 0.70 57.37 22.41
N ALA K 270 1.49 57.59 21.36
CA ALA K 270 1.97 58.95 21.08
C ALA K 270 0.81 59.88 20.79
N GLU K 271 -0.15 59.43 19.98
CA GLU K 271 -1.30 60.27 19.69
C GLU K 271 -2.10 60.55 20.96
N LEU K 272 -2.30 59.54 21.80
CA LEU K 272 -3.04 59.73 23.04
C LEU K 272 -2.33 60.74 23.93
N ASN K 273 -1.01 60.64 24.05
CA ASN K 273 -0.26 61.60 24.85
C ASN K 273 -0.38 63.01 24.28
N HIS K 274 -0.35 63.12 22.94
CA HIS K 274 -0.51 64.44 22.33
C HIS K 274 -1.87 65.03 22.67
N LEU K 275 -2.92 64.20 22.71
CA LEU K 275 -4.24 64.73 23.06
C LEU K 275 -4.23 65.37 24.44
N GLY K 276 -3.53 64.77 25.39
CA GLY K 276 -3.40 65.35 26.71
C GLY K 276 -4.24 64.63 27.74
N TRP K 277 -3.79 64.67 29.00
CA TRP K 277 -4.49 63.97 30.07
C TRP K 277 -5.84 64.61 30.36
N ARG K 278 -5.88 65.95 30.47
CA ARG K 278 -7.10 66.60 30.90
C ARG K 278 -8.23 66.43 29.90
N LYS K 279 -7.93 66.49 28.60
CA LYS K 279 -8.97 66.31 27.60
C LYS K 279 -9.61 64.93 27.70
N ILE K 280 -8.78 63.91 27.94
CA ILE K 280 -9.29 62.54 28.05
C ILE K 280 -9.80 62.21 29.44
N LYS K 281 -9.61 63.10 30.41
CA LYS K 281 -10.05 62.83 31.78
C LYS K 281 -11.54 62.52 31.82
N LEU K 282 -12.30 63.09 30.90
CA LEU K 282 -13.72 62.78 30.74
C LEU K 282 -14.00 61.28 30.90
N SER L 19 -31.31 56.44 24.63
CA SER L 19 -30.05 56.11 23.97
C SER L 19 -30.29 55.16 22.81
N THR L 20 -31.27 55.48 21.96
CA THR L 20 -31.59 54.62 20.84
C THR L 20 -30.56 54.74 19.72
N MET L 21 -29.89 55.89 19.58
CA MET L 21 -28.98 56.07 18.46
C MET L 21 -27.77 55.17 18.61
N ILE L 22 -27.13 55.18 19.79
CA ILE L 22 -25.96 54.33 19.99
C ILE L 22 -26.33 52.87 19.81
N GLY L 23 -27.56 52.50 20.18
CA GLY L 23 -28.00 51.14 19.93
C GLY L 23 -27.97 50.79 18.47
N ARG L 24 -28.49 51.69 17.61
CA ARG L 24 -28.46 51.44 16.18
C ARG L 24 -27.03 51.35 15.66
N ILE L 25 -26.16 52.24 16.13
CA ILE L 25 -24.77 52.23 15.67
C ILE L 25 -24.12 50.89 16.02
N LEU L 26 -24.28 50.47 17.27
CA LEU L 26 -23.66 49.22 17.71
C LEU L 26 -24.25 48.03 16.97
N LEU L 27 -25.56 48.03 16.73
CA LEU L 27 -26.18 46.91 16.02
C LEU L 27 -25.62 46.79 14.62
N THR L 28 -25.53 47.91 13.90
CA THR L 28 -24.96 47.87 12.57
C THR L 28 -23.51 47.38 12.60
N VAL L 29 -22.74 47.87 13.56
CA VAL L 29 -21.33 47.49 13.63
C VAL L 29 -21.18 46.00 13.89
N VAL L 30 -21.97 45.46 14.83
CA VAL L 30 -21.84 44.04 15.15
C VAL L 30 -22.32 43.17 14.01
N VAL L 31 -23.37 43.60 13.29
CA VAL L 31 -23.83 42.83 12.13
C VAL L 31 -22.72 42.76 11.09
N ILE L 32 -22.10 43.90 10.78
CA ILE L 32 -21.02 43.91 9.81
C ILE L 32 -19.86 43.03 10.29
N PHE L 33 -19.55 43.10 11.59
CA PHE L 33 -18.45 42.33 12.14
C PHE L 33 -18.70 40.84 11.98
N ARG L 34 -19.91 40.38 12.30
CA ARG L 34 -20.22 38.96 12.16
C ARG L 34 -20.12 38.53 10.70
N ILE L 35 -20.67 39.34 9.79
CA ILE L 35 -20.61 38.98 8.38
C ILE L 35 -19.16 38.85 7.93
N LEU L 36 -18.32 39.82 8.30
CA LEU L 36 -16.92 39.79 7.87
C LEU L 36 -16.21 38.58 8.42
N ILE L 37 -16.35 38.30 9.71
CA ILE L 37 -15.65 37.18 10.31
C ILE L 37 -16.04 35.89 9.63
N VAL L 38 -17.35 35.65 9.50
CA VAL L 38 -17.80 34.40 8.87
C VAL L 38 -17.26 34.30 7.46
N ALA L 39 -17.49 35.34 6.65
CA ALA L 39 -17.11 35.28 5.24
C ALA L 39 -15.61 35.06 5.08
N ILE L 40 -14.79 35.56 6.00
CA ILE L 40 -13.35 35.48 5.80
C ILE L 40 -12.77 34.16 6.31
N VAL L 41 -13.22 33.64 7.46
CA VAL L 41 -12.56 32.50 8.07
C VAL L 41 -13.41 31.23 8.04
N GLY L 42 -14.73 31.32 8.15
CA GLY L 42 -15.53 30.13 8.38
C GLY L 42 -15.32 29.06 7.33
N GLU L 43 -15.33 29.46 6.05
CA GLU L 43 -15.16 28.47 4.99
C GLU L 43 -13.84 27.73 5.11
N THR L 44 -12.78 28.44 5.50
CA THR L 44 -11.47 27.79 5.62
C THR L 44 -11.41 26.89 6.85
N VAL L 45 -12.10 27.25 7.93
CA VAL L 45 -12.06 26.41 9.13
C VAL L 45 -12.63 25.02 8.83
N TYR L 46 -13.74 24.96 8.09
CA TYR L 46 -14.47 23.72 7.87
C TYR L 46 -14.15 23.08 6.52
N ASP L 47 -12.99 23.38 5.95
CA ASP L 47 -12.64 22.85 4.63
C ASP L 47 -12.40 21.34 4.70
N ASP L 48 -11.61 20.88 5.67
CA ASP L 48 -11.22 19.48 5.77
C ASP L 48 -12.05 18.74 6.81
N GLU L 49 -13.31 19.12 7.01
CA GLU L 49 -14.12 18.49 8.05
C GLU L 49 -14.29 17.00 7.79
N GLN L 50 -14.51 16.61 6.54
CA GLN L 50 -14.73 15.20 6.21
C GLN L 50 -13.45 14.48 5.84
N THR L 51 -12.53 15.14 5.12
CA THR L 51 -11.31 14.47 4.70
C THR L 51 -10.45 14.07 5.89
N MET L 52 -10.46 14.88 6.96
CA MET L 52 -9.66 14.60 8.15
C MET L 52 -10.45 13.83 9.21
N PHE L 53 -11.69 13.46 8.92
CA PHE L 53 -12.50 12.66 9.83
C PHE L 53 -12.19 11.19 9.60
N VAL L 54 -11.77 10.49 10.65
CA VAL L 54 -11.29 9.12 10.53
C VAL L 54 -11.90 8.27 11.63
N CYS L 55 -12.26 7.04 11.30
CA CYS L 55 -12.78 6.08 12.25
C CYS L 55 -11.88 4.87 12.31
N ASN L 56 -11.79 4.25 13.49
CA ASN L 56 -10.95 3.07 13.69
C ASN L 56 -11.73 1.85 13.25
N THR L 57 -11.63 1.53 11.96
CA THR L 57 -12.36 0.41 11.39
C THR L 57 -11.78 0.08 10.02
N LEU L 58 -12.12 -1.11 9.53
CA LEU L 58 -11.78 -1.54 8.19
C LEU L 58 -13.00 -1.63 7.28
N GLN L 59 -14.18 -1.25 7.77
CA GLN L 59 -15.41 -1.41 7.01
C GLN L 59 -15.56 -0.29 6.00
N PRO L 60 -15.64 -0.59 4.70
CA PRO L 60 -15.91 0.48 3.73
C PRO L 60 -17.26 1.13 3.99
N GLY L 61 -17.29 2.46 3.88
CA GLY L 61 -18.51 3.22 4.07
C GLY L 61 -18.81 3.61 5.50
N CYS L 62 -18.04 3.11 6.47
CA CYS L 62 -18.28 3.48 7.86
C CYS L 62 -17.94 4.94 8.11
N ASN L 63 -16.87 5.44 7.49
CA ASN L 63 -16.48 6.83 7.67
C ASN L 63 -17.59 7.77 7.22
N GLN L 64 -18.17 7.51 6.05
CA GLN L 64 -19.21 8.39 5.51
C GLN L 64 -20.42 8.41 6.43
N ALA L 65 -20.90 7.23 6.83
CA ALA L 65 -22.08 7.16 7.68
C ALA L 65 -21.84 7.83 9.03
N CYS L 66 -20.68 7.57 9.63
CA CYS L 66 -20.42 8.14 10.95
C CYS L 66 -20.26 9.65 10.86
N TYR L 67 -19.60 10.17 9.82
CA TYR L 67 -19.52 11.62 9.68
C TYR L 67 -20.89 12.22 9.48
N ASP L 68 -21.72 11.61 8.64
CA ASP L 68 -23.05 12.16 8.40
C ASP L 68 -23.89 12.16 9.66
N ARG L 69 -23.74 11.14 10.50
CA ARG L 69 -24.49 11.09 11.74
C ARG L 69 -23.96 12.11 12.76
N ALA L 70 -22.64 12.34 12.78
CA ALA L 70 -22.06 13.24 13.77
C ALA L 70 -22.34 14.70 13.44
N PHE L 71 -22.31 15.06 12.15
CA PHE L 71 -22.49 16.44 11.71
C PHE L 71 -23.54 16.47 10.61
N PRO L 72 -24.83 16.36 10.96
CA PRO L 72 -25.86 16.36 9.91
C PRO L 72 -25.83 17.62 9.05
N ILE L 73 -25.61 18.77 9.66
CA ILE L 73 -25.48 20.04 8.95
C ILE L 73 -24.26 20.76 9.52
N SER L 74 -23.36 21.20 8.63
CA SER L 74 -22.16 21.89 9.07
C SER L 74 -22.52 23.23 9.71
N HIS L 75 -21.71 23.64 10.67
CA HIS L 75 -21.95 24.92 11.34
C HIS L 75 -21.96 26.07 10.34
N ILE L 76 -21.04 26.04 9.38
CA ILE L 76 -20.86 27.18 8.48
C ILE L 76 -22.13 27.42 7.66
N ARG L 77 -22.76 26.35 7.18
CA ARG L 77 -23.96 26.52 6.37
C ARG L 77 -25.14 27.02 7.20
N TYR L 78 -25.26 26.52 8.43
CA TYR L 78 -26.28 27.04 9.32
C TYR L 78 -26.08 28.53 9.56
N TRP L 79 -24.83 28.96 9.77
CA TRP L 79 -24.57 30.36 10.05
C TRP L 79 -24.82 31.23 8.81
N VAL L 80 -24.48 30.73 7.63
CA VAL L 80 -24.77 31.48 6.41
C VAL L 80 -26.27 31.66 6.23
N PHE L 81 -27.03 30.57 6.44
CA PHE L 81 -28.48 30.66 6.35
C PHE L 81 -29.01 31.67 7.37
N GLN L 82 -28.50 31.62 8.60
CA GLN L 82 -28.95 32.56 9.63
C GLN L 82 -28.67 34.00 9.21
N ILE L 83 -27.48 34.27 8.69
CA ILE L 83 -27.11 35.64 8.34
C ILE L 83 -28.02 36.17 7.24
N ILE L 84 -28.23 35.37 6.18
CA ILE L 84 -29.08 35.83 5.09
C ILE L 84 -30.51 36.03 5.58
N MET L 85 -31.03 35.09 6.37
CA MET L 85 -32.41 35.20 6.83
C MET L 85 -32.59 36.42 7.71
N VAL L 86 -31.62 36.70 8.59
CA VAL L 86 -31.72 37.86 9.46
C VAL L 86 -31.62 39.16 8.66
N CYS L 87 -30.84 39.16 7.58
CA CYS L 87 -30.78 40.35 6.74
C CYS L 87 -32.03 40.54 5.89
N THR L 88 -32.79 39.48 5.66
CA THR L 88 -33.94 39.56 4.75
C THR L 88 -34.93 40.68 5.08
N PRO L 89 -35.37 40.86 6.33
CA PRO L 89 -36.37 41.92 6.60
C PRO L 89 -35.90 43.31 6.18
N SER L 90 -34.61 43.62 6.35
CA SER L 90 -34.11 44.90 5.88
C SER L 90 -34.23 45.00 4.37
N LEU L 91 -33.97 43.90 3.66
CA LEU L 91 -34.16 43.90 2.22
C LEU L 91 -35.61 44.16 1.85
N CYS L 92 -36.54 43.54 2.58
CA CYS L 92 -37.96 43.79 2.34
C CYS L 92 -38.29 45.27 2.50
N PHE L 93 -37.81 45.87 3.60
CA PHE L 93 -38.08 47.27 3.85
C PHE L 93 -37.49 48.16 2.77
N ILE L 94 -36.26 47.89 2.36
CA ILE L 94 -35.60 48.71 1.35
C ILE L 94 -36.31 48.60 0.02
N THR L 95 -36.70 47.38 -0.37
CA THR L 95 -37.39 47.19 -1.64
C THR L 95 -38.76 47.85 -1.62
N TYR L 96 -39.46 47.79 -0.48
CA TYR L 96 -40.72 48.50 -0.36
C TYR L 96 -40.52 50.00 -0.50
N SER L 97 -39.48 50.54 0.13
CA SER L 97 -39.19 51.97 0.00
C SER L 97 -38.91 52.35 -1.44
N VAL L 98 -38.15 51.52 -2.15
CA VAL L 98 -37.87 51.80 -3.56
C VAL L 98 -39.16 51.76 -4.37
N HIS L 99 -40.03 50.78 -4.09
CA HIS L 99 -41.28 50.68 -4.82
C HIS L 99 -42.16 51.89 -4.58
N GLN L 100 -42.19 52.40 -3.35
CA GLN L 100 -43.07 53.52 -3.03
C GLN L 100 -42.74 54.74 -3.86
N SER L 101 -41.45 55.03 -4.04
CA SER L 101 -41.01 56.18 -4.81
C SER L 101 -40.88 55.79 -6.28
N ALA L 102 -41.70 56.39 -7.13
CA ALA L 102 -41.70 56.10 -8.56
C ALA L 102 -41.97 54.61 -8.79
N GLY L 194 -47.08 56.08 6.29
CA GLY L 194 -47.06 54.79 5.63
C GLY L 194 -45.80 54.00 5.92
N ILE L 195 -44.64 54.61 5.63
CA ILE L 195 -43.37 53.94 5.87
C ILE L 195 -43.12 53.75 7.36
N SER L 196 -43.64 54.66 8.20
CA SER L 196 -43.39 54.56 9.63
C SER L 196 -43.93 53.27 10.21
N ARG L 197 -45.02 52.74 9.63
CA ARG L 197 -45.60 51.50 10.16
C ARG L 197 -44.76 50.29 9.80
N PHE L 198 -44.17 50.27 8.61
CA PHE L 198 -43.39 49.11 8.19
C PHE L 198 -42.15 48.92 9.06
N TYR L 199 -41.60 50.02 9.59
CA TYR L 199 -40.38 49.92 10.38
C TYR L 199 -40.58 49.07 11.63
N ILE L 200 -41.70 49.27 12.32
CA ILE L 200 -41.96 48.50 13.54
C ILE L 200 -42.09 47.02 13.23
N ILE L 201 -42.80 46.70 12.15
CA ILE L 201 -42.96 45.29 11.76
C ILE L 201 -41.61 44.69 11.42
N GLN L 202 -40.77 45.44 10.70
CA GLN L 202 -39.44 44.96 10.37
C GLN L 202 -38.65 44.67 11.64
N VAL L 203 -38.71 45.56 12.62
CA VAL L 203 -37.96 45.37 13.86
C VAL L 203 -38.46 44.12 14.58
N VAL L 204 -39.78 43.94 14.66
CA VAL L 204 -40.34 42.80 15.35
C VAL L 204 -39.91 41.50 14.68
N PHE L 205 -39.98 41.46 13.34
CA PHE L 205 -39.60 40.25 12.63
C PHE L 205 -38.11 39.95 12.81
N ARG L 206 -37.27 40.99 12.78
CA ARG L 206 -35.85 40.79 13.04
C ARG L 206 -35.63 40.20 14.43
N ASN L 207 -36.31 40.74 15.43
CA ASN L 207 -36.21 40.19 16.79
C ASN L 207 -36.55 38.71 16.80
N ALA L 208 -37.70 38.36 16.21
CA ALA L 208 -38.16 36.99 16.25
C ALA L 208 -37.17 36.06 15.55
N LEU L 209 -36.69 36.46 14.37
CA LEU L 209 -35.77 35.62 13.63
C LEU L 209 -34.46 35.41 14.40
N GLU L 210 -33.93 36.48 14.98
CA GLU L 210 -32.66 36.35 15.70
C GLU L 210 -32.81 35.44 16.91
N ILE L 211 -33.89 35.60 17.68
CA ILE L 211 -34.09 34.75 18.84
C ILE L 211 -34.27 33.30 18.41
N GLY L 212 -35.05 33.07 17.36
CA GLY L 212 -35.25 31.71 16.89
C GLY L 212 -33.96 31.05 16.46
N PHE L 213 -33.11 31.79 15.75
CA PHE L 213 -31.85 31.21 15.28
C PHE L 213 -30.91 30.94 16.45
N LEU L 214 -30.88 31.82 17.46
CA LEU L 214 -30.05 31.55 18.63
C LEU L 214 -30.50 30.27 19.33
N VAL L 215 -31.81 30.13 19.56
CA VAL L 215 -32.32 28.93 20.22
C VAL L 215 -32.02 27.70 19.37
N GLY L 216 -32.19 27.81 18.06
CA GLY L 216 -31.91 26.70 17.18
C GLY L 216 -30.46 26.26 17.25
N GLN L 217 -29.53 27.22 17.28
CA GLN L 217 -28.12 26.87 17.41
C GLN L 217 -27.88 26.14 18.71
N TYR L 218 -28.44 26.65 19.81
CA TYR L 218 -28.24 25.99 21.09
C TYR L 218 -28.73 24.55 21.05
N PHE L 219 -29.93 24.33 20.51
CA PHE L 219 -30.51 22.99 20.52
C PHE L 219 -29.89 22.07 19.49
N LEU L 220 -29.25 22.61 18.45
CA LEU L 220 -28.65 21.76 17.42
C LEU L 220 -27.23 21.35 17.78
N TYR L 221 -26.42 22.29 18.29
CA TYR L 221 -24.99 22.04 18.43
C TYR L 221 -24.49 22.13 19.86
N GLY L 222 -25.25 22.68 20.80
CA GLY L 222 -24.73 22.81 22.13
C GLY L 222 -23.65 23.87 22.19
N PHE L 223 -22.70 23.68 23.10
CA PHE L 223 -21.64 24.65 23.34
C PHE L 223 -20.23 24.12 23.09
N SER L 224 -20.08 22.89 22.61
CA SER L 224 -18.75 22.34 22.39
C SER L 224 -18.80 21.28 21.31
N VAL L 225 -17.64 21.04 20.71
CA VAL L 225 -17.43 19.99 19.71
C VAL L 225 -16.47 18.97 20.30
N PRO L 226 -16.93 17.79 20.71
CA PRO L 226 -16.02 16.82 21.31
C PRO L 226 -15.03 16.26 20.30
N GLY L 227 -13.86 15.87 20.81
CA GLY L 227 -12.83 15.30 19.94
C GLY L 227 -13.08 13.86 19.55
N LEU L 228 -13.90 13.13 20.32
CA LEU L 228 -14.22 11.75 20.03
C LEU L 228 -15.70 11.63 19.73
N TYR L 229 -16.06 10.65 18.90
CA TYR L 229 -17.44 10.37 18.58
C TYR L 229 -17.66 8.87 18.59
N GLU L 230 -18.78 8.44 19.17
CA GLU L 230 -19.16 7.03 19.23
C GLU L 230 -20.27 6.79 18.21
N CYS L 231 -20.04 5.86 17.28
CA CYS L 231 -20.90 5.70 16.12
C CYS L 231 -21.33 4.24 16.01
N ASN L 232 -22.63 4.01 15.85
CA ASN L 232 -23.17 2.67 15.70
C ASN L 232 -24.17 2.61 14.55
N ARG L 233 -23.83 3.24 13.43
CA ARG L 233 -24.69 3.27 12.26
C ARG L 233 -24.20 2.28 11.23
N TYR L 234 -25.13 1.62 10.56
CA TYR L 234 -24.77 0.70 9.49
C TYR L 234 -23.98 1.46 8.42
N PRO L 235 -22.96 0.84 7.81
CA PRO L 235 -22.49 -0.54 7.92
C PRO L 235 -21.46 -0.80 9.02
N CYS L 236 -21.24 0.13 9.94
CA CYS L 236 -20.25 -0.10 10.98
C CYS L 236 -20.70 -1.24 11.89
N ILE L 237 -19.77 -2.13 12.20
CA ILE L 237 -20.07 -3.31 13.00
C ILE L 237 -20.17 -2.89 14.47
N LYS L 238 -21.31 -3.17 15.10
CA LYS L 238 -21.51 -2.81 16.49
C LYS L 238 -21.27 -1.32 16.69
N GLU L 239 -20.28 -0.95 17.48
CA GLU L 239 -20.02 0.44 17.81
C GLU L 239 -18.54 0.73 17.62
N VAL L 240 -18.23 1.84 16.96
CA VAL L 240 -16.87 2.23 16.62
C VAL L 240 -16.60 3.64 17.12
N GLU L 241 -15.32 3.98 17.14
CA GLU L 241 -14.84 5.27 17.63
C GLU L 241 -14.26 6.07 16.48
N CYS L 242 -14.65 7.34 16.37
CA CYS L 242 -14.20 8.22 15.31
C CYS L 242 -13.62 9.49 15.92
N TYR L 243 -12.74 10.14 15.17
CA TYR L 243 -11.95 11.26 15.66
C TYR L 243 -12.18 12.48 14.77
N VAL L 244 -12.41 13.63 15.41
CA VAL L 244 -12.84 14.83 14.73
C VAL L 244 -11.64 15.71 14.41
N SER L 245 -11.80 16.56 13.41
CA SER L 245 -10.75 17.47 12.96
C SER L 245 -10.88 18.82 13.66
N ARG L 246 -9.78 19.30 14.23
CA ARG L 246 -9.69 20.56 14.95
C ARG L 246 -10.96 20.86 15.77
N PRO L 247 -11.29 20.04 16.77
CA PRO L 247 -12.47 20.33 17.59
C PRO L 247 -12.37 21.62 18.40
N THR L 248 -11.18 22.00 18.86
CA THR L 248 -11.05 23.17 19.72
C THR L 248 -11.39 24.46 18.97
N GLU L 249 -10.88 24.60 17.74
CA GLU L 249 -11.19 25.79 16.96
C GLU L 249 -12.68 25.89 16.68
N LYS L 250 -13.32 24.76 16.39
CA LYS L 250 -14.75 24.76 16.12
C LYS L 250 -15.54 25.11 17.38
N THR L 251 -15.10 24.64 18.54
CA THR L 251 -15.75 25.04 19.79
C THR L 251 -15.64 26.54 20.02
N VAL L 252 -14.45 27.10 19.77
CA VAL L 252 -14.26 28.54 19.93
C VAL L 252 -15.18 29.29 18.98
N PHE L 253 -15.26 28.85 17.72
CA PHE L 253 -16.15 29.48 16.76
C PHE L 253 -17.60 29.42 17.21
N LEU L 254 -18.02 28.27 17.71
CA LEU L 254 -19.39 28.12 18.20
C LEU L 254 -19.70 29.11 19.31
N VAL L 255 -18.81 29.20 20.30
CA VAL L 255 -19.06 30.09 21.43
C VAL L 255 -19.05 31.55 20.97
N PHE L 256 -18.13 31.91 20.09
CA PHE L 256 -18.06 33.29 19.60
C PHE L 256 -19.33 33.67 18.85
N MET L 257 -19.81 32.77 17.98
CA MET L 257 -21.04 33.06 17.23
C MET L 257 -22.22 33.20 18.18
N PHE L 258 -22.30 32.32 19.20
CA PHE L 258 -23.37 32.45 20.18
C PHE L 258 -23.32 33.80 20.89
N ALA L 259 -22.13 34.23 21.28
CA ALA L 259 -22.01 35.52 21.97
C ALA L 259 -22.44 36.67 21.08
N VAL L 260 -22.01 36.65 19.82
CA VAL L 260 -22.38 37.74 18.91
C VAL L 260 -23.89 37.76 18.69
N SER L 261 -24.49 36.59 18.51
CA SER L 261 -25.94 36.53 18.33
C SER L 261 -26.66 37.03 19.58
N GLY L 262 -26.15 36.70 20.76
CA GLY L 262 -26.75 37.22 21.98
C GLY L 262 -26.68 38.72 22.08
N ILE L 263 -25.55 39.30 21.70
CA ILE L 263 -25.43 40.76 21.70
C ILE L 263 -26.43 41.37 20.74
N CYS L 264 -26.58 40.77 19.55
CA CYS L 264 -27.56 41.27 18.59
C CYS L 264 -28.97 41.20 19.16
N VAL L 265 -29.29 40.09 19.84
CA VAL L 265 -30.62 39.95 20.45
C VAL L 265 -30.84 41.04 21.48
N VAL L 266 -29.84 41.30 22.32
CA VAL L 266 -30.01 42.31 23.36
C VAL L 266 -30.24 43.68 22.75
N LEU L 267 -29.46 44.03 21.73
CA LEU L 267 -29.64 45.34 21.09
C LEU L 267 -31.01 45.46 20.43
N ASN L 268 -31.45 44.38 19.76
CA ASN L 268 -32.76 44.41 19.12
C ASN L 268 -33.87 44.58 20.16
N LEU L 269 -33.75 43.87 21.29
CA LEU L 269 -34.75 44.01 22.35
C LEU L 269 -34.75 45.41 22.91
N ALA L 270 -33.57 46.01 23.07
CA ALA L 270 -33.51 47.38 23.57
C ALA L 270 -34.21 48.34 22.62
N GLU L 271 -33.97 48.20 21.31
CA GLU L 271 -34.63 49.07 20.34
C GLU L 271 -36.14 48.86 20.39
N LEU L 272 -36.59 47.61 20.44
CA LEU L 272 -38.02 47.33 20.47
C LEU L 272 -38.67 47.94 21.72
N ASN L 273 -38.00 47.81 22.86
CA ASN L 273 -38.52 48.41 24.09
C ASN L 273 -38.58 49.92 23.97
N HIS L 274 -37.57 50.53 23.35
CA HIS L 274 -37.59 51.98 23.14
C HIS L 274 -38.77 52.39 22.28
N LEU L 275 -39.11 51.58 21.28
CA LEU L 275 -40.25 51.91 20.43
C LEU L 275 -41.53 52.02 21.24
N GLY L 276 -41.75 51.10 22.17
CA GLY L 276 -42.90 51.14 23.05
C GLY L 276 -43.93 50.08 22.69
N TRP L 277 -44.64 49.60 23.72
CA TRP L 277 -45.63 48.55 23.51
C TRP L 277 -46.81 49.08 22.70
N ARG L 278 -47.24 50.31 23.01
CA ARG L 278 -48.44 50.85 22.38
C ARG L 278 -48.26 50.98 20.87
N LYS L 279 -47.09 51.46 20.43
CA LYS L 279 -46.85 51.56 18.99
C LYS L 279 -46.90 50.20 18.34
N ILE L 280 -46.35 49.18 19.01
CA ILE L 280 -46.37 47.84 18.47
C ILE L 280 -47.80 47.34 18.32
N LYS L 281 -48.65 47.59 19.32
CA LYS L 281 -50.04 47.12 19.22
C LYS L 281 -50.72 47.73 18.01
N LEU L 282 -50.56 49.03 17.80
CA LEU L 282 -51.20 49.70 16.66
C LEU L 282 -50.30 49.68 15.43
#